data_2LX9
#
_entry.id   2LX9
#
_cell.length_a   1.000
_cell.length_b   1.000
_cell.length_c   1.000
_cell.angle_alpha   90.00
_cell.angle_beta   90.00
_cell.angle_gamma   90.00
#
_symmetry.space_group_name_H-M   'P 1'
#
_entity_poly.entity_id   1
_entity_poly.type   'polypeptide(L)'
_entity_poly.pdbx_seq_one_letter_code
;MQYTPDTAWKITGFSREISPAYRQKLLSLGMLPGSSFNVVRVAPLGDPIHIETRRVSLVLRKKDLALLEVEAVSSLEHHH
HHH
;
_entity_poly.pdbx_strand_id   A
#
# COMPACT_ATOMS: atom_id res chain seq x y z
N MET A 1 -12.20 11.70 3.44
CA MET A 1 -10.98 12.01 2.65
C MET A 1 -9.85 11.07 3.08
N GLN A 2 -10.22 9.89 3.58
CA GLN A 2 -9.23 8.92 4.03
C GLN A 2 -8.37 8.45 2.86
N TYR A 3 -9.02 8.17 1.74
CA TYR A 3 -8.31 7.71 0.54
C TYR A 3 -8.25 8.85 -0.49
N THR A 4 -7.10 9.01 -1.11
CA THR A 4 -6.91 10.07 -2.12
C THR A 4 -6.21 9.50 -3.35
N PRO A 5 -6.33 10.15 -4.48
CA PRO A 5 -5.70 9.69 -5.75
C PRO A 5 -4.18 9.76 -5.70
N ASP A 6 -3.64 10.56 -4.78
CA ASP A 6 -2.19 10.70 -4.65
C ASP A 6 -1.81 10.68 -3.18
N THR A 7 -1.48 9.50 -2.66
CA THR A 7 -1.09 9.35 -1.26
C THR A 7 0.05 8.35 -1.13
N ALA A 8 1.09 8.73 -0.39
CA ALA A 8 2.22 7.83 -0.19
C ALA A 8 2.02 7.05 1.10
N TRP A 9 1.62 5.79 0.98
CA TRP A 9 1.36 4.95 2.15
C TRP A 9 2.54 4.00 2.38
N LYS A 10 3.01 3.94 3.63
CA LYS A 10 4.11 3.06 3.96
C LYS A 10 3.58 1.68 4.30
N ILE A 11 4.24 0.63 3.81
CA ILE A 11 3.81 -0.73 4.06
C ILE A 11 4.51 -1.29 5.29
N THR A 12 3.74 -1.63 6.33
CA THR A 12 4.33 -2.18 7.55
C THR A 12 4.10 -3.68 7.62
N GLY A 13 2.97 -4.13 7.07
CA GLY A 13 2.65 -5.55 7.07
C GLY A 13 1.14 -5.77 7.07
N PHE A 14 0.73 -7.03 6.96
CA PHE A 14 -0.69 -7.38 6.95
C PHE A 14 -1.18 -7.64 8.37
N SER A 15 -2.47 -7.44 8.59
CA SER A 15 -3.06 -7.66 9.92
C SER A 15 -3.35 -9.14 10.13
N ARG A 16 -3.67 -9.50 11.37
CA ARG A 16 -3.97 -10.89 11.70
C ARG A 16 -5.28 -11.32 11.04
N GLU A 17 -6.27 -10.43 11.08
CA GLU A 17 -7.58 -10.73 10.51
C GLU A 17 -7.46 -10.95 9.00
N ILE A 18 -6.36 -10.49 8.43
CA ILE A 18 -6.13 -10.64 6.99
C ILE A 18 -6.57 -12.02 6.51
N SER A 19 -7.04 -12.09 5.28
CA SER A 19 -7.50 -13.36 4.73
C SER A 19 -6.29 -14.22 4.33
N PRO A 20 -6.47 -15.53 4.30
CA PRO A 20 -5.36 -16.47 3.93
C PRO A 20 -4.89 -16.28 2.49
N ALA A 21 -5.81 -15.86 1.62
CA ALA A 21 -5.47 -15.66 0.21
C ALA A 21 -4.44 -14.54 0.06
N TYR A 22 -4.78 -13.36 0.55
CA TYR A 22 -3.89 -12.21 0.46
C TYR A 22 -2.58 -12.48 1.18
N ARG A 23 -2.69 -13.06 2.38
CA ARG A 23 -1.51 -13.36 3.15
C ARG A 23 -0.59 -14.27 2.34
N GLN A 24 -1.16 -15.32 1.77
CA GLN A 24 -0.37 -16.26 0.97
C GLN A 24 0.31 -15.53 -0.17
N LYS A 25 -0.37 -14.54 -0.77
CA LYS A 25 0.24 -13.81 -1.87
C LYS A 25 1.54 -13.19 -1.41
N LEU A 26 1.55 -12.65 -0.18
CA LEU A 26 2.79 -12.06 0.33
C LEU A 26 3.87 -13.14 0.42
N LEU A 27 3.50 -14.32 0.90
CA LEU A 27 4.47 -15.41 1.00
C LEU A 27 5.00 -15.82 -0.38
N SER A 28 4.11 -15.85 -1.37
CA SER A 28 4.50 -16.25 -2.71
C SER A 28 5.56 -15.32 -3.28
N LEU A 29 5.38 -14.01 -3.08
CA LEU A 29 6.32 -13.01 -3.58
C LEU A 29 7.34 -12.66 -2.50
N GLY A 30 8.61 -12.65 -2.88
CA GLY A 30 9.68 -12.32 -1.94
C GLY A 30 9.73 -10.82 -1.66
N MET A 31 8.85 -10.08 -2.32
CA MET A 31 8.78 -8.63 -2.14
C MET A 31 7.86 -8.31 -0.97
N LEU A 32 8.37 -8.53 0.23
CA LEU A 32 7.59 -8.29 1.44
C LEU A 32 7.66 -6.79 1.83
N PRO A 33 6.83 -6.36 2.75
CA PRO A 33 6.81 -4.94 3.19
C PRO A 33 8.21 -4.37 3.38
N GLY A 34 8.26 -3.08 3.71
CA GLY A 34 9.53 -2.39 3.94
C GLY A 34 9.71 -1.24 2.96
N SER A 35 8.62 -0.90 2.26
CA SER A 35 8.63 0.19 1.28
C SER A 35 7.31 0.94 1.31
N SER A 36 7.14 1.84 0.35
CA SER A 36 5.91 2.64 0.26
C SER A 36 5.33 2.57 -1.15
N PHE A 37 4.03 2.80 -1.26
CA PHE A 37 3.35 2.76 -2.56
C PHE A 37 2.40 3.94 -2.70
N ASN A 38 2.06 4.26 -3.94
CA ASN A 38 1.16 5.37 -4.23
C ASN A 38 -0.17 4.86 -4.79
N VAL A 39 -1.24 5.61 -4.53
CA VAL A 39 -2.57 5.23 -5.01
C VAL A 39 -2.79 5.73 -6.42
N VAL A 40 -3.17 4.83 -7.32
CA VAL A 40 -3.43 5.21 -8.71
C VAL A 40 -4.67 6.10 -8.81
N ARG A 41 -5.69 5.75 -8.05
CA ARG A 41 -6.93 6.51 -8.08
C ARG A 41 -7.88 5.99 -7.02
N VAL A 42 -8.88 6.79 -6.66
CA VAL A 42 -9.88 6.40 -5.65
C VAL A 42 -11.29 6.63 -6.19
N ALA A 43 -12.10 5.58 -6.26
CA ALA A 43 -13.46 5.70 -6.76
C ALA A 43 -14.45 5.93 -5.60
N PRO A 44 -15.04 7.11 -5.47
CA PRO A 44 -16.01 7.38 -4.37
C PRO A 44 -17.38 6.75 -4.63
N LEU A 45 -17.58 6.29 -5.86
CA LEU A 45 -18.87 5.70 -6.24
C LEU A 45 -19.19 4.49 -5.37
N GLY A 46 -18.16 3.77 -4.92
CA GLY A 46 -18.36 2.59 -4.07
C GLY A 46 -17.53 1.42 -4.58
N ASP A 47 -16.43 1.72 -5.29
CA ASP A 47 -15.56 0.68 -5.82
C ASP A 47 -14.36 0.49 -4.88
N PRO A 48 -13.70 -0.64 -4.98
CA PRO A 48 -12.51 -0.95 -4.12
C PRO A 48 -11.40 0.09 -4.27
N ILE A 49 -10.35 -0.06 -3.48
CA ILE A 49 -9.23 0.88 -3.52
C ILE A 49 -8.17 0.38 -4.50
N HIS A 50 -7.97 1.13 -5.57
CA HIS A 50 -6.98 0.77 -6.58
C HIS A 50 -5.65 1.42 -6.28
N ILE A 51 -4.61 0.60 -6.12
CA ILE A 51 -3.28 1.12 -5.82
C ILE A 51 -2.26 0.57 -6.80
N GLU A 52 -1.20 1.35 -7.05
CA GLU A 52 -0.14 0.93 -7.97
C GLU A 52 1.21 1.09 -7.31
N THR A 53 2.07 0.09 -7.51
CA THR A 53 3.40 0.10 -6.92
C THR A 53 4.46 -0.18 -8.00
N ARG A 54 5.56 0.56 -7.95
CA ARG A 54 6.62 0.38 -8.93
C ARG A 54 6.91 -1.10 -9.15
N ARG A 55 6.51 -1.92 -8.18
CA ARG A 55 6.72 -3.36 -8.28
C ARG A 55 5.60 -4.00 -9.10
N VAL A 56 4.36 -3.67 -8.76
CA VAL A 56 3.21 -4.22 -9.48
C VAL A 56 1.94 -3.49 -9.08
N SER A 57 0.86 -3.74 -9.83
CA SER A 57 -0.42 -3.11 -9.53
C SER A 57 -1.32 -4.07 -8.77
N LEU A 58 -2.14 -3.52 -7.87
CA LEU A 58 -3.05 -4.32 -7.07
C LEU A 58 -4.22 -3.48 -6.59
N VAL A 59 -5.39 -4.13 -6.46
CA VAL A 59 -6.60 -3.44 -6.00
C VAL A 59 -7.21 -4.19 -4.82
N LEU A 60 -7.52 -3.45 -3.76
CA LEU A 60 -8.11 -4.05 -2.55
C LEU A 60 -9.32 -3.24 -2.09
N ARG A 61 -10.23 -3.88 -1.38
CA ARG A 61 -11.43 -3.22 -0.87
C ARG A 61 -11.09 -2.29 0.28
N LYS A 62 -12.00 -1.37 0.59
CA LYS A 62 -11.77 -0.43 1.66
C LYS A 62 -11.44 -1.15 2.97
N LYS A 63 -12.23 -2.19 3.28
CA LYS A 63 -12.01 -2.95 4.50
C LYS A 63 -10.62 -3.56 4.50
N ASP A 64 -10.20 -4.06 3.35
CA ASP A 64 -8.88 -4.67 3.25
C ASP A 64 -7.78 -3.66 3.58
N LEU A 65 -7.96 -2.42 3.10
CA LEU A 65 -6.97 -1.37 3.36
C LEU A 65 -6.91 -1.08 4.86
N ALA A 66 -8.07 -1.05 5.52
CA ALA A 66 -8.11 -0.79 6.96
C ALA A 66 -7.38 -1.89 7.71
N LEU A 67 -7.56 -3.13 7.26
CA LEU A 67 -6.91 -4.26 7.90
C LEU A 67 -5.40 -4.21 7.71
N LEU A 68 -4.96 -3.87 6.51
CA LEU A 68 -3.53 -3.80 6.24
C LEU A 68 -2.88 -2.67 7.04
N GLU A 69 -1.73 -2.97 7.65
CA GLU A 69 -1.04 -1.96 8.45
C GLU A 69 -0.27 -1.01 7.53
N VAL A 70 -0.71 0.25 7.50
CA VAL A 70 -0.06 1.26 6.68
C VAL A 70 0.20 2.52 7.48
N GLU A 71 1.18 3.31 7.04
CA GLU A 71 1.53 4.56 7.71
C GLU A 71 1.91 5.64 6.71
N ALA A 72 1.43 6.86 6.94
CA ALA A 72 1.73 7.97 6.06
C ALA A 72 3.21 8.34 6.15
N VAL A 73 3.77 8.81 5.04
CA VAL A 73 5.19 9.18 4.99
C VAL A 73 5.34 10.68 4.80
N SER A 74 6.19 11.30 5.61
CA SER A 74 6.42 12.74 5.52
C SER A 74 7.84 13.09 5.95
N SER A 75 8.68 12.06 6.09
CA SER A 75 10.07 12.27 6.51
C SER A 75 10.80 13.13 5.49
N LEU A 76 10.57 12.85 4.21
CA LEU A 76 11.22 13.61 3.16
C LEU A 76 12.72 13.72 3.43
N GLU A 77 13.47 12.73 2.94
CA GLU A 77 14.93 12.70 3.12
C GLU A 77 15.61 12.29 1.83
N HIS A 78 16.73 12.94 1.53
CA HIS A 78 17.48 12.65 0.32
C HIS A 78 18.98 12.68 0.61
N HIS A 79 19.72 11.80 -0.06
CA HIS A 79 21.17 11.71 0.12
C HIS A 79 21.89 12.10 -1.16
N HIS A 80 23.03 12.79 -1.01
CA HIS A 80 23.81 13.21 -2.17
C HIS A 80 24.86 12.17 -2.52
N HIS A 81 24.84 11.72 -3.76
CA HIS A 81 25.80 10.71 -4.21
C HIS A 81 27.23 11.22 -4.06
N HIS A 82 27.46 12.46 -4.49
CA HIS A 82 28.79 13.07 -4.39
C HIS A 82 28.68 14.57 -4.22
N HIS A 83 29.69 15.16 -3.58
CA HIS A 83 29.69 16.61 -3.36
C HIS A 83 28.37 17.07 -2.80
N MET A 1 -13.26 8.97 2.62
CA MET A 1 -12.93 10.14 3.47
C MET A 1 -11.41 10.32 3.53
N GLN A 2 -10.77 9.49 4.35
CA GLN A 2 -9.32 9.56 4.49
C GLN A 2 -8.62 9.16 3.20
N TYR A 3 -9.31 8.36 2.39
CA TYR A 3 -8.76 7.90 1.13
C TYR A 3 -8.69 9.05 0.14
N THR A 4 -7.59 9.14 -0.61
CA THR A 4 -7.42 10.22 -1.58
C THR A 4 -6.82 9.67 -2.87
N PRO A 5 -7.03 10.35 -3.98
CA PRO A 5 -6.49 9.90 -5.30
C PRO A 5 -4.96 9.98 -5.37
N ASP A 6 -4.37 10.80 -4.50
CA ASP A 6 -2.91 10.94 -4.47
C ASP A 6 -2.42 10.97 -3.03
N THR A 7 -2.04 9.81 -2.52
CA THR A 7 -1.55 9.72 -1.14
C THR A 7 -0.35 8.76 -1.08
N ALA A 8 0.73 9.21 -0.47
CA ALA A 8 1.93 8.38 -0.34
C ALA A 8 1.85 7.59 0.97
N TRP A 9 1.50 6.32 0.87
CA TRP A 9 1.37 5.47 2.06
C TRP A 9 2.60 4.58 2.21
N LYS A 10 3.09 4.46 3.44
CA LYS A 10 4.26 3.64 3.73
C LYS A 10 3.81 2.25 4.19
N ILE A 11 4.38 1.23 3.56
CA ILE A 11 4.03 -0.16 3.89
C ILE A 11 4.81 -0.61 5.12
N THR A 12 4.09 -1.04 6.16
CA THR A 12 4.74 -1.50 7.40
C THR A 12 4.55 -3.01 7.56
N GLY A 13 3.55 -3.56 6.86
CA GLY A 13 3.28 -5.00 6.94
C GLY A 13 1.78 -5.27 6.80
N PHE A 14 1.41 -6.55 6.86
CA PHE A 14 0.01 -6.95 6.77
C PHE A 14 -0.56 -7.23 8.15
N SER A 15 -1.88 -7.16 8.26
CA SER A 15 -2.54 -7.41 9.54
C SER A 15 -2.57 -8.90 9.86
N ARG A 16 -2.88 -9.23 11.10
CA ARG A 16 -2.95 -10.63 11.51
C ARG A 16 -4.16 -11.31 10.88
N GLU A 17 -5.27 -10.59 10.82
CA GLU A 17 -6.51 -11.14 10.26
C GLU A 17 -6.40 -11.21 8.73
N ILE A 18 -5.31 -10.68 8.19
CA ILE A 18 -5.10 -10.69 6.74
C ILE A 18 -5.51 -12.04 6.16
N SER A 19 -6.02 -12.02 4.94
CA SER A 19 -6.45 -13.26 4.28
C SER A 19 -5.23 -14.09 3.88
N PRO A 20 -5.41 -15.38 3.76
CA PRO A 20 -4.29 -16.31 3.38
C PRO A 20 -3.76 -16.02 1.98
N ALA A 21 -4.64 -15.55 1.10
CA ALA A 21 -4.24 -15.25 -0.27
C ALA A 21 -3.24 -14.10 -0.31
N TYR A 22 -3.60 -12.99 0.30
CA TYR A 22 -2.73 -11.81 0.31
C TYR A 22 -1.42 -12.12 1.04
N ARG A 23 -1.55 -12.74 2.20
CA ARG A 23 -0.38 -13.09 2.99
C ARG A 23 0.55 -13.97 2.16
N GLN A 24 -0.03 -14.95 1.47
CA GLN A 24 0.75 -15.85 0.64
C GLN A 24 1.46 -15.06 -0.46
N LYS A 25 0.81 -14.04 -0.98
CA LYS A 25 1.43 -13.23 -2.03
C LYS A 25 2.72 -12.64 -1.51
N LEU A 26 2.71 -12.13 -0.27
CA LEU A 26 3.93 -11.57 0.30
C LEU A 26 5.01 -12.64 0.42
N LEU A 27 4.62 -13.82 0.88
CA LEU A 27 5.57 -14.92 1.01
C LEU A 27 6.00 -15.45 -0.36
N SER A 28 5.08 -15.39 -1.32
CA SER A 28 5.36 -15.89 -2.66
C SER A 28 6.55 -15.18 -3.29
N LEU A 29 6.59 -13.85 -3.14
CA LEU A 29 7.67 -13.05 -3.69
C LEU A 29 8.43 -12.32 -2.57
N GLY A 30 9.52 -11.66 -2.93
CA GLY A 30 10.33 -10.93 -1.96
C GLY A 30 9.83 -9.50 -1.81
N MET A 31 8.82 -9.14 -2.61
CA MET A 31 8.26 -7.79 -2.56
C MET A 31 7.61 -7.55 -1.21
N LEU A 32 8.44 -7.36 -0.18
CA LEU A 32 7.94 -7.14 1.17
C LEU A 32 7.96 -5.65 1.51
N PRO A 33 7.36 -5.25 2.61
CA PRO A 33 7.32 -3.81 3.03
C PRO A 33 8.70 -3.16 3.00
N GLY A 34 8.81 -2.01 3.66
CA GLY A 34 10.07 -1.28 3.71
C GLY A 34 10.09 -0.16 2.69
N SER A 35 8.95 0.02 2.01
CA SER A 35 8.82 1.07 0.99
C SER A 35 7.46 1.75 1.11
N SER A 36 7.01 2.35 0.01
CA SER A 36 5.72 3.04 0.00
C SER A 36 5.05 2.90 -1.36
N PHE A 37 3.76 3.19 -1.41
CA PHE A 37 3.00 3.10 -2.65
C PHE A 37 2.04 4.28 -2.79
N ASN A 38 1.74 4.65 -4.03
CA ASN A 38 0.83 5.77 -4.30
C ASN A 38 -0.49 5.25 -4.85
N VAL A 39 -1.57 5.96 -4.53
CA VAL A 39 -2.89 5.56 -4.99
C VAL A 39 -3.19 6.17 -6.37
N VAL A 40 -3.57 5.31 -7.31
CA VAL A 40 -3.89 5.78 -8.66
C VAL A 40 -5.18 6.59 -8.66
N ARG A 41 -6.16 6.15 -7.87
CA ARG A 41 -7.44 6.83 -7.80
C ARG A 41 -8.31 6.20 -6.72
N VAL A 42 -9.39 6.88 -6.36
CA VAL A 42 -10.31 6.38 -5.35
C VAL A 42 -11.75 6.65 -5.77
N ALA A 43 -12.52 5.58 -5.97
CA ALA A 43 -13.92 5.73 -6.39
C ALA A 43 -14.85 5.72 -5.17
N PRO A 44 -15.49 6.84 -4.83
CA PRO A 44 -16.41 6.90 -3.65
C PRO A 44 -17.76 6.25 -3.94
N LEU A 45 -18.01 5.95 -5.21
CA LEU A 45 -19.28 5.35 -5.62
C LEU A 45 -19.51 4.03 -4.89
N GLY A 46 -18.42 3.33 -4.56
CA GLY A 46 -18.52 2.05 -3.87
C GLY A 46 -17.66 0.99 -4.54
N ASP A 47 -16.63 1.43 -5.25
CA ASP A 47 -15.73 0.50 -5.94
C ASP A 47 -14.48 0.25 -5.09
N PRO A 48 -13.78 -0.82 -5.35
CA PRO A 48 -12.54 -1.19 -4.60
C PRO A 48 -11.47 -0.11 -4.71
N ILE A 49 -10.41 -0.26 -3.93
CA ILE A 49 -9.30 0.70 -3.94
C ILE A 49 -8.19 0.23 -4.86
N HIS A 50 -7.91 1.03 -5.88
CA HIS A 50 -6.86 0.70 -6.84
C HIS A 50 -5.61 1.51 -6.55
N ILE A 51 -4.48 0.81 -6.50
CA ILE A 51 -3.20 1.48 -6.23
C ILE A 51 -2.17 1.12 -7.30
N GLU A 52 -1.26 2.05 -7.56
CA GLU A 52 -0.21 1.83 -8.56
C GLU A 52 1.11 2.36 -8.05
N THR A 53 2.20 1.67 -8.40
CA THR A 53 3.54 2.07 -7.97
C THR A 53 4.48 2.05 -9.17
N ARG A 54 5.71 2.52 -8.96
CA ARG A 54 6.70 2.59 -10.04
C ARG A 54 6.55 1.44 -11.03
N ARG A 55 6.53 0.22 -10.52
CA ARG A 55 6.36 -0.95 -11.40
C ARG A 55 5.49 -2.00 -10.71
N VAL A 56 4.54 -1.55 -9.89
CA VAL A 56 3.66 -2.50 -9.18
C VAL A 56 2.24 -1.97 -9.12
N SER A 57 1.27 -2.86 -9.31
CA SER A 57 -0.14 -2.48 -9.27
C SER A 57 -0.95 -3.53 -8.52
N LEU A 58 -1.95 -3.06 -7.76
CA LEU A 58 -2.78 -3.98 -6.99
C LEU A 58 -4.09 -3.28 -6.59
N VAL A 59 -5.14 -4.07 -6.41
CA VAL A 59 -6.45 -3.53 -6.01
C VAL A 59 -6.88 -4.19 -4.71
N LEU A 60 -7.27 -3.36 -3.74
CA LEU A 60 -7.70 -3.87 -2.43
C LEU A 60 -8.94 -3.11 -1.97
N ARG A 61 -9.66 -3.68 -1.01
CA ARG A 61 -10.86 -3.06 -0.47
C ARG A 61 -10.51 -2.07 0.64
N LYS A 62 -11.45 -1.19 0.95
CA LYS A 62 -11.23 -0.20 1.99
C LYS A 62 -10.90 -0.88 3.32
N LYS A 63 -11.57 -2.01 3.58
CA LYS A 63 -11.35 -2.75 4.82
C LYS A 63 -9.90 -3.23 4.90
N ASP A 64 -9.37 -3.69 3.77
CA ASP A 64 -8.00 -4.18 3.73
C ASP A 64 -7.03 -3.07 4.13
N LEU A 65 -7.23 -1.88 3.57
CA LEU A 65 -6.37 -0.75 3.90
C LEU A 65 -6.48 -0.40 5.37
N ALA A 66 -7.69 -0.45 5.91
CA ALA A 66 -7.89 -0.15 7.31
C ALA A 66 -7.06 -1.08 8.18
N LEU A 67 -7.11 -2.37 7.89
CA LEU A 67 -6.35 -3.35 8.67
C LEU A 67 -4.86 -3.32 8.30
N LEU A 68 -4.57 -3.43 6.99
CA LEU A 68 -3.18 -3.43 6.53
C LEU A 68 -2.37 -2.36 7.26
N GLU A 69 -1.24 -2.77 7.81
CA GLU A 69 -0.39 -1.83 8.55
C GLU A 69 0.25 -0.84 7.58
N VAL A 70 -0.19 0.41 7.64
CA VAL A 70 0.33 1.46 6.78
C VAL A 70 0.54 2.75 7.57
N GLU A 71 1.38 3.64 7.04
CA GLU A 71 1.65 4.92 7.69
C GLU A 71 1.79 6.02 6.65
N ALA A 72 0.99 7.07 6.82
CA ALA A 72 1.04 8.18 5.88
C ALA A 72 2.39 8.88 5.97
N VAL A 73 3.00 9.13 4.81
CA VAL A 73 4.30 9.80 4.76
C VAL A 73 4.30 10.89 3.70
N SER A 74 5.25 11.82 3.81
CA SER A 74 5.35 12.92 2.84
C SER A 74 6.81 13.20 2.51
N SER A 75 7.62 12.15 2.43
CA SER A 75 9.04 12.28 2.12
C SER A 75 9.44 11.31 1.01
N LEU A 76 9.93 11.86 -0.09
CA LEU A 76 10.34 11.05 -1.24
C LEU A 76 11.84 10.74 -1.16
N GLU A 77 12.50 11.29 -0.14
CA GLU A 77 13.94 11.08 0.05
C GLU A 77 14.23 10.71 1.51
N HIS A 78 15.28 9.92 1.72
CA HIS A 78 15.67 9.50 3.06
C HIS A 78 17.18 9.42 3.18
N HIS A 79 17.83 10.57 3.06
CA HIS A 79 19.29 10.63 3.15
C HIS A 79 19.93 9.51 2.33
N HIS A 80 20.00 9.71 1.03
CA HIS A 80 20.59 8.72 0.15
C HIS A 80 22.05 8.46 0.51
N HIS A 81 22.78 9.54 0.77
CA HIS A 81 24.19 9.42 1.14
C HIS A 81 24.90 8.42 0.23
N HIS A 82 25.56 8.93 -0.80
CA HIS A 82 26.28 8.08 -1.74
C HIS A 82 27.52 7.48 -1.08
N HIS A 83 27.74 6.18 -1.30
CA HIS A 83 28.88 5.49 -0.72
C HIS A 83 30.14 5.78 -1.53
N MET A 1 -11.56 11.98 5.68
CA MET A 1 -11.21 11.51 4.30
C MET A 1 -9.84 10.82 4.34
N GLN A 2 -9.79 9.64 4.96
CA GLN A 2 -8.54 8.90 5.06
C GLN A 2 -8.06 8.47 3.67
N TYR A 3 -8.98 7.93 2.88
CA TYR A 3 -8.64 7.47 1.54
C TYR A 3 -8.54 8.66 0.60
N THR A 4 -7.56 8.63 -0.30
CA THR A 4 -7.37 9.72 -1.24
C THR A 4 -7.04 9.18 -2.64
N PRO A 5 -7.44 9.88 -3.68
CA PRO A 5 -7.17 9.45 -5.09
C PRO A 5 -5.68 9.47 -5.44
N ASP A 6 -5.03 10.60 -5.19
CA ASP A 6 -3.60 10.76 -5.49
C ASP A 6 -2.81 11.01 -4.22
N THR A 7 -2.28 9.94 -3.64
CA THR A 7 -1.47 10.03 -2.42
C THR A 7 -0.30 9.06 -2.48
N ALA A 8 0.80 9.42 -1.82
CA ALA A 8 1.98 8.57 -1.79
C ALA A 8 2.01 7.79 -0.49
N TRP A 9 1.62 6.52 -0.54
CA TRP A 9 1.59 5.67 0.65
C TRP A 9 2.84 4.83 0.74
N LYS A 10 3.39 4.72 1.95
CA LYS A 10 4.60 3.94 2.17
C LYS A 10 4.21 2.53 2.60
N ILE A 11 4.94 1.55 2.10
CA ILE A 11 4.66 0.15 2.44
C ILE A 11 5.52 -0.29 3.62
N THR A 12 4.86 -0.69 4.71
CA THR A 12 5.57 -1.14 5.92
C THR A 12 5.56 -2.67 6.00
N GLY A 13 4.38 -3.26 5.80
CA GLY A 13 4.25 -4.70 5.86
C GLY A 13 2.79 -5.11 6.09
N PHE A 14 2.54 -6.41 6.10
CA PHE A 14 1.20 -6.93 6.33
C PHE A 14 0.99 -7.29 7.80
N SER A 15 -0.23 -7.10 8.28
CA SER A 15 -0.55 -7.40 9.68
C SER A 15 -0.71 -8.91 9.87
N ARG A 16 -0.84 -9.33 11.12
CA ARG A 16 -1.01 -10.75 11.42
C ARG A 16 -2.38 -11.25 10.95
N GLU A 17 -3.39 -10.42 11.13
CA GLU A 17 -4.74 -10.78 10.74
C GLU A 17 -4.85 -10.88 9.22
N ILE A 18 -3.84 -10.34 8.53
CA ILE A 18 -3.83 -10.37 7.08
C ILE A 18 -4.32 -11.71 6.54
N SER A 19 -4.98 -11.68 5.40
CA SER A 19 -5.49 -12.91 4.80
C SER A 19 -4.35 -13.73 4.19
N PRO A 20 -4.53 -15.03 4.07
CA PRO A 20 -3.49 -15.93 3.49
C PRO A 20 -3.22 -15.62 2.02
N ALA A 21 -4.24 -15.14 1.32
CA ALA A 21 -4.10 -14.81 -0.10
C ALA A 21 -3.12 -13.66 -0.30
N TYR A 22 -3.39 -12.55 0.37
CA TYR A 22 -2.54 -11.38 0.26
C TYR A 22 -1.13 -11.70 0.76
N ARG A 23 -1.07 -12.36 1.91
CA ARG A 23 0.20 -12.71 2.49
C ARG A 23 1.00 -13.55 1.50
N GLN A 24 0.32 -14.46 0.81
CA GLN A 24 0.97 -15.31 -0.18
C GLN A 24 1.52 -14.46 -1.31
N LYS A 25 0.81 -13.40 -1.67
CA LYS A 25 1.27 -12.55 -2.75
C LYS A 25 2.63 -11.96 -2.38
N LEU A 26 2.74 -11.48 -1.15
CA LEU A 26 4.02 -10.92 -0.70
C LEU A 26 5.10 -12.00 -0.69
N LEU A 27 4.73 -13.18 -0.23
CA LEU A 27 5.68 -14.28 -0.17
C LEU A 27 5.93 -14.87 -1.55
N SER A 28 4.94 -14.76 -2.43
CA SER A 28 5.05 -15.29 -3.78
C SER A 28 6.19 -14.64 -4.54
N LEU A 29 6.28 -13.31 -4.44
CA LEU A 29 7.33 -12.55 -5.12
C LEU A 29 8.25 -11.89 -4.10
N GLY A 30 9.37 -11.36 -4.60
CA GLY A 30 10.34 -10.69 -3.73
C GLY A 30 10.01 -9.21 -3.56
N MET A 31 8.86 -8.81 -4.11
CA MET A 31 8.43 -7.41 -4.02
C MET A 31 7.88 -7.13 -2.64
N LEU A 32 8.78 -7.04 -1.66
CA LEU A 32 8.37 -6.78 -0.28
C LEU A 32 8.45 -5.28 0.03
N PRO A 33 7.87 -4.85 1.13
CA PRO A 33 7.90 -3.42 1.53
C PRO A 33 9.28 -2.80 1.38
N GLY A 34 9.38 -1.51 1.69
CA GLY A 34 10.64 -0.79 1.61
C GLY A 34 10.55 0.35 0.60
N SER A 35 9.35 0.54 0.04
CA SER A 35 9.12 1.60 -0.95
C SER A 35 7.74 2.23 -0.73
N SER A 36 7.21 2.84 -1.78
CA SER A 36 5.91 3.50 -1.71
C SER A 36 5.15 3.31 -3.02
N PHE A 37 3.84 3.55 -2.98
CA PHE A 37 3.00 3.41 -4.16
C PHE A 37 1.95 4.52 -4.20
N ASN A 38 1.41 4.77 -5.38
CA ASN A 38 0.39 5.80 -5.57
C ASN A 38 -0.95 5.18 -5.93
N VAL A 39 -2.03 5.79 -5.44
CA VAL A 39 -3.37 5.29 -5.73
C VAL A 39 -3.88 5.85 -7.05
N VAL A 40 -4.35 4.98 -7.92
CA VAL A 40 -4.86 5.40 -9.22
C VAL A 40 -6.15 6.21 -9.06
N ARG A 41 -7.02 5.77 -8.17
CA ARG A 41 -8.29 6.44 -7.93
C ARG A 41 -9.02 5.78 -6.77
N VAL A 42 -9.99 6.50 -6.19
CA VAL A 42 -10.78 5.95 -5.10
C VAL A 42 -12.26 6.20 -5.37
N ALA A 43 -13.04 5.13 -5.39
CA ALA A 43 -14.48 5.26 -5.64
C ALA A 43 -15.25 5.34 -4.31
N PRO A 44 -15.83 6.48 -3.96
CA PRO A 44 -16.60 6.62 -2.68
C PRO A 44 -17.98 5.96 -2.75
N LEU A 45 -18.38 5.57 -3.96
CA LEU A 45 -19.69 4.95 -4.16
C LEU A 45 -19.81 3.66 -3.35
N GLY A 46 -18.69 2.96 -3.17
CA GLY A 46 -18.69 1.70 -2.42
C GLY A 46 -17.94 0.62 -3.18
N ASP A 47 -17.02 1.04 -4.05
CA ASP A 47 -16.24 0.09 -4.83
C ASP A 47 -14.89 -0.15 -4.16
N PRO A 48 -14.22 -1.23 -4.49
CA PRO A 48 -12.90 -1.58 -3.91
C PRO A 48 -11.87 -0.47 -4.16
N ILE A 49 -10.72 -0.60 -3.51
CA ILE A 49 -9.66 0.39 -3.65
C ILE A 49 -8.66 -0.06 -4.71
N HIS A 50 -8.60 0.69 -5.80
CA HIS A 50 -7.69 0.37 -6.90
C HIS A 50 -6.42 1.20 -6.76
N ILE A 51 -5.27 0.53 -6.75
CA ILE A 51 -3.98 1.21 -6.63
C ILE A 51 -3.06 0.81 -7.76
N GLU A 52 -2.17 1.73 -8.14
CA GLU A 52 -1.21 1.46 -9.21
C GLU A 52 0.18 1.93 -8.81
N THR A 53 1.08 0.99 -8.60
CA THR A 53 2.44 1.30 -8.20
C THR A 53 3.27 1.64 -9.44
N ARG A 54 4.51 2.08 -9.22
CA ARG A 54 5.40 2.48 -10.31
C ARG A 54 5.16 1.63 -11.56
N ARG A 55 5.22 0.32 -11.41
CA ARG A 55 4.99 -0.57 -12.55
C ARG A 55 4.21 -1.80 -12.11
N VAL A 56 3.33 -1.64 -11.11
CA VAL A 56 2.53 -2.77 -10.62
C VAL A 56 1.11 -2.33 -10.31
N SER A 57 0.13 -3.14 -10.71
CA SER A 57 -1.27 -2.83 -10.46
C SER A 57 -1.86 -3.82 -9.46
N LEU A 58 -2.67 -3.31 -8.54
CA LEU A 58 -3.30 -4.14 -7.53
C LEU A 58 -4.58 -3.49 -7.03
N VAL A 59 -5.53 -4.32 -6.62
CA VAL A 59 -6.81 -3.83 -6.09
C VAL A 59 -7.05 -4.41 -4.70
N LEU A 60 -7.35 -3.53 -3.75
CA LEU A 60 -7.58 -3.94 -2.37
C LEU A 60 -8.84 -3.27 -1.82
N ARG A 61 -9.40 -3.83 -0.74
CA ARG A 61 -10.59 -3.28 -0.12
C ARG A 61 -10.21 -2.35 1.04
N LYS A 62 -11.14 -1.49 1.43
CA LYS A 62 -10.89 -0.56 2.52
C LYS A 62 -10.41 -1.30 3.76
N LYS A 63 -10.97 -2.48 3.99
CA LYS A 63 -10.59 -3.29 5.14
C LYS A 63 -9.12 -3.67 5.06
N ASP A 64 -8.68 -4.05 3.87
CA ASP A 64 -7.30 -4.44 3.67
C ASP A 64 -6.36 -3.28 4.00
N LEU A 65 -6.74 -2.08 3.58
CA LEU A 65 -5.92 -0.90 3.85
C LEU A 65 -5.83 -0.67 5.35
N ALA A 66 -6.95 -0.84 6.05
CA ALA A 66 -6.94 -0.64 7.49
C ALA A 66 -5.94 -1.57 8.16
N LEU A 67 -6.04 -2.86 7.84
CA LEU A 67 -5.13 -3.86 8.41
C LEU A 67 -3.72 -3.67 7.87
N LEU A 68 -3.61 -3.39 6.58
CA LEU A 68 -2.31 -3.21 5.95
C LEU A 68 -1.57 -2.06 6.62
N GLU A 69 -0.28 -2.27 6.90
CA GLU A 69 0.52 -1.24 7.54
C GLU A 69 1.10 -0.29 6.49
N VAL A 70 0.59 0.94 6.47
CA VAL A 70 1.07 1.95 5.53
C VAL A 70 1.34 3.27 6.25
N GLU A 71 2.19 4.10 5.63
CA GLU A 71 2.55 5.39 6.22
C GLU A 71 2.69 6.45 5.14
N ALA A 72 2.28 7.67 5.46
CA ALA A 72 2.37 8.77 4.51
C ALA A 72 3.83 9.11 4.25
N VAL A 73 4.13 9.55 3.03
CA VAL A 73 5.50 9.90 2.65
C VAL A 73 5.63 11.41 2.51
N SER A 74 6.65 11.98 3.14
CA SER A 74 6.88 13.42 3.07
C SER A 74 8.34 13.74 3.34
N SER A 75 8.80 14.89 2.86
CA SER A 75 10.19 15.30 3.06
C SER A 75 11.13 14.11 2.93
N LEU A 76 11.45 13.74 1.70
CA LEU A 76 12.34 12.60 1.46
C LEU A 76 13.71 12.88 2.05
N GLU A 77 14.21 14.10 1.83
CA GLU A 77 15.52 14.48 2.33
C GLU A 77 16.53 13.36 2.11
N HIS A 78 16.98 13.21 0.87
CA HIS A 78 17.94 12.17 0.53
C HIS A 78 17.59 10.86 1.25
N HIS A 79 18.54 9.93 1.29
CA HIS A 79 18.32 8.64 1.95
C HIS A 79 18.98 8.62 3.33
N HIS A 80 18.18 8.37 4.35
CA HIS A 80 18.69 8.34 5.72
C HIS A 80 19.26 6.95 6.03
N HIS A 81 20.42 6.92 6.69
CA HIS A 81 21.06 5.67 7.05
C HIS A 81 20.55 5.17 8.40
N HIS A 82 19.44 4.43 8.37
CA HIS A 82 18.85 3.91 9.59
C HIS A 82 19.78 2.89 10.23
N HIS A 83 20.35 2.01 9.41
CA HIS A 83 21.25 0.98 9.90
C HIS A 83 20.64 0.24 11.09
N MET A 1 -13.48 8.39 3.45
CA MET A 1 -13.41 9.32 4.61
C MET A 1 -11.95 9.70 4.87
N GLN A 2 -11.03 8.94 4.29
CA GLN A 2 -9.61 9.20 4.47
C GLN A 2 -8.82 8.74 3.24
N TYR A 3 -9.50 8.05 2.33
CA TYR A 3 -8.86 7.55 1.12
C TYR A 3 -8.87 8.63 0.04
N THR A 4 -7.80 9.43 0.02
CA THR A 4 -7.69 10.52 -0.95
C THR A 4 -7.12 10.00 -2.27
N PRO A 5 -7.46 10.63 -3.37
CA PRO A 5 -6.95 10.20 -4.72
C PRO A 5 -5.44 10.40 -4.85
N ASP A 6 -4.91 11.37 -4.11
CA ASP A 6 -3.48 11.66 -4.14
C ASP A 6 -2.92 11.87 -2.74
N THR A 7 -2.38 10.78 -2.17
CA THR A 7 -1.80 10.84 -0.82
C THR A 7 -0.53 9.99 -0.77
N ALA A 8 0.38 10.37 0.12
CA ALA A 8 1.63 9.61 0.28
C ALA A 8 1.51 8.67 1.47
N TRP A 9 1.29 7.39 1.18
CA TRP A 9 1.14 6.38 2.23
C TRP A 9 2.45 5.63 2.43
N LYS A 10 2.82 5.44 3.69
CA LYS A 10 4.05 4.73 4.02
C LYS A 10 3.73 3.28 4.38
N ILE A 11 4.45 2.35 3.76
CA ILE A 11 4.22 0.93 4.01
C ILE A 11 4.97 0.48 5.27
N THR A 12 4.21 0.02 6.27
CA THR A 12 4.81 -0.44 7.51
C THR A 12 4.91 -1.95 7.51
N GLY A 13 3.92 -2.61 6.92
CA GLY A 13 3.89 -4.07 6.84
C GLY A 13 2.47 -4.60 6.95
N PHE A 14 2.34 -5.91 6.82
CA PHE A 14 1.02 -6.56 6.91
C PHE A 14 0.71 -6.91 8.36
N SER A 15 -0.58 -6.84 8.71
CA SER A 15 -1.00 -7.17 10.07
C SER A 15 -1.00 -8.67 10.28
N ARG A 16 -1.20 -9.08 11.52
CA ARG A 16 -1.21 -10.49 11.84
C ARG A 16 -2.44 -11.18 11.25
N GLU A 17 -3.58 -10.49 11.34
CA GLU A 17 -4.84 -11.04 10.82
C GLU A 17 -4.85 -11.02 9.29
N ILE A 18 -3.80 -10.45 8.70
CA ILE A 18 -3.70 -10.38 7.25
C ILE A 18 -4.14 -11.71 6.62
N SER A 19 -4.73 -11.62 5.42
CA SER A 19 -5.19 -12.82 4.73
C SER A 19 -3.98 -13.66 4.29
N PRO A 20 -4.15 -14.96 4.17
CA PRO A 20 -3.04 -15.87 3.74
C PRO A 20 -2.58 -15.59 2.31
N ALA A 21 -3.51 -15.15 1.48
CA ALA A 21 -3.19 -14.86 0.08
C ALA A 21 -2.24 -13.67 -0.05
N TYR A 22 -2.64 -12.55 0.55
CA TYR A 22 -1.84 -11.33 0.48
C TYR A 22 -0.48 -11.57 1.14
N ARG A 23 -0.51 -12.22 2.30
CA ARG A 23 0.72 -12.50 3.03
C ARG A 23 1.65 -13.35 2.17
N GLN A 24 1.08 -14.34 1.49
CA GLN A 24 1.87 -15.20 0.63
C GLN A 24 2.48 -14.37 -0.50
N LYS A 25 1.74 -13.39 -0.99
CA LYS A 25 2.26 -12.53 -2.05
C LYS A 25 3.53 -11.82 -1.58
N LEU A 26 3.50 -11.27 -0.36
CA LEU A 26 4.68 -10.58 0.16
C LEU A 26 5.85 -11.56 0.31
N LEU A 27 5.56 -12.76 0.79
CA LEU A 27 6.60 -13.76 0.96
C LEU A 27 7.23 -14.11 -0.38
N SER A 28 6.42 -14.19 -1.41
CA SER A 28 6.91 -14.53 -2.75
C SER A 28 7.53 -13.32 -3.43
N LEU A 29 7.33 -12.14 -2.83
CA LEU A 29 7.85 -10.91 -3.39
C LEU A 29 9.14 -10.50 -2.68
N GLY A 30 10.19 -10.26 -3.45
CA GLY A 30 11.48 -9.86 -2.88
C GLY A 30 11.46 -8.38 -2.53
N MET A 31 10.33 -7.73 -2.77
CA MET A 31 10.17 -6.31 -2.47
C MET A 31 9.26 -6.12 -1.27
N LEU A 32 9.79 -6.42 -0.09
CA LEU A 32 9.04 -6.30 1.14
C LEU A 32 8.97 -4.83 1.58
N PRO A 33 8.09 -4.50 2.50
CA PRO A 33 7.92 -3.10 2.99
C PRO A 33 9.24 -2.39 3.22
N GLY A 34 9.15 -1.12 3.64
CA GLY A 34 10.34 -0.31 3.91
C GLY A 34 10.36 0.91 3.01
N SER A 35 9.24 1.18 2.33
CA SER A 35 9.13 2.33 1.44
C SER A 35 7.74 2.94 1.52
N SER A 36 7.36 3.71 0.50
CA SER A 36 6.05 4.36 0.48
C SER A 36 5.47 4.31 -0.93
N PHE A 37 4.16 4.58 -1.04
CA PHE A 37 3.48 4.56 -2.34
C PHE A 37 2.42 5.66 -2.40
N ASN A 38 1.89 5.89 -3.59
CA ASN A 38 0.87 6.91 -3.80
C ASN A 38 -0.37 6.29 -4.45
N VAL A 39 -1.53 6.89 -4.17
CA VAL A 39 -2.79 6.39 -4.73
C VAL A 39 -3.04 7.01 -6.09
N VAL A 40 -3.25 6.16 -7.09
CA VAL A 40 -3.52 6.63 -8.44
C VAL A 40 -4.93 7.24 -8.53
N ARG A 41 -5.89 6.61 -7.86
CA ARG A 41 -7.26 7.09 -7.89
C ARG A 41 -8.13 6.31 -6.92
N VAL A 42 -9.33 6.83 -6.65
CA VAL A 42 -10.26 6.16 -5.75
C VAL A 42 -11.70 6.47 -6.17
N ALA A 43 -12.35 5.48 -6.79
CA ALA A 43 -13.72 5.65 -7.24
C ALA A 43 -14.70 5.11 -6.19
N PRO A 44 -15.47 5.96 -5.53
CA PRO A 44 -16.45 5.51 -4.48
C PRO A 44 -17.70 4.87 -5.10
N LEU A 45 -17.84 5.00 -6.40
CA LEU A 45 -19.01 4.46 -7.10
C LEU A 45 -19.23 2.99 -6.74
N GLY A 46 -18.14 2.27 -6.44
CA GLY A 46 -18.25 0.86 -6.07
C GLY A 46 -17.03 0.07 -6.55
N ASP A 47 -15.96 0.79 -6.88
CA ASP A 47 -14.72 0.16 -7.35
C ASP A 47 -13.73 0.04 -6.18
N PRO A 48 -12.84 -0.92 -6.22
CA PRO A 48 -11.83 -1.11 -5.14
C PRO A 48 -10.84 0.06 -5.08
N ILE A 49 -9.84 -0.08 -4.21
CA ILE A 49 -8.82 0.96 -4.06
C ILE A 49 -7.65 0.68 -4.99
N HIS A 50 -7.46 1.57 -5.95
CA HIS A 50 -6.38 1.42 -6.92
C HIS A 50 -5.17 2.23 -6.48
N ILE A 51 -4.05 1.54 -6.28
CA ILE A 51 -2.81 2.20 -5.86
C ILE A 51 -1.69 1.86 -6.83
N GLU A 52 -0.81 2.83 -7.07
CA GLU A 52 0.32 2.63 -7.98
C GLU A 52 1.63 2.91 -7.27
N THR A 53 2.52 1.93 -7.30
CA THR A 53 3.83 2.06 -6.66
C THR A 53 4.92 1.94 -7.70
N ARG A 54 5.95 2.75 -7.54
CA ARG A 54 7.06 2.74 -8.49
C ARG A 54 7.54 1.32 -8.72
N ARG A 55 7.57 0.53 -7.64
CA ARG A 55 8.01 -0.84 -7.74
C ARG A 55 7.01 -1.67 -8.55
N VAL A 56 5.72 -1.43 -8.32
CA VAL A 56 4.67 -2.17 -9.03
C VAL A 56 3.30 -1.56 -8.75
N SER A 57 2.27 -2.11 -9.39
CA SER A 57 0.91 -1.62 -9.21
C SER A 57 0.07 -2.66 -8.46
N LEU A 58 -0.85 -2.19 -7.63
CA LEU A 58 -1.71 -3.08 -6.85
C LEU A 58 -3.08 -2.46 -6.63
N VAL A 59 -4.11 -3.31 -6.54
CA VAL A 59 -5.48 -2.84 -6.31
C VAL A 59 -6.16 -3.73 -5.28
N LEU A 60 -6.63 -3.13 -4.20
CA LEU A 60 -7.29 -3.89 -3.13
C LEU A 60 -8.48 -3.11 -2.58
N ARG A 61 -9.22 -3.74 -1.67
CA ARG A 61 -10.39 -3.09 -1.08
C ARG A 61 -10.00 -2.24 0.14
N LYS A 62 -10.89 -1.35 0.54
CA LYS A 62 -10.64 -0.47 1.67
C LYS A 62 -10.36 -1.30 2.93
N LYS A 63 -11.01 -2.45 3.03
CA LYS A 63 -10.83 -3.32 4.18
C LYS A 63 -9.38 -3.79 4.26
N ASP A 64 -8.81 -4.12 3.11
CA ASP A 64 -7.43 -4.58 3.07
C ASP A 64 -6.49 -3.50 3.61
N LEU A 65 -6.72 -2.27 3.18
CA LEU A 65 -5.89 -1.15 3.65
C LEU A 65 -6.03 -0.99 5.16
N ALA A 66 -7.25 -1.13 5.66
CA ALA A 66 -7.49 -1.01 7.10
C ALA A 66 -6.64 -2.02 7.86
N LEU A 67 -6.67 -3.28 7.44
CA LEU A 67 -5.88 -4.32 8.11
C LEU A 67 -4.38 -4.09 7.91
N LEU A 68 -3.99 -3.67 6.71
CA LEU A 68 -2.58 -3.43 6.42
C LEU A 68 -2.07 -2.24 7.23
N GLU A 69 -0.84 -2.37 7.73
CA GLU A 69 -0.27 -1.28 8.52
C GLU A 69 0.36 -0.22 7.62
N VAL A 70 -0.29 0.94 7.55
CA VAL A 70 0.20 2.05 6.73
C VAL A 70 0.19 3.35 7.52
N GLU A 71 0.98 4.31 7.08
CA GLU A 71 1.06 5.62 7.75
C GLU A 71 1.22 6.73 6.73
N ALA A 72 0.38 7.74 6.85
CA ALA A 72 0.44 8.88 5.94
C ALA A 72 1.63 9.76 6.30
N VAL A 73 2.46 10.07 5.31
CA VAL A 73 3.63 10.92 5.52
C VAL A 73 3.65 12.06 4.52
N SER A 74 4.33 13.15 4.87
CA SER A 74 4.42 14.32 4.00
C SER A 74 5.81 14.43 3.38
N SER A 75 6.82 13.99 4.12
CA SER A 75 8.19 14.04 3.64
C SER A 75 8.42 12.97 2.57
N LEU A 76 9.22 13.29 1.56
CA LEU A 76 9.49 12.35 0.49
C LEU A 76 10.24 11.13 1.01
N GLU A 77 11.34 11.37 1.73
CA GLU A 77 12.14 10.28 2.29
C GLU A 77 12.19 9.08 1.33
N HIS A 78 12.57 9.34 0.08
CA HIS A 78 12.65 8.26 -0.92
C HIS A 78 13.71 7.24 -0.53
N HIS A 79 14.87 7.74 -0.10
CA HIS A 79 15.97 6.85 0.29
C HIS A 79 16.13 5.71 -0.71
N HIS A 80 15.46 4.60 -0.43
CA HIS A 80 15.54 3.44 -1.32
C HIS A 80 16.99 3.14 -1.69
N HIS A 81 17.75 2.63 -0.72
CA HIS A 81 19.15 2.30 -0.96
C HIS A 81 19.28 0.91 -1.55
N HIS A 82 18.18 0.16 -1.54
CA HIS A 82 18.19 -1.19 -2.09
C HIS A 82 19.36 -1.98 -1.56
N HIS A 83 20.35 -2.24 -2.41
CA HIS A 83 21.53 -2.99 -2.01
C HIS A 83 22.57 -2.07 -1.38
N MET A 1 -9.83 12.97 5.55
CA MET A 1 -9.78 12.06 4.37
C MET A 1 -8.40 11.44 4.25
N GLN A 2 -8.20 10.32 4.92
CA GLN A 2 -6.90 9.63 4.89
C GLN A 2 -6.60 9.13 3.48
N TYR A 3 -7.63 8.62 2.82
CA TYR A 3 -7.46 8.10 1.46
C TYR A 3 -7.34 9.24 0.47
N THR A 4 -6.42 9.11 -0.47
CA THR A 4 -6.20 10.16 -1.47
C THR A 4 -6.03 9.54 -2.87
N PRO A 5 -6.37 10.28 -3.90
CA PRO A 5 -6.25 9.79 -5.30
C PRO A 5 -4.80 9.56 -5.73
N ASP A 6 -3.90 10.40 -5.21
CA ASP A 6 -2.48 10.30 -5.54
C ASP A 6 -1.63 10.46 -4.29
N THR A 7 -1.26 9.34 -3.69
CA THR A 7 -0.42 9.35 -2.48
C THR A 7 0.61 8.24 -2.54
N ALA A 8 1.77 8.49 -1.94
CA ALA A 8 2.84 7.48 -1.92
C ALA A 8 2.90 6.83 -0.54
N TRP A 9 2.35 5.62 -0.44
CA TRP A 9 2.32 4.89 0.82
C TRP A 9 3.49 3.92 0.90
N LYS A 10 3.99 3.70 2.11
CA LYS A 10 5.12 2.79 2.32
C LYS A 10 4.62 1.49 2.94
N ILE A 11 4.94 0.38 2.31
CA ILE A 11 4.49 -0.92 2.79
C ILE A 11 5.45 -1.42 3.87
N THR A 12 4.90 -1.66 5.06
CA THR A 12 5.72 -2.14 6.20
C THR A 12 5.45 -3.62 6.44
N GLY A 13 4.42 -4.16 5.78
CA GLY A 13 4.07 -5.56 5.93
C GLY A 13 2.57 -5.76 5.92
N PHE A 14 2.14 -7.01 5.79
CA PHE A 14 0.71 -7.33 5.77
C PHE A 14 0.18 -7.36 7.21
N SER A 15 -1.14 -7.26 7.34
CA SER A 15 -1.78 -7.27 8.65
C SER A 15 -1.74 -8.67 9.25
N ARG A 16 -1.96 -8.76 10.56
CA ARG A 16 -1.95 -10.04 11.24
C ARG A 16 -3.16 -10.88 10.83
N GLU A 17 -4.31 -10.22 10.69
CA GLU A 17 -5.53 -10.91 10.31
C GLU A 17 -5.56 -11.15 8.81
N ILE A 18 -4.55 -10.65 8.12
CA ILE A 18 -4.46 -10.80 6.67
C ILE A 18 -4.88 -12.20 6.26
N SER A 19 -5.54 -12.29 5.11
CA SER A 19 -6.00 -13.59 4.62
C SER A 19 -4.84 -14.36 3.96
N PRO A 20 -4.86 -15.68 4.03
CA PRO A 20 -3.80 -16.52 3.40
C PRO A 20 -3.55 -16.15 1.94
N ALA A 21 -4.63 -15.86 1.21
CA ALA A 21 -4.50 -15.51 -0.20
C ALA A 21 -3.53 -14.35 -0.40
N TYR A 22 -3.80 -13.23 0.27
CA TYR A 22 -2.95 -12.06 0.15
C TYR A 22 -1.55 -12.36 0.67
N ARG A 23 -1.49 -12.89 1.89
CA ARG A 23 -0.22 -13.21 2.50
C ARG A 23 0.59 -14.13 1.60
N GLN A 24 -0.08 -15.13 1.05
CA GLN A 24 0.58 -16.07 0.16
C GLN A 24 1.09 -15.34 -1.08
N LYS A 25 0.37 -14.31 -1.50
CA LYS A 25 0.78 -13.54 -2.66
C LYS A 25 2.16 -12.94 -2.43
N LEU A 26 2.35 -12.34 -1.26
CA LEU A 26 3.64 -11.75 -0.94
C LEU A 26 4.71 -12.84 -0.82
N LEU A 27 4.31 -13.97 -0.26
CA LEU A 27 5.23 -15.08 -0.11
C LEU A 27 5.49 -15.77 -1.45
N SER A 28 4.51 -15.70 -2.34
CA SER A 28 4.63 -16.35 -3.64
C SER A 28 5.85 -15.84 -4.39
N LEU A 29 6.04 -14.52 -4.38
CA LEU A 29 7.17 -13.89 -5.06
C LEU A 29 8.11 -13.25 -4.04
N GLY A 30 9.37 -13.13 -4.42
CA GLY A 30 10.38 -12.53 -3.53
C GLY A 30 10.03 -11.08 -3.21
N MET A 31 9.28 -10.45 -4.11
CA MET A 31 8.89 -9.05 -3.93
C MET A 31 8.07 -8.90 -2.66
N LEU A 32 8.75 -8.98 -1.52
CA LEU A 32 8.07 -8.86 -0.24
C LEU A 32 7.93 -7.41 0.18
N PRO A 33 7.15 -7.14 1.20
CA PRO A 33 6.94 -5.76 1.70
C PRO A 33 8.26 -5.00 1.86
N GLY A 34 8.16 -3.77 2.33
CA GLY A 34 9.35 -2.93 2.54
C GLY A 34 9.44 -1.85 1.47
N SER A 35 8.63 -1.99 0.42
CA SER A 35 8.61 -1.02 -0.68
C SER A 35 7.42 -0.07 -0.52
N SER A 36 7.19 0.75 -1.54
CA SER A 36 6.10 1.72 -1.52
C SER A 36 5.28 1.62 -2.80
N PHE A 37 4.03 2.08 -2.73
CA PHE A 37 3.15 2.04 -3.89
C PHE A 37 2.34 3.33 -3.99
N ASN A 38 1.84 3.63 -5.19
CA ASN A 38 1.05 4.84 -5.42
C ASN A 38 -0.40 4.47 -5.74
N VAL A 39 -1.32 5.32 -5.29
CA VAL A 39 -2.74 5.08 -5.52
C VAL A 39 -3.16 5.74 -6.82
N VAL A 40 -3.74 4.95 -7.71
CA VAL A 40 -4.21 5.46 -8.99
C VAL A 40 -5.40 6.40 -8.81
N ARG A 41 -6.31 6.01 -7.93
CA ARG A 41 -7.50 6.80 -7.68
C ARG A 41 -8.29 6.22 -6.52
N VAL A 42 -9.22 7.01 -5.97
CA VAL A 42 -10.05 6.55 -4.87
C VAL A 42 -11.49 6.95 -5.10
N ALA A 43 -12.39 5.98 -5.08
CA ALA A 43 -13.81 6.25 -5.29
C ALA A 43 -14.54 6.43 -3.94
N PRO A 44 -14.98 7.62 -3.61
CA PRO A 44 -15.71 7.88 -2.33
C PRO A 44 -17.17 7.40 -2.38
N LEU A 45 -17.63 7.06 -3.58
CA LEU A 45 -19.01 6.62 -3.76
C LEU A 45 -19.27 5.36 -2.95
N GLY A 46 -18.25 4.53 -2.80
CA GLY A 46 -18.38 3.28 -2.03
C GLY A 46 -17.73 2.12 -2.76
N ASP A 47 -16.80 2.43 -3.67
CA ASP A 47 -16.12 1.41 -4.43
C ASP A 47 -14.78 1.07 -3.78
N PRO A 48 -14.23 -0.07 -4.09
CA PRO A 48 -12.92 -0.53 -3.53
C PRO A 48 -11.80 0.46 -3.85
N ILE A 49 -10.65 0.27 -3.21
CA ILE A 49 -9.51 1.15 -3.42
C ILE A 49 -8.61 0.56 -4.50
N HIS A 50 -8.51 1.28 -5.61
CA HIS A 50 -7.67 0.84 -6.73
C HIS A 50 -6.28 1.43 -6.58
N ILE A 51 -5.27 0.57 -6.55
CA ILE A 51 -3.89 1.01 -6.42
C ILE A 51 -3.04 0.43 -7.55
N GLU A 52 -2.03 1.18 -7.97
CA GLU A 52 -1.15 0.72 -9.05
C GLU A 52 0.31 0.83 -8.61
N THR A 53 1.05 -0.27 -8.80
CA THR A 53 2.46 -0.30 -8.42
C THR A 53 3.32 -0.63 -9.63
N ARG A 54 4.44 0.08 -9.76
CA ARG A 54 5.34 -0.14 -10.89
C ARG A 54 5.55 -1.63 -11.11
N ARG A 55 5.51 -2.40 -10.04
CA ARG A 55 5.69 -3.84 -10.14
C ARG A 55 4.47 -4.50 -10.78
N VAL A 56 3.29 -4.11 -10.33
CA VAL A 56 2.05 -4.66 -10.87
C VAL A 56 0.84 -3.92 -10.35
N SER A 57 -0.31 -4.18 -10.96
CA SER A 57 -1.54 -3.52 -10.54
C SER A 57 -2.23 -4.33 -9.45
N LEU A 58 -3.01 -3.65 -8.61
CA LEU A 58 -3.72 -4.34 -7.54
C LEU A 58 -4.85 -3.46 -7.01
N VAL A 59 -5.92 -4.10 -6.54
CA VAL A 59 -7.07 -3.36 -5.99
C VAL A 59 -7.45 -3.95 -4.63
N LEU A 60 -7.61 -3.07 -3.64
CA LEU A 60 -7.98 -3.50 -2.30
C LEU A 60 -9.08 -2.61 -1.73
N ARG A 61 -9.76 -3.10 -0.70
CA ARG A 61 -10.84 -2.36 -0.06
C ARG A 61 -10.30 -1.46 1.04
N LYS A 62 -11.09 -0.47 1.45
CA LYS A 62 -10.67 0.46 2.49
C LYS A 62 -10.28 -0.30 3.75
N LYS A 63 -11.06 -1.32 4.09
CA LYS A 63 -10.78 -2.11 5.28
C LYS A 63 -9.40 -2.77 5.18
N ASP A 64 -9.06 -3.25 4.00
CA ASP A 64 -7.77 -3.89 3.79
C ASP A 64 -6.63 -2.92 4.09
N LEU A 65 -6.76 -1.69 3.59
CA LEU A 65 -5.73 -0.68 3.82
C LEU A 65 -5.60 -0.39 5.31
N ALA A 66 -6.72 -0.32 6.00
CA ALA A 66 -6.69 -0.06 7.43
C ALA A 66 -5.89 -1.13 8.16
N LEU A 67 -6.21 -2.39 7.88
CA LEU A 67 -5.50 -3.51 8.50
C LEU A 67 -4.07 -3.58 8.00
N LEU A 68 -3.89 -3.35 6.70
CA LEU A 68 -2.57 -3.44 6.12
C LEU A 68 -1.65 -2.39 6.75
N GLU A 69 -0.47 -2.83 7.18
CA GLU A 69 0.48 -1.92 7.82
C GLU A 69 1.14 -1.03 6.76
N VAL A 70 0.77 0.25 6.75
CA VAL A 70 1.32 1.21 5.80
C VAL A 70 1.73 2.49 6.52
N GLU A 71 2.57 3.28 5.86
CA GLU A 71 3.03 4.54 6.43
C GLU A 71 3.17 5.61 5.35
N ALA A 72 2.79 6.84 5.69
CA ALA A 72 2.87 7.94 4.72
C ALA A 72 4.27 8.53 4.72
N VAL A 73 4.98 8.36 3.61
CA VAL A 73 6.34 8.88 3.50
C VAL A 73 6.33 10.40 3.58
N SER A 74 5.43 11.03 2.85
CA SER A 74 5.33 12.48 2.84
C SER A 74 6.70 13.11 2.67
N SER A 75 7.60 12.39 2.01
CA SER A 75 8.96 12.89 1.78
C SER A 75 9.51 12.36 0.47
N LEU A 76 9.99 13.25 -0.38
CA LEU A 76 10.54 12.85 -1.66
C LEU A 76 11.77 11.96 -1.46
N GLU A 77 12.68 12.40 -0.61
CA GLU A 77 13.89 11.63 -0.35
C GLU A 77 14.70 12.28 0.77
N HIS A 78 15.49 11.48 1.47
CA HIS A 78 16.31 11.98 2.57
C HIS A 78 17.57 11.12 2.73
N HIS A 79 18.42 11.12 1.71
CA HIS A 79 19.65 10.34 1.76
C HIS A 79 20.85 11.24 2.07
N HIS A 80 20.74 12.00 3.16
CA HIS A 80 21.82 12.89 3.57
C HIS A 80 21.72 13.20 5.05
N HIS A 81 22.21 12.29 5.88
CA HIS A 81 22.18 12.48 7.33
C HIS A 81 20.81 12.99 7.78
N HIS A 82 20.78 14.23 8.29
CA HIS A 82 19.53 14.82 8.74
C HIS A 82 18.71 13.80 9.54
N HIS A 83 17.45 14.15 9.81
CA HIS A 83 16.57 13.27 10.56
C HIS A 83 16.32 11.97 9.78
N MET A 1 -12.86 11.55 3.61
CA MET A 1 -12.40 10.21 3.13
C MET A 1 -10.89 10.11 3.30
N GLN A 2 -10.45 9.07 4.01
CA GLN A 2 -9.03 8.86 4.25
C GLN A 2 -8.30 8.57 2.93
N TYR A 3 -8.94 7.80 2.06
CA TYR A 3 -8.34 7.47 0.78
C TYR A 3 -8.29 8.71 -0.10
N THR A 4 -7.16 8.91 -0.77
CA THR A 4 -6.97 10.08 -1.64
C THR A 4 -6.23 9.68 -2.91
N PRO A 5 -6.38 10.43 -3.97
CA PRO A 5 -5.72 10.13 -5.27
C PRO A 5 -4.19 10.28 -5.18
N ASP A 6 -3.72 11.05 -4.21
CA ASP A 6 -2.28 11.26 -4.03
C ASP A 6 -1.92 11.18 -2.56
N THR A 7 -1.53 9.98 -2.11
CA THR A 7 -1.17 9.79 -0.71
C THR A 7 0.04 8.85 -0.62
N ALA A 8 1.03 9.24 0.16
CA ALA A 8 2.22 8.41 0.33
C ALA A 8 2.03 7.48 1.51
N TRP A 9 1.74 6.21 1.21
CA TRP A 9 1.51 5.21 2.25
C TRP A 9 2.75 4.33 2.43
N LYS A 10 3.10 4.09 3.68
CA LYS A 10 4.27 3.26 3.99
C LYS A 10 3.82 1.85 4.37
N ILE A 11 4.44 0.84 3.76
CA ILE A 11 4.08 -0.55 4.01
C ILE A 11 4.79 -1.07 5.26
N THR A 12 4.01 -1.57 6.22
CA THR A 12 4.58 -2.10 7.46
C THR A 12 4.43 -3.63 7.51
N GLY A 13 3.26 -4.11 7.09
CA GLY A 13 3.00 -5.54 7.08
C GLY A 13 1.50 -5.83 7.03
N PHE A 14 1.14 -7.11 7.15
CA PHE A 14 -0.26 -7.52 7.10
C PHE A 14 -0.77 -7.86 8.51
N SER A 15 -2.05 -7.59 8.73
CA SER A 15 -2.68 -7.87 10.03
C SER A 15 -3.01 -9.35 10.15
N ARG A 16 -3.44 -9.77 11.34
CA ARG A 16 -3.80 -11.16 11.58
C ARG A 16 -5.07 -11.53 10.82
N GLU A 17 -6.03 -10.61 10.82
CA GLU A 17 -7.30 -10.83 10.15
C GLU A 17 -7.12 -10.88 8.63
N ILE A 18 -5.95 -10.47 8.18
CA ILE A 18 -5.64 -10.48 6.75
C ILE A 18 -6.18 -11.75 6.09
N SER A 19 -6.57 -11.63 4.82
CA SER A 19 -7.12 -12.77 4.10
C SER A 19 -5.98 -13.73 3.66
N PRO A 20 -6.18 -15.04 3.72
CA PRO A 20 -5.11 -16.01 3.31
C PRO A 20 -4.51 -15.68 1.94
N ALA A 21 -5.35 -15.27 1.01
CA ALA A 21 -4.89 -14.96 -0.35
C ALA A 21 -3.78 -13.91 -0.34
N TYR A 22 -4.05 -12.78 0.29
CA TYR A 22 -3.06 -11.70 0.35
C TYR A 22 -1.83 -12.16 1.14
N ARG A 23 -2.09 -12.79 2.28
CA ARG A 23 -1.01 -13.28 3.12
C ARG A 23 -0.14 -14.25 2.34
N GLN A 24 -0.79 -15.14 1.61
CA GLN A 24 -0.06 -16.11 0.81
C GLN A 24 0.77 -15.38 -0.23
N LYS A 25 0.25 -14.26 -0.71
CA LYS A 25 0.98 -13.47 -1.70
C LYS A 25 2.33 -13.03 -1.13
N LEU A 26 2.31 -12.50 0.10
CA LEU A 26 3.55 -12.06 0.73
C LEU A 26 4.48 -13.26 0.93
N LEU A 27 3.93 -14.38 1.36
CA LEU A 27 4.73 -15.57 1.58
C LEU A 27 5.15 -16.20 0.25
N SER A 28 4.32 -16.04 -0.76
CA SER A 28 4.59 -16.61 -2.08
C SER A 28 5.91 -16.06 -2.65
N LEU A 29 6.10 -14.76 -2.52
CA LEU A 29 7.31 -14.09 -3.03
C LEU A 29 8.09 -13.45 -1.88
N GLY A 30 9.28 -12.96 -2.20
CA GLY A 30 10.14 -12.33 -1.20
C GLY A 30 9.93 -10.81 -1.19
N MET A 31 8.95 -10.36 -1.96
CA MET A 31 8.66 -8.92 -2.02
C MET A 31 7.88 -8.51 -0.78
N LEU A 32 8.58 -8.41 0.35
CA LEU A 32 7.95 -8.04 1.61
C LEU A 32 8.04 -6.52 1.82
N PRO A 33 7.36 -5.98 2.81
CA PRO A 33 7.38 -4.51 3.08
C PRO A 33 8.80 -3.95 3.13
N GLY A 34 8.90 -2.69 3.59
CA GLY A 34 10.19 -2.02 3.70
C GLY A 34 10.24 -0.80 2.78
N SER A 35 9.13 -0.55 2.08
CA SER A 35 9.05 0.59 1.17
C SER A 35 7.67 1.24 1.26
N SER A 36 7.42 2.20 0.38
CA SER A 36 6.13 2.91 0.37
C SER A 36 5.52 2.91 -1.02
N PHE A 37 4.19 3.06 -1.08
CA PHE A 37 3.48 3.06 -2.36
C PHE A 37 2.55 4.27 -2.42
N ASN A 38 2.21 4.68 -3.65
CA ASN A 38 1.31 5.81 -3.86
C ASN A 38 0.00 5.35 -4.48
N VAL A 39 -1.07 6.09 -4.22
CA VAL A 39 -2.38 5.76 -4.76
C VAL A 39 -2.56 6.38 -6.14
N VAL A 40 -2.85 5.54 -7.13
CA VAL A 40 -3.06 6.02 -8.49
C VAL A 40 -4.33 6.85 -8.57
N ARG A 41 -5.38 6.40 -7.90
CA ARG A 41 -6.66 7.11 -7.92
C ARG A 41 -7.63 6.47 -6.94
N VAL A 42 -8.69 7.20 -6.60
CA VAL A 42 -9.71 6.70 -5.69
C VAL A 42 -11.09 6.88 -6.33
N ALA A 43 -11.87 5.79 -6.37
CA ALA A 43 -13.21 5.85 -6.96
C ALA A 43 -14.27 6.12 -5.88
N PRO A 44 -14.89 7.28 -5.88
CA PRO A 44 -15.92 7.62 -4.85
C PRO A 44 -17.26 6.91 -5.11
N LEU A 45 -17.41 6.34 -6.30
CA LEU A 45 -18.64 5.66 -6.67
C LEU A 45 -18.95 4.53 -5.69
N GLY A 46 -17.92 3.93 -5.12
CA GLY A 46 -18.09 2.84 -4.15
C GLY A 46 -17.38 1.57 -4.62
N ASP A 47 -16.28 1.75 -5.37
CA ASP A 47 -15.51 0.62 -5.86
C ASP A 47 -14.30 0.38 -4.95
N PRO A 48 -13.47 -0.59 -5.25
CA PRO A 48 -12.26 -0.87 -4.43
C PRO A 48 -11.26 0.28 -4.47
N ILE A 49 -10.09 0.06 -3.87
CA ILE A 49 -9.04 1.07 -3.83
C ILE A 49 -7.93 0.71 -4.81
N HIS A 50 -7.76 1.52 -5.84
CA HIS A 50 -6.72 1.27 -6.83
C HIS A 50 -5.43 1.94 -6.42
N ILE A 51 -4.39 1.13 -6.18
CA ILE A 51 -3.08 1.64 -5.78
C ILE A 51 -2.01 1.13 -6.73
N GLU A 52 -0.98 1.96 -6.94
CA GLU A 52 0.11 1.59 -7.83
C GLU A 52 1.44 1.70 -7.10
N THR A 53 2.18 0.60 -7.08
CA THR A 53 3.48 0.58 -6.40
C THR A 53 4.59 0.56 -7.42
N ARG A 54 5.61 1.36 -7.16
CA ARG A 54 6.76 1.46 -8.06
C ARG A 54 7.12 0.09 -8.63
N ARG A 55 6.96 -0.94 -7.81
CA ARG A 55 7.26 -2.30 -8.25
C ARG A 55 6.22 -2.81 -9.24
N VAL A 56 4.94 -2.67 -8.89
CA VAL A 56 3.84 -3.13 -9.75
C VAL A 56 2.52 -2.49 -9.34
N SER A 57 1.44 -2.88 -10.03
CA SER A 57 0.11 -2.36 -9.74
C SER A 57 -0.68 -3.33 -8.88
N LEU A 58 -1.53 -2.80 -8.00
CA LEU A 58 -2.34 -3.62 -7.12
C LEU A 58 -3.62 -2.88 -6.71
N VAL A 59 -4.72 -3.62 -6.57
CA VAL A 59 -6.00 -3.02 -6.17
C VAL A 59 -6.60 -3.83 -5.02
N LEU A 60 -6.98 -3.14 -3.94
CA LEU A 60 -7.56 -3.81 -2.78
C LEU A 60 -8.76 -3.02 -2.25
N ARG A 61 -9.54 -3.65 -1.38
CA ARG A 61 -10.72 -3.01 -0.80
C ARG A 61 -10.33 -2.13 0.37
N LYS A 62 -11.20 -1.20 0.73
CA LYS A 62 -10.96 -0.29 1.85
C LYS A 62 -10.71 -1.08 3.14
N LYS A 63 -11.39 -2.21 3.28
CA LYS A 63 -11.21 -3.04 4.46
C LYS A 63 -9.78 -3.55 4.54
N ASP A 64 -9.24 -3.94 3.39
CA ASP A 64 -7.88 -4.44 3.33
C ASP A 64 -6.88 -3.39 3.81
N LEU A 65 -7.05 -2.16 3.33
CA LEU A 65 -6.15 -1.07 3.72
C LEU A 65 -6.25 -0.83 5.22
N ALA A 66 -7.46 -0.85 5.76
CA ALA A 66 -7.65 -0.64 7.18
C ALA A 66 -6.91 -1.70 7.97
N LEU A 67 -7.13 -2.96 7.59
CA LEU A 67 -6.48 -4.08 8.27
C LEU A 67 -4.97 -4.11 8.00
N LEU A 68 -4.58 -3.83 6.76
CA LEU A 68 -3.17 -3.85 6.40
C LEU A 68 -2.41 -2.82 7.24
N GLU A 69 -1.29 -3.24 7.81
CA GLU A 69 -0.50 -2.33 8.64
C GLU A 69 0.26 -1.33 7.76
N VAL A 70 -0.15 -0.07 7.83
CA VAL A 70 0.48 1.00 7.05
C VAL A 70 0.67 2.24 7.89
N GLU A 71 1.55 3.12 7.42
CA GLU A 71 1.82 4.38 8.12
C GLU A 71 1.94 5.53 7.14
N ALA A 72 1.18 6.59 7.38
CA ALA A 72 1.22 7.74 6.50
C ALA A 72 2.50 8.53 6.74
N VAL A 73 3.26 8.77 5.68
CA VAL A 73 4.52 9.51 5.78
C VAL A 73 4.49 10.71 4.84
N SER A 74 4.85 11.88 5.36
CA SER A 74 4.86 13.09 4.55
C SER A 74 6.21 13.26 3.85
N SER A 75 7.16 12.42 4.22
CA SER A 75 8.49 12.48 3.62
C SER A 75 8.47 11.91 2.20
N LEU A 76 9.43 12.34 1.38
CA LEU A 76 9.50 11.86 0.01
C LEU A 76 10.87 12.16 -0.59
N GLU A 77 11.91 11.69 0.09
CA GLU A 77 13.28 11.91 -0.37
C GLU A 77 14.19 10.79 0.08
N HIS A 78 15.06 10.33 -0.82
CA HIS A 78 15.98 9.24 -0.50
C HIS A 78 17.20 9.29 -1.43
N HIS A 79 18.32 8.76 -0.96
CA HIS A 79 19.55 8.74 -1.75
C HIS A 79 19.72 10.06 -2.50
N HIS A 80 19.13 11.12 -1.97
CA HIS A 80 19.22 12.43 -2.59
C HIS A 80 20.68 12.87 -2.72
N HIS A 81 21.45 12.68 -1.65
CA HIS A 81 22.85 13.04 -1.66
C HIS A 81 23.71 11.89 -2.17
N HIS A 82 24.66 12.20 -3.03
CA HIS A 82 25.54 11.18 -3.60
C HIS A 82 26.42 10.58 -2.52
N HIS A 83 26.90 11.43 -1.60
CA HIS A 83 27.75 10.96 -0.51
C HIS A 83 27.40 11.69 0.79
N MET A 1 -8.45 13.15 2.09
CA MET A 1 -7.81 12.67 3.34
C MET A 1 -7.59 11.16 3.26
N GLN A 2 -6.74 10.65 4.14
CA GLN A 2 -6.46 9.22 4.15
C GLN A 2 -6.14 8.71 2.76
N TYR A 3 -7.16 8.22 2.06
CA TYR A 3 -6.97 7.70 0.71
C TYR A 3 -6.71 8.84 -0.26
N THR A 4 -5.44 9.19 -0.43
CA THR A 4 -5.04 10.28 -1.32
C THR A 4 -4.42 9.71 -2.60
N PRO A 5 -4.45 10.46 -3.67
CA PRO A 5 -3.89 10.02 -4.99
C PRO A 5 -2.37 9.84 -4.91
N ASP A 6 -1.71 10.65 -4.07
CA ASP A 6 -0.26 10.58 -3.91
C ASP A 6 0.13 10.67 -2.44
N THR A 7 0.30 9.51 -1.81
CA THR A 7 0.68 9.45 -0.40
C THR A 7 1.70 8.34 -0.17
N ALA A 8 2.55 8.51 0.82
CA ALA A 8 3.57 7.50 1.14
C ALA A 8 3.15 6.76 2.40
N TRP A 9 2.62 5.55 2.23
CA TRP A 9 2.17 4.74 3.37
C TRP A 9 3.25 3.77 3.79
N LYS A 10 3.52 3.71 5.10
CA LYS A 10 4.54 2.80 5.62
C LYS A 10 3.92 1.44 5.90
N ILE A 11 4.52 0.40 5.35
CA ILE A 11 4.01 -0.95 5.54
C ILE A 11 4.47 -1.51 6.88
N THR A 12 3.51 -1.90 7.72
CA THR A 12 3.83 -2.45 9.04
C THR A 12 3.65 -3.97 9.04
N GLY A 13 2.50 -4.42 8.55
CA GLY A 13 2.21 -5.85 8.50
C GLY A 13 0.74 -6.10 8.22
N PHE A 14 0.39 -7.36 7.94
CA PHE A 14 -0.99 -7.73 7.66
C PHE A 14 -1.73 -8.07 8.96
N SER A 15 -3.04 -7.87 8.96
CA SER A 15 -3.85 -8.16 10.13
C SER A 15 -4.21 -9.64 10.20
N ARG A 16 -4.75 -10.06 11.33
CA ARG A 16 -5.12 -11.45 11.50
C ARG A 16 -6.27 -11.81 10.58
N GLU A 17 -7.22 -10.89 10.44
CA GLU A 17 -8.37 -11.10 9.58
C GLU A 17 -7.95 -11.21 8.12
N ILE A 18 -6.73 -10.79 7.84
CA ILE A 18 -6.21 -10.83 6.48
C ILE A 18 -6.59 -12.14 5.81
N SER A 19 -6.83 -12.09 4.50
CA SER A 19 -7.20 -13.28 3.76
C SER A 19 -5.97 -14.14 3.45
N PRO A 20 -6.08 -15.46 3.52
CA PRO A 20 -4.93 -16.36 3.22
C PRO A 20 -4.21 -15.98 1.92
N ALA A 21 -4.99 -15.64 0.89
CA ALA A 21 -4.41 -15.28 -0.40
C ALA A 21 -3.34 -14.20 -0.25
N TYR A 22 -3.72 -13.07 0.33
CA TYR A 22 -2.78 -11.97 0.52
C TYR A 22 -1.64 -12.40 1.43
N ARG A 23 -1.98 -13.05 2.52
CA ARG A 23 -0.98 -13.50 3.47
C ARG A 23 0.02 -14.42 2.76
N GLN A 24 -0.49 -15.33 1.93
CA GLN A 24 0.36 -16.25 1.20
C GLN A 24 1.31 -15.48 0.30
N LYS A 25 0.83 -14.40 -0.29
CA LYS A 25 1.68 -13.59 -1.17
C LYS A 25 2.86 -13.04 -0.39
N LEU A 26 2.61 -12.59 0.83
CA LEU A 26 3.70 -12.05 1.65
C LEU A 26 4.73 -13.15 1.94
N LEU A 27 4.26 -14.34 2.25
CA LEU A 27 5.16 -15.45 2.53
C LEU A 27 5.79 -15.95 1.23
N SER A 28 5.07 -15.83 0.12
CA SER A 28 5.57 -16.30 -1.17
C SER A 28 6.89 -15.62 -1.53
N LEU A 29 6.95 -14.31 -1.35
CA LEU A 29 8.14 -13.53 -1.66
C LEU A 29 8.73 -12.92 -0.39
N GLY A 30 9.93 -12.35 -0.51
CA GLY A 30 10.60 -11.72 0.62
C GLY A 30 10.17 -10.26 0.77
N MET A 31 9.33 -9.80 -0.16
CA MET A 31 8.85 -8.42 -0.10
C MET A 31 7.95 -8.22 1.10
N LEU A 32 8.56 -8.18 2.28
CA LEU A 32 7.79 -8.01 3.51
C LEU A 32 7.82 -6.55 3.97
N PRO A 33 7.01 -6.19 4.95
CA PRO A 33 6.97 -4.80 5.48
C PRO A 33 8.36 -4.25 5.77
N GLY A 34 8.39 -3.10 6.46
CA GLY A 34 9.65 -2.47 6.81
C GLY A 34 10.00 -1.36 5.82
N SER A 35 9.05 -1.07 4.91
CA SER A 35 9.26 -0.03 3.90
C SER A 35 7.98 0.78 3.72
N SER A 36 7.85 1.41 2.55
CA SER A 36 6.67 2.22 2.25
C SER A 36 6.37 2.18 0.76
N PHE A 37 5.10 2.38 0.42
CA PHE A 37 4.67 2.36 -0.98
C PHE A 37 3.87 3.62 -1.31
N ASN A 38 3.85 3.99 -2.59
CA ASN A 38 3.12 5.17 -3.03
C ASN A 38 1.86 4.76 -3.79
N VAL A 39 0.81 5.56 -3.60
CA VAL A 39 -0.47 5.28 -4.26
C VAL A 39 -0.51 5.94 -5.63
N VAL A 40 -0.74 5.13 -6.65
CA VAL A 40 -0.81 5.65 -8.02
C VAL A 40 -2.06 6.51 -8.20
N ARG A 41 -3.16 6.08 -7.62
CA ARG A 41 -4.42 6.80 -7.74
C ARG A 41 -5.49 6.15 -6.87
N VAL A 42 -6.53 6.91 -6.55
CA VAL A 42 -7.63 6.39 -5.74
C VAL A 42 -8.96 6.77 -6.36
N ALA A 43 -9.81 5.77 -6.64
CA ALA A 43 -11.11 6.04 -7.24
C ALA A 43 -12.20 6.14 -6.15
N PRO A 44 -12.75 7.31 -5.90
CA PRO A 44 -13.82 7.48 -4.88
C PRO A 44 -15.18 6.97 -5.36
N LEU A 45 -15.28 6.69 -6.65
CA LEU A 45 -16.54 6.25 -7.23
C LEU A 45 -16.99 4.94 -6.57
N GLY A 46 -16.03 4.10 -6.18
CA GLY A 46 -16.36 2.83 -5.54
C GLY A 46 -15.48 1.71 -6.08
N ASP A 47 -14.33 2.08 -6.66
CA ASP A 47 -13.41 1.10 -7.21
C ASP A 47 -12.30 0.80 -6.19
N PRO A 48 -11.64 -0.31 -6.34
CA PRO A 48 -10.55 -0.74 -5.42
C PRO A 48 -9.41 0.28 -5.40
N ILE A 49 -8.51 0.12 -4.42
CA ILE A 49 -7.39 1.04 -4.28
C ILE A 49 -6.20 0.55 -5.10
N HIS A 50 -5.78 1.38 -6.05
CA HIS A 50 -4.66 1.03 -6.91
C HIS A 50 -3.38 1.62 -6.36
N ILE A 51 -2.40 0.76 -6.09
CA ILE A 51 -1.12 1.20 -5.55
C ILE A 51 0.02 0.70 -6.43
N GLU A 52 1.11 1.48 -6.49
CA GLU A 52 2.27 1.09 -7.29
C GLU A 52 3.55 1.21 -6.48
N THR A 53 4.38 0.18 -6.52
CA THR A 53 5.64 0.17 -5.78
C THR A 53 6.80 -0.03 -6.73
N ARG A 54 7.87 0.73 -6.53
CA ARG A 54 9.05 0.63 -7.38
C ARG A 54 9.37 -0.82 -7.70
N ARG A 55 8.88 -1.73 -6.86
CA ARG A 55 9.12 -3.14 -7.06
C ARG A 55 8.10 -3.74 -8.02
N VAL A 56 6.82 -3.49 -7.76
CA VAL A 56 5.76 -4.02 -8.61
C VAL A 56 4.47 -3.23 -8.39
N SER A 57 3.40 -3.67 -9.05
CA SER A 57 2.10 -3.01 -8.93
C SER A 57 1.10 -3.93 -8.23
N LEU A 58 0.21 -3.34 -7.44
CA LEU A 58 -0.80 -4.11 -6.71
C LEU A 58 -2.05 -3.28 -6.53
N VAL A 59 -3.21 -3.94 -6.50
CA VAL A 59 -4.49 -3.27 -6.31
C VAL A 59 -5.35 -4.07 -5.34
N LEU A 60 -5.83 -3.40 -4.29
CA LEU A 60 -6.66 -4.05 -3.28
C LEU A 60 -7.91 -3.22 -2.99
N ARG A 61 -8.88 -3.83 -2.32
CA ARG A 61 -10.12 -3.13 -1.97
C ARG A 61 -9.94 -2.27 -0.74
N LYS A 62 -10.67 -1.15 -0.67
CA LYS A 62 -10.57 -0.26 0.49
C LYS A 62 -10.52 -1.04 1.79
N LYS A 63 -11.32 -2.10 1.88
CA LYS A 63 -11.36 -2.91 3.08
C LYS A 63 -9.97 -3.49 3.38
N ASP A 64 -9.26 -3.91 2.34
CA ASP A 64 -7.94 -4.46 2.53
C ASP A 64 -7.00 -3.42 3.13
N LEU A 65 -7.11 -2.19 2.65
CA LEU A 65 -6.26 -1.11 3.14
C LEU A 65 -6.51 -0.89 4.62
N ALA A 66 -7.77 -0.91 5.01
CA ALA A 66 -8.12 -0.71 6.41
C ALA A 66 -7.57 -1.84 7.26
N LEU A 67 -7.66 -3.07 6.75
CA LEU A 67 -7.17 -4.23 7.48
C LEU A 67 -5.65 -4.21 7.56
N LEU A 68 -5.00 -3.88 6.46
CA LEU A 68 -3.54 -3.84 6.43
C LEU A 68 -3.03 -2.74 7.35
N GLU A 69 -2.04 -3.08 8.17
CA GLU A 69 -1.48 -2.09 9.09
C GLU A 69 -0.52 -1.18 8.36
N VAL A 70 -0.91 0.09 8.23
CA VAL A 70 -0.07 1.09 7.55
C VAL A 70 0.09 2.34 8.41
N GLU A 71 1.12 3.12 8.10
CA GLU A 71 1.39 4.35 8.87
C GLU A 71 1.93 5.44 7.94
N ALA A 72 1.31 6.61 8.00
CA ALA A 72 1.75 7.73 7.17
C ALA A 72 3.13 8.20 7.63
N VAL A 73 4.03 8.39 6.67
CA VAL A 73 5.39 8.83 6.98
C VAL A 73 5.44 10.35 7.00
N SER A 74 6.05 10.91 8.05
CA SER A 74 6.16 12.36 8.17
C SER A 74 7.46 12.85 7.53
N SER A 75 7.81 12.28 6.38
CA SER A 75 9.03 12.67 5.67
C SER A 75 8.74 12.87 4.19
N LEU A 76 9.38 13.88 3.60
CA LEU A 76 9.18 14.16 2.19
C LEU A 76 9.65 13.00 1.33
N GLU A 77 10.81 12.45 1.66
CA GLU A 77 11.37 11.33 0.91
C GLU A 77 11.25 11.59 -0.59
N HIS A 78 12.34 12.08 -1.19
CA HIS A 78 12.35 12.37 -2.61
C HIS A 78 12.50 11.09 -3.41
N HIS A 79 11.62 10.88 -4.38
CA HIS A 79 11.67 9.69 -5.22
C HIS A 79 12.96 9.65 -6.03
N HIS A 80 12.92 10.21 -7.23
CA HIS A 80 14.09 10.23 -8.09
C HIS A 80 13.95 11.31 -9.16
N HIS A 81 13.00 11.09 -10.07
CA HIS A 81 12.77 12.05 -11.16
C HIS A 81 12.00 13.26 -10.64
N HIS A 82 12.38 14.44 -11.12
CA HIS A 82 11.73 15.68 -10.70
C HIS A 82 10.48 15.93 -11.54
N HIS A 83 9.36 16.17 -10.88
CA HIS A 83 8.09 16.42 -11.57
C HIS A 83 7.07 17.01 -10.61
N MET A 1 -9.99 12.72 5.03
CA MET A 1 -9.34 12.71 3.70
C MET A 1 -8.24 11.64 3.68
N GLN A 2 -8.51 10.50 4.30
CA GLN A 2 -7.53 9.42 4.36
C GLN A 2 -7.22 8.90 2.97
N TYR A 3 -8.27 8.54 2.23
CA TYR A 3 -8.10 8.02 0.88
C TYR A 3 -8.45 9.09 -0.14
N THR A 4 -7.60 9.26 -1.15
CA THR A 4 -7.84 10.27 -2.18
C THR A 4 -7.56 9.69 -3.57
N PRO A 5 -8.15 10.25 -4.61
CA PRO A 5 -7.94 9.75 -6.00
C PRO A 5 -6.46 9.60 -6.36
N ASP A 6 -5.62 10.51 -5.84
CA ASP A 6 -4.19 10.48 -6.14
C ASP A 6 -3.39 10.70 -4.86
N THR A 7 -2.96 9.61 -4.23
CA THR A 7 -2.18 9.71 -3.00
C THR A 7 -0.95 8.82 -3.08
N ALA A 8 0.21 9.38 -2.76
CA ALA A 8 1.46 8.62 -2.78
C ALA A 8 1.69 7.96 -1.44
N TRP A 9 1.42 6.67 -1.37
CA TRP A 9 1.58 5.91 -0.13
C TRP A 9 2.85 5.07 -0.19
N LYS A 10 3.51 4.96 0.96
CA LYS A 10 4.75 4.17 1.05
C LYS A 10 4.43 2.78 1.56
N ILE A 11 5.09 1.77 1.01
CA ILE A 11 4.88 0.38 1.40
C ILE A 11 5.93 -0.05 2.42
N THR A 12 5.47 -0.48 3.60
CA THR A 12 6.39 -0.93 4.66
C THR A 12 6.29 -2.43 4.85
N GLY A 13 5.07 -2.94 4.89
CA GLY A 13 4.84 -4.37 5.06
C GLY A 13 3.38 -4.67 5.37
N PHE A 14 3.07 -5.95 5.57
CA PHE A 14 1.70 -6.38 5.88
C PHE A 14 1.52 -6.57 7.38
N SER A 15 0.29 -6.38 7.85
CA SER A 15 -0.02 -6.55 9.28
C SER A 15 -0.18 -8.02 9.62
N ARG A 16 -0.25 -8.32 10.92
CA ARG A 16 -0.42 -9.70 11.37
C ARG A 16 -1.80 -10.22 11.00
N GLU A 17 -2.81 -9.36 11.14
CA GLU A 17 -4.17 -9.74 10.83
C GLU A 17 -4.32 -10.01 9.33
N ILE A 18 -3.33 -9.59 8.56
CA ILE A 18 -3.37 -9.79 7.11
C ILE A 18 -3.88 -11.19 6.78
N SER A 19 -4.58 -11.32 5.66
CA SER A 19 -5.12 -12.61 5.27
C SER A 19 -4.06 -13.46 4.56
N PRO A 20 -4.12 -14.77 4.65
CA PRO A 20 -3.13 -15.67 3.98
C PRO A 20 -2.96 -15.35 2.48
N ALA A 21 -4.07 -15.04 1.82
CA ALA A 21 -4.03 -14.74 0.39
C ALA A 21 -3.03 -13.63 0.08
N TYR A 22 -3.21 -12.49 0.72
CA TYR A 22 -2.31 -11.37 0.49
C TYR A 22 -0.89 -11.70 0.96
N ARG A 23 -0.81 -12.26 2.15
CA ARG A 23 0.49 -12.63 2.70
C ARG A 23 1.21 -13.58 1.75
N GLN A 24 0.47 -14.55 1.23
CA GLN A 24 1.03 -15.51 0.29
C GLN A 24 1.48 -14.81 -0.97
N LYS A 25 0.76 -13.75 -1.36
CA LYS A 25 1.11 -13.00 -2.55
C LYS A 25 2.52 -12.44 -2.39
N LEU A 26 2.80 -11.83 -1.24
CA LEU A 26 4.13 -11.28 -0.99
C LEU A 26 5.16 -12.39 -0.98
N LEU A 27 4.83 -13.50 -0.35
CA LEU A 27 5.74 -14.63 -0.29
C LEU A 27 5.93 -15.26 -1.67
N SER A 28 4.87 -15.26 -2.46
CA SER A 28 4.90 -15.87 -3.79
C SER A 28 5.95 -15.21 -4.68
N LEU A 29 6.00 -13.88 -4.65
CA LEU A 29 6.96 -13.12 -5.47
C LEU A 29 7.94 -12.36 -4.56
N GLY A 30 9.00 -11.82 -5.16
CA GLY A 30 9.99 -11.07 -4.41
C GLY A 30 9.63 -9.59 -4.33
N MET A 31 8.51 -9.24 -4.97
CA MET A 31 8.05 -7.84 -4.96
C MET A 31 7.62 -7.44 -3.57
N LEU A 32 8.60 -7.24 -2.69
CA LEU A 32 8.31 -6.87 -1.31
C LEU A 32 8.40 -5.35 -1.14
N PRO A 33 7.95 -4.81 -0.03
CA PRO A 33 7.98 -3.35 0.23
C PRO A 33 9.32 -2.73 -0.12
N GLY A 34 9.43 -1.42 0.10
CA GLY A 34 10.67 -0.70 -0.17
C GLY A 34 10.44 0.38 -1.22
N SER A 35 9.17 0.57 -1.59
CA SER A 35 8.80 1.57 -2.59
C SER A 35 7.45 2.19 -2.26
N SER A 36 6.96 3.05 -3.14
CA SER A 36 5.66 3.72 -2.95
C SER A 36 4.77 3.53 -4.16
N PHE A 37 3.46 3.62 -3.94
CA PHE A 37 2.49 3.46 -5.02
C PHE A 37 1.46 4.59 -4.99
N ASN A 38 0.93 4.91 -6.17
CA ASN A 38 -0.07 5.97 -6.28
C ASN A 38 -1.45 5.38 -6.53
N VAL A 39 -2.46 6.05 -6.00
CA VAL A 39 -3.84 5.59 -6.16
C VAL A 39 -4.40 6.07 -7.48
N VAL A 40 -4.93 5.13 -8.27
CA VAL A 40 -5.52 5.48 -9.56
C VAL A 40 -6.83 6.23 -9.38
N ARG A 41 -7.61 5.83 -8.40
CA ARG A 41 -8.90 6.46 -8.15
C ARG A 41 -9.51 5.93 -6.86
N VAL A 42 -10.35 6.74 -6.22
CA VAL A 42 -11.01 6.32 -4.98
C VAL A 42 -12.51 6.48 -5.11
N ALA A 43 -13.24 5.37 -5.00
CA ALA A 43 -14.71 5.42 -5.13
C ALA A 43 -15.35 5.56 -3.74
N PRO A 44 -15.97 6.70 -3.41
CA PRO A 44 -16.61 6.91 -2.08
C PRO A 44 -17.96 6.18 -1.98
N LEU A 45 -18.46 5.68 -3.10
CA LEU A 45 -19.74 4.99 -3.13
C LEU A 45 -19.71 3.77 -2.21
N GLY A 46 -18.54 3.14 -2.08
CA GLY A 46 -18.39 1.96 -1.22
C GLY A 46 -17.69 0.83 -1.97
N ASP A 47 -16.85 1.20 -2.94
CA ASP A 47 -16.12 0.20 -3.72
C ASP A 47 -14.70 0.03 -3.15
N PRO A 48 -14.06 -1.07 -3.46
CA PRO A 48 -12.67 -1.36 -2.97
C PRO A 48 -11.68 -0.26 -3.38
N ILE A 49 -10.46 -0.34 -2.86
CA ILE A 49 -9.45 0.65 -3.16
C ILE A 49 -8.65 0.21 -4.39
N HIS A 50 -8.74 1.01 -5.45
CA HIS A 50 -8.02 0.71 -6.68
C HIS A 50 -6.72 1.49 -6.71
N ILE A 51 -5.60 0.76 -6.83
CA ILE A 51 -4.29 1.39 -6.88
C ILE A 51 -3.48 0.88 -8.06
N GLU A 52 -2.65 1.75 -8.63
CA GLU A 52 -1.82 1.38 -9.78
C GLU A 52 -0.34 1.59 -9.45
N THR A 53 0.41 0.50 -9.40
CA THR A 53 1.83 0.57 -9.09
C THR A 53 2.64 0.31 -10.36
N ARG A 54 3.69 1.10 -10.55
CA ARG A 54 4.53 0.96 -11.73
C ARG A 54 4.81 -0.51 -12.03
N ARG A 55 5.03 -1.28 -10.97
CA ARG A 55 5.30 -2.70 -11.12
C ARG A 55 4.07 -3.42 -11.66
N VAL A 56 2.91 -3.14 -11.06
CA VAL A 56 1.68 -3.77 -11.49
C VAL A 56 0.48 -3.11 -10.82
N SER A 57 -0.72 -3.52 -11.24
CA SER A 57 -1.94 -2.97 -10.67
C SER A 57 -2.45 -3.88 -9.55
N LEU A 58 -3.18 -3.29 -8.60
CA LEU A 58 -3.73 -4.06 -7.48
C LEU A 58 -4.95 -3.34 -6.91
N VAL A 59 -5.92 -4.12 -6.47
CA VAL A 59 -7.14 -3.55 -5.88
C VAL A 59 -7.53 -4.36 -4.65
N LEU A 60 -7.69 -3.67 -3.52
CA LEU A 60 -8.07 -4.34 -2.26
C LEU A 60 -9.22 -3.59 -1.59
N ARG A 61 -9.64 -4.07 -0.42
CA ARG A 61 -10.74 -3.44 0.31
C ARG A 61 -10.19 -2.47 1.36
N LYS A 62 -10.97 -1.44 1.66
CA LYS A 62 -10.56 -0.44 2.64
C LYS A 62 -9.89 -1.09 3.85
N LYS A 63 -10.49 -2.18 4.32
CA LYS A 63 -9.95 -2.89 5.47
C LYS A 63 -8.52 -3.36 5.19
N ASP A 64 -8.28 -3.83 3.98
CA ASP A 64 -6.97 -4.31 3.60
C ASP A 64 -5.93 -3.19 3.74
N LEU A 65 -6.30 -2.00 3.29
CA LEU A 65 -5.40 -0.85 3.38
C LEU A 65 -5.09 -0.54 4.84
N ALA A 66 -6.12 -0.60 5.68
CA ALA A 66 -5.92 -0.33 7.10
C ALA A 66 -4.91 -1.30 7.69
N LEU A 67 -5.05 -2.59 7.37
CA LEU A 67 -4.13 -3.60 7.88
C LEU A 67 -2.75 -3.42 7.27
N LEU A 68 -2.68 -3.09 5.99
CA LEU A 68 -1.40 -2.91 5.35
C LEU A 68 -0.65 -1.74 5.97
N GLU A 69 0.60 -2.01 6.36
CA GLU A 69 1.39 -0.96 6.99
C GLU A 69 1.93 -0.02 5.91
N VAL A 70 1.32 1.17 5.83
CA VAL A 70 1.72 2.17 4.85
C VAL A 70 2.07 3.49 5.53
N GLU A 71 2.81 4.34 4.83
CA GLU A 71 3.21 5.64 5.39
C GLU A 71 3.20 6.71 4.30
N ALA A 72 2.62 7.86 4.62
CA ALA A 72 2.57 8.95 3.66
C ALA A 72 3.98 9.49 3.41
N VAL A 73 4.34 9.67 2.14
CA VAL A 73 5.65 10.17 1.79
C VAL A 73 5.69 11.68 1.90
N SER A 74 5.02 12.22 2.91
CA SER A 74 4.98 13.67 3.11
C SER A 74 6.19 14.13 3.91
N SER A 75 6.98 13.17 4.41
CA SER A 75 8.15 13.48 5.20
C SER A 75 9.22 12.41 5.01
N LEU A 76 10.48 12.79 5.23
CA LEU A 76 11.60 11.84 5.08
C LEU A 76 12.63 12.07 6.18
N GLU A 77 12.43 11.43 7.32
CA GLU A 77 13.36 11.56 8.44
C GLU A 77 14.41 10.46 8.39
N HIS A 78 14.21 9.49 7.50
CA HIS A 78 15.15 8.38 7.37
C HIS A 78 16.54 8.90 7.01
N HIS A 79 16.58 9.83 6.06
CA HIS A 79 17.86 10.41 5.63
C HIS A 79 18.83 9.31 5.19
N HIS A 80 19.48 8.68 6.17
CA HIS A 80 20.44 7.61 5.88
C HIS A 80 19.89 6.26 6.36
N HIS A 81 20.22 5.21 5.62
CA HIS A 81 19.75 3.87 5.97
C HIS A 81 20.25 3.46 7.35
N HIS A 82 21.53 3.74 7.61
CA HIS A 82 22.14 3.40 8.90
C HIS A 82 22.89 4.60 9.46
N HIS A 83 22.84 4.74 10.79
CA HIS A 83 23.51 5.85 11.46
C HIS A 83 23.09 7.18 10.84
N MET A 1 -12.46 11.43 3.44
CA MET A 1 -11.17 12.17 3.29
C MET A 1 -10.01 11.22 3.57
N GLN A 2 -10.33 10.01 4.01
CA GLN A 2 -9.30 9.01 4.30
C GLN A 2 -8.58 8.58 3.04
N TYR A 3 -9.34 8.02 2.10
CA TYR A 3 -8.77 7.55 0.84
C TYR A 3 -8.68 8.72 -0.14
N THR A 4 -7.55 8.83 -0.83
CA THR A 4 -7.37 9.92 -1.80
C THR A 4 -6.87 9.37 -3.14
N PRO A 5 -7.19 10.01 -4.25
CA PRO A 5 -6.74 9.55 -5.59
C PRO A 5 -5.24 9.28 -5.66
N ASP A 6 -4.45 10.25 -5.19
CA ASP A 6 -3.00 10.11 -5.22
C ASP A 6 -2.37 10.53 -3.90
N THR A 7 -1.98 9.53 -3.11
CA THR A 7 -1.34 9.78 -1.81
C THR A 7 -0.16 8.84 -1.60
N ALA A 8 0.87 9.35 -0.95
CA ALA A 8 2.07 8.54 -0.68
C ALA A 8 1.91 7.85 0.67
N TRP A 9 1.58 6.56 0.63
CA TRP A 9 1.38 5.78 1.85
C TRP A 9 2.61 4.94 2.14
N LYS A 10 2.98 4.85 3.43
CA LYS A 10 4.14 4.06 3.82
C LYS A 10 3.70 2.66 4.23
N ILE A 11 4.38 1.66 3.68
CA ILE A 11 4.03 0.27 3.99
C ILE A 11 4.70 -0.17 5.29
N THR A 12 3.89 -0.58 6.27
CA THR A 12 4.42 -1.03 7.55
C THR A 12 4.40 -2.54 7.65
N GLY A 13 3.25 -3.14 7.33
CA GLY A 13 3.11 -4.59 7.39
C GLY A 13 1.63 -4.99 7.39
N PHE A 14 1.39 -6.28 7.23
CA PHE A 14 0.02 -6.82 7.21
C PHE A 14 -0.47 -7.09 8.64
N SER A 15 -1.78 -7.13 8.81
CA SER A 15 -2.37 -7.39 10.12
C SER A 15 -2.35 -8.87 10.44
N ARG A 16 -2.66 -9.21 11.68
CA ARG A 16 -2.67 -10.61 12.10
C ARG A 16 -3.84 -11.35 11.46
N GLU A 17 -4.99 -10.69 11.37
CA GLU A 17 -6.18 -11.30 10.78
C GLU A 17 -6.05 -11.37 9.26
N ILE A 18 -5.00 -10.74 8.74
CA ILE A 18 -4.77 -10.72 7.29
C ILE A 18 -5.05 -12.10 6.70
N SER A 19 -5.50 -12.12 5.45
CA SER A 19 -5.80 -13.39 4.78
C SER A 19 -4.50 -14.07 4.35
N PRO A 20 -4.51 -15.38 4.22
CA PRO A 20 -3.31 -16.16 3.80
C PRO A 20 -2.88 -15.84 2.37
N ALA A 21 -3.83 -15.40 1.55
CA ALA A 21 -3.55 -15.08 0.16
C ALA A 21 -2.67 -13.84 0.05
N TYR A 22 -3.13 -12.74 0.64
CA TYR A 22 -2.38 -11.49 0.59
C TYR A 22 -1.04 -11.65 1.32
N ARG A 23 -1.09 -12.25 2.50
CA ARG A 23 0.12 -12.45 3.28
C ARG A 23 1.14 -13.25 2.49
N GLN A 24 0.68 -14.32 1.85
CA GLN A 24 1.55 -15.16 1.04
C GLN A 24 2.12 -14.34 -0.10
N LYS A 25 1.32 -13.40 -0.60
CA LYS A 25 1.76 -12.54 -1.69
C LYS A 25 3.00 -11.78 -1.26
N LEU A 26 2.95 -11.19 -0.07
CA LEU A 26 4.10 -10.44 0.44
C LEU A 26 5.30 -11.36 0.59
N LEU A 27 5.06 -12.59 1.05
CA LEU A 27 6.15 -13.53 1.24
C LEU A 27 6.86 -13.79 -0.09
N SER A 28 6.08 -13.93 -1.15
CA SER A 28 6.65 -14.19 -2.48
C SER A 28 7.09 -12.90 -3.16
N LEU A 29 6.73 -11.76 -2.57
CA LEU A 29 7.08 -10.47 -3.14
C LEU A 29 8.37 -9.95 -2.51
N GLY A 30 9.35 -9.65 -3.35
CA GLY A 30 10.63 -9.14 -2.87
C GLY A 30 10.50 -7.73 -2.32
N MET A 31 9.41 -7.05 -2.69
CA MET A 31 9.16 -5.68 -2.22
C MET A 31 8.37 -5.74 -0.93
N LEU A 32 9.05 -6.13 0.12
CA LEU A 32 8.43 -6.26 1.43
C LEU A 32 8.34 -4.89 2.10
N PRO A 33 7.44 -4.72 3.04
CA PRO A 33 7.25 -3.42 3.74
C PRO A 33 8.57 -2.70 4.00
N GLY A 34 8.48 -1.41 4.28
CA GLY A 34 9.65 -0.59 4.55
C GLY A 34 9.81 0.50 3.50
N SER A 35 8.84 0.58 2.59
CA SER A 35 8.86 1.58 1.52
C SER A 35 7.53 2.33 1.47
N SER A 36 7.22 2.89 0.31
CA SER A 36 5.97 3.64 0.13
C SER A 36 5.43 3.46 -1.29
N PHE A 37 4.11 3.56 -1.43
CA PHE A 37 3.46 3.39 -2.73
C PHE A 37 2.46 4.52 -2.97
N ASN A 38 2.13 4.75 -4.24
CA ASN A 38 1.18 5.80 -4.61
C ASN A 38 -0.12 5.19 -5.13
N VAL A 39 -1.23 5.88 -4.86
CA VAL A 39 -2.54 5.41 -5.30
C VAL A 39 -2.87 5.99 -6.68
N VAL A 40 -3.18 5.11 -7.62
CA VAL A 40 -3.52 5.54 -8.97
C VAL A 40 -4.83 6.33 -8.97
N ARG A 41 -5.81 5.84 -8.23
CA ARG A 41 -7.10 6.50 -8.16
C ARG A 41 -7.98 5.82 -7.12
N VAL A 42 -8.97 6.54 -6.61
CA VAL A 42 -9.89 5.99 -5.62
C VAL A 42 -11.33 6.24 -6.06
N ALA A 43 -12.08 5.17 -6.31
CA ALA A 43 -13.48 5.30 -6.74
C ALA A 43 -14.42 5.23 -5.53
N PRO A 44 -15.07 6.32 -5.15
CA PRO A 44 -16.01 6.34 -3.99
C PRO A 44 -17.35 5.69 -4.34
N LEU A 45 -17.58 5.46 -5.62
CA LEU A 45 -18.84 4.89 -6.08
C LEU A 45 -19.11 3.54 -5.39
N GLY A 46 -18.05 2.82 -5.07
CA GLY A 46 -18.19 1.52 -4.41
C GLY A 46 -17.29 0.48 -5.05
N ASP A 47 -16.23 0.95 -5.71
CA ASP A 47 -15.28 0.04 -6.37
C ASP A 47 -14.07 -0.19 -5.47
N PRO A 48 -13.34 -1.25 -5.70
CA PRO A 48 -12.13 -1.60 -4.88
C PRO A 48 -11.08 -0.50 -4.94
N ILE A 49 -10.02 -0.65 -4.15
CA ILE A 49 -8.96 0.34 -4.10
C ILE A 49 -7.86 -0.05 -5.08
N HIS A 50 -7.67 0.78 -6.10
CA HIS A 50 -6.64 0.53 -7.10
C HIS A 50 -5.38 1.31 -6.76
N ILE A 51 -4.27 0.60 -6.59
CA ILE A 51 -2.99 1.24 -6.27
C ILE A 51 -1.92 0.82 -7.26
N GLU A 52 -0.96 1.70 -7.52
CA GLU A 52 0.13 1.41 -8.44
C GLU A 52 1.47 1.70 -7.81
N THR A 53 2.42 0.77 -7.98
CA THR A 53 3.76 0.94 -7.42
C THR A 53 4.80 0.76 -8.51
N ARG A 54 5.88 1.52 -8.40
CA ARG A 54 6.95 1.46 -9.39
C ARG A 54 7.34 0.01 -9.66
N ARG A 55 7.37 -0.78 -8.60
CA ARG A 55 7.74 -2.18 -8.74
C ARG A 55 6.67 -2.94 -9.51
N VAL A 56 5.40 -2.69 -9.19
CA VAL A 56 4.31 -3.37 -9.87
C VAL A 56 2.98 -2.74 -9.50
N SER A 57 1.91 -3.24 -10.11
CA SER A 57 0.57 -2.72 -9.82
C SER A 57 -0.21 -3.73 -8.98
N LEU A 58 -1.11 -3.21 -8.14
CA LEU A 58 -1.92 -4.08 -7.27
C LEU A 58 -3.24 -3.40 -6.95
N VAL A 59 -4.28 -4.20 -6.75
CA VAL A 59 -5.61 -3.69 -6.41
C VAL A 59 -6.13 -4.41 -5.17
N LEU A 60 -6.57 -3.64 -4.18
CA LEU A 60 -7.08 -4.21 -2.94
C LEU A 60 -8.40 -3.54 -2.56
N ARG A 61 -9.16 -4.18 -1.68
CA ARG A 61 -10.43 -3.64 -1.23
C ARG A 61 -10.24 -2.67 -0.07
N LYS A 62 -11.31 -2.00 0.31
CA LYS A 62 -11.25 -1.03 1.40
C LYS A 62 -10.86 -1.72 2.71
N LYS A 63 -11.40 -2.91 2.93
CA LYS A 63 -11.10 -3.66 4.14
C LYS A 63 -9.61 -3.96 4.24
N ASP A 64 -9.01 -4.27 3.09
CA ASP A 64 -7.58 -4.57 3.06
C ASP A 64 -6.78 -3.40 3.61
N LEU A 65 -7.10 -2.19 3.15
CA LEU A 65 -6.41 -1.01 3.62
C LEU A 65 -6.63 -0.83 5.11
N ALA A 66 -7.85 -1.07 5.57
CA ALA A 66 -8.15 -0.93 6.99
C ALA A 66 -7.21 -1.81 7.83
N LEU A 67 -7.17 -3.09 7.50
CA LEU A 67 -6.30 -4.02 8.23
C LEU A 67 -4.82 -3.75 7.94
N LEU A 68 -4.51 -3.47 6.67
CA LEU A 68 -3.13 -3.20 6.29
C LEU A 68 -2.59 -2.02 7.07
N GLU A 69 -1.41 -2.19 7.66
CA GLU A 69 -0.81 -1.11 8.44
C GLU A 69 -0.05 -0.15 7.52
N VAL A 70 -0.55 1.07 7.43
CA VAL A 70 0.08 2.09 6.58
C VAL A 70 0.25 3.40 7.33
N GLU A 71 1.18 4.22 6.86
CA GLU A 71 1.44 5.52 7.49
C GLU A 71 1.78 6.58 6.45
N ALA A 72 1.30 7.79 6.65
CA ALA A 72 1.56 8.89 5.73
C ALA A 72 3.02 9.30 5.82
N VAL A 73 3.59 9.70 4.69
CA VAL A 73 5.00 10.12 4.63
C VAL A 73 5.09 11.64 4.56
N SER A 74 5.89 12.22 5.45
CA SER A 74 6.05 13.67 5.48
C SER A 74 7.20 14.05 6.41
N SER A 75 8.43 13.80 5.97
CA SER A 75 9.60 14.12 6.77
C SER A 75 10.83 14.28 5.88
N LEU A 76 11.91 14.81 6.45
CA LEU A 76 13.14 15.01 5.69
C LEU A 76 13.68 13.68 5.18
N GLU A 77 13.68 12.68 6.06
CA GLU A 77 14.19 11.35 5.70
C GLU A 77 15.64 11.45 5.25
N HIS A 78 16.39 10.37 5.44
CA HIS A 78 17.79 10.34 5.05
C HIS A 78 17.94 10.59 3.55
N HIS A 79 18.36 9.56 2.82
CA HIS A 79 18.54 9.68 1.37
C HIS A 79 18.55 8.30 0.73
N HIS A 80 17.88 8.18 -0.41
CA HIS A 80 17.82 6.91 -1.13
C HIS A 80 17.79 7.15 -2.63
N HIS A 81 18.54 6.33 -3.37
CA HIS A 81 18.61 6.47 -4.82
C HIS A 81 18.92 5.12 -5.46
N HIS A 82 18.66 5.01 -6.77
CA HIS A 82 18.93 3.77 -7.49
C HIS A 82 18.49 2.56 -6.67
N HIS A 83 17.25 2.13 -6.87
CA HIS A 83 16.72 0.98 -6.14
C HIS A 83 17.74 -0.16 -6.12
N MET A 1 -12.92 12.00 2.59
CA MET A 1 -12.62 10.93 3.57
C MET A 1 -11.11 10.70 3.63
N GLN A 2 -10.71 9.66 4.35
CA GLN A 2 -9.29 9.34 4.48
C GLN A 2 -8.70 8.94 3.13
N TYR A 3 -9.47 8.16 2.37
CA TYR A 3 -9.01 7.71 1.06
C TYR A 3 -9.03 8.87 0.07
N THR A 4 -7.97 8.97 -0.73
CA THR A 4 -7.87 10.07 -1.70
C THR A 4 -7.38 9.53 -3.05
N PRO A 5 -7.69 10.20 -4.13
CA PRO A 5 -7.28 9.78 -5.50
C PRO A 5 -5.77 9.87 -5.71
N ASP A 6 -5.11 10.72 -4.91
CA ASP A 6 -3.66 10.90 -5.02
C ASP A 6 -3.02 10.97 -3.65
N THR A 7 -2.55 9.83 -3.15
CA THR A 7 -1.90 9.78 -1.84
C THR A 7 -0.68 8.87 -1.89
N ALA A 8 0.44 9.36 -1.38
CA ALA A 8 1.67 8.59 -1.36
C ALA A 8 1.80 7.87 -0.03
N TRP A 9 1.49 6.57 -0.02
CA TRP A 9 1.54 5.77 1.21
C TRP A 9 2.81 4.93 1.22
N LYS A 10 3.36 4.74 2.42
CA LYS A 10 4.57 3.94 2.58
C LYS A 10 4.22 2.56 3.12
N ILE A 11 4.72 1.53 2.44
CA ILE A 11 4.44 0.16 2.85
C ILE A 11 5.36 -0.26 4.00
N THR A 12 4.76 -0.69 5.11
CA THR A 12 5.55 -1.11 6.27
C THR A 12 5.40 -2.62 6.49
N GLY A 13 4.40 -3.22 5.84
CA GLY A 13 4.17 -4.66 5.96
C GLY A 13 2.68 -4.97 6.03
N PHE A 14 2.34 -6.25 6.11
CA PHE A 14 0.94 -6.69 6.19
C PHE A 14 0.57 -6.98 7.64
N SER A 15 -0.72 -6.82 7.95
CA SER A 15 -1.20 -7.07 9.30
C SER A 15 -1.40 -8.56 9.54
N ARG A 16 -1.61 -8.94 10.79
CA ARG A 16 -1.82 -10.34 11.12
C ARG A 16 -3.15 -10.83 10.56
N GLU A 17 -4.17 -9.99 10.64
CA GLU A 17 -5.50 -10.33 10.14
C GLU A 17 -5.46 -10.54 8.63
N ILE A 18 -4.40 -10.05 8.00
CA ILE A 18 -4.27 -10.18 6.56
C ILE A 18 -4.69 -11.57 6.10
N SER A 19 -5.23 -11.65 4.89
CA SER A 19 -5.68 -12.94 4.38
C SER A 19 -4.50 -13.73 3.80
N PRO A 20 -4.50 -15.05 3.91
CA PRO A 20 -3.39 -15.90 3.36
C PRO A 20 -3.05 -15.55 1.91
N ALA A 21 -4.08 -15.31 1.09
CA ALA A 21 -3.86 -14.99 -0.31
C ALA A 21 -2.91 -13.81 -0.47
N TYR A 22 -3.26 -12.68 0.15
CA TYR A 22 -2.42 -11.50 0.06
C TYR A 22 -1.05 -11.75 0.66
N ARG A 23 -1.04 -12.37 1.83
CA ARG A 23 0.21 -12.67 2.50
C ARG A 23 1.10 -13.52 1.60
N GLN A 24 0.49 -14.52 0.97
CA GLN A 24 1.23 -15.40 0.06
C GLN A 24 1.83 -14.60 -1.08
N LYS A 25 1.08 -13.61 -1.57
CA LYS A 25 1.58 -12.79 -2.67
C LYS A 25 2.90 -12.13 -2.25
N LEU A 26 2.94 -11.62 -1.02
CA LEU A 26 4.17 -10.99 -0.54
C LEU A 26 5.30 -12.03 -0.45
N LEU A 27 4.97 -13.22 0.00
CA LEU A 27 5.97 -14.28 0.13
C LEU A 27 6.22 -14.96 -1.22
N SER A 28 5.28 -14.78 -2.15
CA SER A 28 5.40 -15.39 -3.47
C SER A 28 6.65 -14.89 -4.19
N LEU A 29 6.87 -13.57 -4.12
CA LEU A 29 8.03 -12.95 -4.78
C LEU A 29 8.97 -12.35 -3.73
N GLY A 30 10.24 -12.23 -4.09
CA GLY A 30 11.25 -11.67 -3.19
C GLY A 30 11.13 -10.14 -3.12
N MET A 31 10.09 -9.61 -3.76
CA MET A 31 9.87 -8.17 -3.78
C MET A 31 9.00 -7.78 -2.59
N LEU A 32 9.60 -7.78 -1.41
CA LEU A 32 8.87 -7.45 -0.19
C LEU A 32 8.79 -5.92 -0.02
N PRO A 33 8.01 -5.45 0.93
CA PRO A 33 7.86 -3.99 1.19
C PRO A 33 9.19 -3.26 1.25
N GLY A 34 9.15 -2.00 1.64
CA GLY A 34 10.36 -1.19 1.75
C GLY A 34 10.29 0.00 0.80
N SER A 35 9.11 0.23 0.24
CA SER A 35 8.90 1.34 -0.69
C SER A 35 7.55 2.00 -0.43
N SER A 36 7.02 2.67 -1.45
CA SER A 36 5.74 3.37 -1.33
C SER A 36 4.93 3.21 -2.61
N PHE A 37 3.63 3.47 -2.52
CA PHE A 37 2.74 3.37 -3.67
C PHE A 37 1.74 4.52 -3.69
N ASN A 38 1.15 4.77 -4.85
CA ASN A 38 0.18 5.84 -5.00
C ASN A 38 -1.18 5.28 -5.43
N VAL A 39 -2.24 5.98 -5.05
CA VAL A 39 -3.59 5.54 -5.39
C VAL A 39 -3.99 6.10 -6.75
N VAL A 40 -4.44 5.23 -7.64
CA VAL A 40 -4.87 5.64 -8.97
C VAL A 40 -6.16 6.47 -8.90
N ARG A 41 -7.09 6.03 -8.06
CA ARG A 41 -8.36 6.71 -7.91
C ARG A 41 -9.16 6.09 -6.78
N VAL A 42 -10.15 6.81 -6.29
CA VAL A 42 -11.01 6.31 -5.21
C VAL A 42 -12.47 6.48 -5.59
N ALA A 43 -13.22 5.38 -5.58
CA ALA A 43 -14.64 5.45 -5.92
C ALA A 43 -15.49 5.61 -4.65
N PRO A 44 -16.13 6.75 -4.42
CA PRO A 44 -16.97 6.98 -3.22
C PRO A 44 -18.33 6.28 -3.32
N LEU A 45 -18.65 5.79 -4.51
CA LEU A 45 -19.93 5.12 -4.73
C LEU A 45 -20.06 3.89 -3.85
N GLY A 46 -18.94 3.24 -3.54
CA GLY A 46 -18.95 2.05 -2.70
C GLY A 46 -18.14 0.93 -3.33
N ASP A 47 -17.19 1.30 -4.18
CA ASP A 47 -16.35 0.31 -4.86
C ASP A 47 -15.02 0.16 -4.10
N PRO A 48 -14.33 -0.92 -4.31
CA PRO A 48 -13.03 -1.19 -3.64
C PRO A 48 -12.01 -0.09 -3.90
N ILE A 49 -10.87 -0.17 -3.24
CA ILE A 49 -9.82 0.84 -3.40
C ILE A 49 -8.83 0.39 -4.47
N HIS A 50 -8.80 1.12 -5.58
CA HIS A 50 -7.90 0.79 -6.67
C HIS A 50 -6.58 1.54 -6.51
N ILE A 51 -5.49 0.81 -6.44
CA ILE A 51 -4.16 1.41 -6.28
C ILE A 51 -3.21 0.91 -7.37
N GLU A 52 -2.23 1.74 -7.71
CA GLU A 52 -1.25 1.38 -8.74
C GLU A 52 0.16 1.63 -8.23
N THR A 53 1.04 0.66 -8.45
CA THR A 53 2.44 0.78 -8.01
C THR A 53 3.38 0.52 -9.17
N ARG A 54 4.47 1.29 -9.21
CA ARG A 54 5.45 1.13 -10.28
C ARG A 54 5.68 -0.34 -10.58
N ARG A 55 5.65 -1.17 -9.54
CA ARG A 55 5.85 -2.60 -9.70
C ARG A 55 4.71 -3.22 -10.52
N VAL A 56 3.48 -2.93 -10.12
CA VAL A 56 2.31 -3.47 -10.82
C VAL A 56 1.03 -2.85 -10.30
N SER A 57 -0.08 -3.18 -10.94
CA SER A 57 -1.37 -2.68 -10.51
C SER A 57 -2.00 -3.62 -9.48
N LEU A 58 -2.79 -3.06 -8.58
CA LEU A 58 -3.45 -3.87 -7.55
C LEU A 58 -4.66 -3.12 -6.98
N VAL A 59 -5.70 -3.86 -6.63
CA VAL A 59 -6.91 -3.27 -6.06
C VAL A 59 -7.24 -3.95 -4.74
N LEU A 60 -7.47 -3.15 -3.71
CA LEU A 60 -7.80 -3.68 -2.38
C LEU A 60 -9.00 -2.95 -1.78
N ARG A 61 -9.62 -3.56 -0.78
CA ARG A 61 -10.78 -2.97 -0.12
C ARG A 61 -10.34 -2.01 0.98
N LYS A 62 -11.27 -1.18 1.44
CA LYS A 62 -10.98 -0.22 2.49
C LYS A 62 -10.49 -0.94 3.74
N LYS A 63 -11.05 -2.11 4.01
CA LYS A 63 -10.67 -2.89 5.18
C LYS A 63 -9.19 -3.29 5.11
N ASP A 64 -8.74 -3.66 3.92
CA ASP A 64 -7.35 -4.05 3.73
C ASP A 64 -6.41 -2.90 4.09
N LEU A 65 -6.72 -1.70 3.60
CA LEU A 65 -5.90 -0.54 3.88
C LEU A 65 -5.90 -0.24 5.38
N ALA A 66 -7.06 -0.39 6.00
CA ALA A 66 -7.18 -0.14 7.43
C ALA A 66 -6.31 -1.12 8.22
N LEU A 67 -6.26 -2.36 7.76
CA LEU A 67 -5.46 -3.39 8.44
C LEU A 67 -4.00 -3.30 8.02
N LEU A 68 -3.75 -3.37 6.73
CA LEU A 68 -2.38 -3.31 6.20
C LEU A 68 -1.60 -2.19 6.88
N GLU A 69 -0.36 -2.47 7.23
CA GLU A 69 0.48 -1.48 7.89
C GLU A 69 1.05 -0.51 6.88
N VAL A 70 0.59 0.74 6.94
CA VAL A 70 1.05 1.78 6.01
C VAL A 70 1.33 3.07 6.78
N GLU A 71 2.14 3.93 6.17
CA GLU A 71 2.49 5.22 6.78
C GLU A 71 2.55 6.31 5.74
N ALA A 72 1.90 7.44 6.03
CA ALA A 72 1.90 8.57 5.12
C ALA A 72 3.29 9.20 5.05
N VAL A 73 3.68 9.64 3.86
CA VAL A 73 5.00 10.26 3.68
C VAL A 73 4.85 11.76 3.52
N SER A 74 5.53 12.52 4.38
CA SER A 74 5.48 13.98 4.34
C SER A 74 6.89 14.56 4.22
N SER A 75 7.89 13.69 4.21
CA SER A 75 9.28 14.14 4.11
C SER A 75 9.83 13.84 2.71
N LEU A 76 10.16 14.89 1.98
CA LEU A 76 10.69 14.72 0.63
C LEU A 76 12.04 14.01 0.68
N GLU A 77 12.87 14.39 1.64
CA GLU A 77 14.19 13.78 1.78
C GLU A 77 14.12 12.27 1.56
N HIS A 78 15.26 11.67 1.23
CA HIS A 78 15.32 10.24 0.98
C HIS A 78 16.70 9.69 1.34
N HIS A 79 16.78 8.37 1.44
CA HIS A 79 18.05 7.72 1.78
C HIS A 79 18.59 8.29 3.10
N HIS A 80 19.53 7.56 3.70
CA HIS A 80 20.13 7.99 4.96
C HIS A 80 21.65 7.88 4.90
N HIS A 81 22.18 6.80 5.47
CA HIS A 81 23.63 6.57 5.48
C HIS A 81 23.94 5.09 5.26
N HIS A 82 25.11 4.82 4.68
CA HIS A 82 25.52 3.45 4.43
C HIS A 82 25.60 2.65 5.72
N HIS A 83 26.21 3.26 6.74
CA HIS A 83 26.35 2.60 8.04
C HIS A 83 25.06 2.71 8.84
N MET A 1 -12.22 10.66 3.70
CA MET A 1 -11.86 10.70 5.14
C MET A 1 -10.35 10.51 5.29
N GLN A 2 -9.81 9.57 4.53
CA GLN A 2 -8.37 9.29 4.58
C GLN A 2 -7.86 8.85 3.22
N TYR A 3 -8.73 8.21 2.44
CA TYR A 3 -8.33 7.74 1.11
C TYR A 3 -8.36 8.89 0.13
N THR A 4 -7.34 8.97 -0.72
CA THR A 4 -7.26 10.05 -1.71
C THR A 4 -6.78 9.49 -3.06
N PRO A 5 -7.09 10.18 -4.13
CA PRO A 5 -6.70 9.75 -5.51
C PRO A 5 -5.18 9.78 -5.72
N ASP A 6 -4.50 10.67 -5.00
CA ASP A 6 -3.05 10.80 -5.13
C ASP A 6 -2.40 10.92 -3.75
N THR A 7 -1.95 9.79 -3.21
CA THR A 7 -1.31 9.79 -1.90
C THR A 7 -0.10 8.85 -1.91
N ALA A 8 1.04 9.37 -1.48
CA ALA A 8 2.25 8.55 -1.42
C ALA A 8 2.32 7.85 -0.08
N TRP A 9 1.96 6.56 -0.07
CA TRP A 9 1.96 5.78 1.17
C TRP A 9 3.22 4.93 1.26
N LYS A 10 3.78 4.84 2.47
CA LYS A 10 4.99 4.05 2.68
C LYS A 10 4.62 2.68 3.24
N ILE A 11 5.00 1.64 2.51
CA ILE A 11 4.68 0.28 2.93
C ILE A 11 5.58 -0.14 4.09
N THR A 12 4.96 -0.65 5.16
CA THR A 12 5.71 -1.09 6.33
C THR A 12 5.65 -2.61 6.46
N GLY A 13 4.46 -3.17 6.33
CA GLY A 13 4.29 -4.61 6.43
C GLY A 13 2.81 -4.99 6.48
N PHE A 14 2.53 -6.27 6.29
CA PHE A 14 1.15 -6.78 6.31
C PHE A 14 0.74 -7.12 7.75
N SER A 15 -0.57 -7.12 7.99
CA SER A 15 -1.09 -7.44 9.32
C SER A 15 -0.97 -8.94 9.59
N ARG A 16 -1.09 -9.31 10.85
CA ARG A 16 -0.99 -10.69 11.24
C ARG A 16 -2.20 -11.48 10.74
N GLU A 17 -3.38 -10.86 10.84
CA GLU A 17 -4.61 -11.50 10.41
C GLU A 17 -4.63 -11.63 8.89
N ILE A 18 -3.71 -10.95 8.22
CA ILE A 18 -3.63 -10.99 6.77
C ILE A 18 -3.86 -12.42 6.26
N SER A 19 -4.48 -12.53 5.09
CA SER A 19 -4.75 -13.84 4.50
C SER A 19 -3.48 -14.43 3.92
N PRO A 20 -3.44 -15.74 3.78
CA PRO A 20 -2.24 -16.45 3.20
C PRO A 20 -2.01 -16.06 1.75
N ALA A 21 -3.08 -15.73 1.03
CA ALA A 21 -2.96 -15.37 -0.37
C ALA A 21 -2.14 -14.09 -0.54
N TYR A 22 -2.58 -13.01 0.12
CA TYR A 22 -1.88 -11.74 0.04
C TYR A 22 -0.47 -11.87 0.59
N ARG A 23 -0.35 -12.52 1.72
CA ARG A 23 0.94 -12.69 2.35
C ARG A 23 1.89 -13.41 1.38
N GLN A 24 1.38 -14.43 0.71
CA GLN A 24 2.17 -15.18 -0.24
C GLN A 24 2.63 -14.28 -1.38
N LYS A 25 1.76 -13.37 -1.80
CA LYS A 25 2.12 -12.45 -2.88
C LYS A 25 3.34 -11.63 -2.47
N LEU A 26 3.35 -11.19 -1.23
CA LEU A 26 4.49 -10.41 -0.74
C LEU A 26 5.76 -11.26 -0.75
N LEU A 27 5.62 -12.52 -0.39
CA LEU A 27 6.75 -13.42 -0.35
C LEU A 27 7.05 -13.97 -1.74
N SER A 28 6.04 -14.01 -2.60
CA SER A 28 6.19 -14.56 -3.94
C SER A 28 7.23 -13.77 -4.75
N LEU A 29 7.13 -12.45 -4.68
CA LEU A 29 8.07 -11.57 -5.40
C LEU A 29 9.09 -11.00 -4.43
N GLY A 30 10.20 -10.49 -4.98
CA GLY A 30 11.26 -9.90 -4.16
C GLY A 30 10.95 -8.44 -3.84
N MET A 31 9.67 -8.11 -3.72
CA MET A 31 9.23 -6.75 -3.40
C MET A 31 8.63 -6.72 -2.01
N LEU A 32 9.48 -6.83 -1.01
CA LEU A 32 9.02 -6.84 0.36
C LEU A 32 8.81 -5.41 0.86
N PRO A 33 7.93 -5.22 1.83
CA PRO A 33 7.64 -3.87 2.38
C PRO A 33 8.90 -3.04 2.54
N GLY A 34 8.71 -1.75 2.80
CA GLY A 34 9.83 -0.84 3.00
C GLY A 34 9.83 0.25 1.93
N SER A 35 9.07 0.01 0.85
CA SER A 35 8.96 0.97 -0.25
C SER A 35 7.68 1.77 -0.13
N SER A 36 7.36 2.54 -1.17
CA SER A 36 6.15 3.36 -1.18
C SER A 36 5.41 3.19 -2.50
N PHE A 37 4.11 3.46 -2.47
CA PHE A 37 3.27 3.33 -3.66
C PHE A 37 2.28 4.49 -3.74
N ASN A 38 1.82 4.78 -4.96
CA ASN A 38 0.87 5.86 -5.18
C ASN A 38 -0.49 5.30 -5.60
N VAL A 39 -1.55 5.99 -5.19
CA VAL A 39 -2.90 5.56 -5.51
C VAL A 39 -3.32 6.11 -6.87
N VAL A 40 -3.82 5.23 -7.73
CA VAL A 40 -4.26 5.65 -9.06
C VAL A 40 -5.54 6.49 -8.98
N ARG A 41 -6.45 6.09 -8.10
CA ARG A 41 -7.72 6.79 -7.95
C ARG A 41 -8.49 6.21 -6.78
N VAL A 42 -9.47 6.97 -6.29
CA VAL A 42 -10.30 6.52 -5.17
C VAL A 42 -11.76 6.81 -5.47
N ALA A 43 -12.54 5.75 -5.70
CA ALA A 43 -13.97 5.93 -6.01
C ALA A 43 -14.81 5.82 -4.72
N PRO A 44 -15.42 6.90 -4.26
CA PRO A 44 -16.26 6.88 -3.02
C PRO A 44 -17.63 6.23 -3.26
N LEU A 45 -17.96 6.02 -4.53
CA LEU A 45 -19.24 5.42 -4.89
C LEU A 45 -19.43 4.08 -4.18
N GLY A 46 -18.41 3.65 -3.45
CA GLY A 46 -18.48 2.39 -2.73
C GLY A 46 -17.68 1.30 -3.46
N ASP A 47 -16.67 1.73 -4.22
CA ASP A 47 -15.85 0.79 -4.97
C ASP A 47 -14.56 0.49 -4.19
N PRO A 48 -13.92 -0.61 -4.50
CA PRO A 48 -12.66 -1.02 -3.83
C PRO A 48 -11.55 0.03 -4.00
N ILE A 49 -10.40 -0.23 -3.39
CA ILE A 49 -9.28 0.69 -3.48
C ILE A 49 -8.32 0.26 -4.58
N HIS A 50 -8.21 1.10 -5.60
CA HIS A 50 -7.31 0.82 -6.73
C HIS A 50 -6.00 1.58 -6.55
N ILE A 51 -4.90 0.83 -6.54
CA ILE A 51 -3.57 1.43 -6.37
C ILE A 51 -2.64 0.98 -7.49
N GLU A 52 -1.72 1.86 -7.87
CA GLU A 52 -0.76 1.53 -8.92
C GLU A 52 0.64 1.95 -8.49
N THR A 53 1.50 0.97 -8.26
CA THR A 53 2.87 1.23 -7.82
C THR A 53 3.73 1.53 -9.04
N ARG A 54 5.00 1.88 -8.79
CA ARG A 54 5.94 2.24 -9.87
C ARG A 54 5.66 1.42 -11.13
N ARG A 55 5.63 0.11 -11.00
CA ARG A 55 5.36 -0.75 -12.14
C ARG A 55 4.50 -1.94 -11.73
N VAL A 56 3.64 -1.75 -10.72
CA VAL A 56 2.79 -2.84 -10.26
C VAL A 56 1.38 -2.34 -9.98
N SER A 57 0.38 -3.08 -10.46
CA SER A 57 -1.02 -2.70 -10.26
C SER A 57 -1.70 -3.68 -9.30
N LEU A 58 -2.48 -3.15 -8.38
CA LEU A 58 -3.19 -3.99 -7.41
C LEU A 58 -4.42 -3.25 -6.88
N VAL A 59 -5.47 -4.02 -6.57
CA VAL A 59 -6.70 -3.44 -6.04
C VAL A 59 -7.09 -4.16 -4.75
N LEU A 60 -7.29 -3.39 -3.68
CA LEU A 60 -7.67 -3.96 -2.39
C LEU A 60 -8.84 -3.19 -1.80
N ARG A 61 -9.45 -3.74 -0.76
CA ARG A 61 -10.58 -3.10 -0.10
C ARG A 61 -10.09 -2.11 0.95
N LYS A 62 -11.00 -1.26 1.44
CA LYS A 62 -10.64 -0.27 2.44
C LYS A 62 -10.14 -0.95 3.71
N LYS A 63 -10.74 -2.10 4.02
CA LYS A 63 -10.35 -2.84 5.21
C LYS A 63 -8.89 -3.29 5.11
N ASP A 64 -8.50 -3.72 3.93
CA ASP A 64 -7.12 -4.16 3.72
C ASP A 64 -6.14 -3.05 4.07
N LEU A 65 -6.41 -1.84 3.57
CA LEU A 65 -5.54 -0.70 3.84
C LEU A 65 -5.51 -0.42 5.34
N ALA A 66 -6.66 -0.51 5.99
CA ALA A 66 -6.72 -0.26 7.41
C ALA A 66 -5.76 -1.18 8.16
N LEU A 67 -5.88 -2.48 7.91
CA LEU A 67 -5.01 -3.45 8.56
C LEU A 67 -3.56 -3.33 8.08
N LEU A 68 -3.40 -3.13 6.77
CA LEU A 68 -2.06 -3.02 6.21
C LEU A 68 -1.30 -1.89 6.89
N GLU A 69 -0.07 -2.19 7.29
CA GLU A 69 0.75 -1.18 7.96
C GLU A 69 1.35 -0.21 6.94
N VAL A 70 0.86 1.03 6.96
CA VAL A 70 1.35 2.06 6.04
C VAL A 70 1.62 3.35 6.78
N GLU A 71 2.45 4.21 6.19
CA GLU A 71 2.79 5.49 6.79
C GLU A 71 2.92 6.57 5.73
N ALA A 72 2.30 7.72 5.99
CA ALA A 72 2.35 8.83 5.06
C ALA A 72 3.76 9.40 5.00
N VAL A 73 4.16 9.87 3.81
CA VAL A 73 5.49 10.43 3.62
C VAL A 73 5.39 11.93 3.40
N SER A 74 6.19 12.68 4.16
CA SER A 74 6.19 14.13 4.05
C SER A 74 7.43 14.62 3.30
N SER A 75 8.30 13.68 2.93
CA SER A 75 9.53 14.01 2.22
C SER A 75 9.83 12.96 1.15
N LEU A 76 10.20 13.42 -0.03
CA LEU A 76 10.51 12.51 -1.13
C LEU A 76 11.71 11.64 -0.77
N GLU A 77 12.73 12.25 -0.19
CA GLU A 77 13.93 11.52 0.19
C GLU A 77 14.41 10.65 -0.96
N HIS A 78 15.41 9.81 -0.70
CA HIS A 78 15.96 8.92 -1.72
C HIS A 78 16.56 7.68 -1.07
N HIS A 79 17.48 7.89 -0.13
CA HIS A 79 18.13 6.78 0.54
C HIS A 79 17.27 6.28 1.70
N HIS A 80 17.17 4.95 1.82
CA HIS A 80 16.37 4.35 2.88
C HIS A 80 17.13 4.38 4.20
N HIS A 81 16.42 4.66 5.29
CA HIS A 81 17.03 4.71 6.61
C HIS A 81 16.04 4.25 7.69
N HIS A 82 16.56 3.79 8.81
CA HIS A 82 15.72 3.34 9.91
C HIS A 82 15.10 4.53 10.63
N HIS A 83 13.83 4.39 11.00
CA HIS A 83 13.12 5.46 11.70
C HIS A 83 11.77 4.97 12.20
N MET A 1 -12.25 10.70 4.42
CA MET A 1 -10.91 11.20 4.83
C MET A 1 -9.90 10.06 4.71
N GLN A 2 -10.39 8.87 4.39
CA GLN A 2 -9.51 7.71 4.25
C GLN A 2 -8.71 7.78 2.95
N TYR A 3 -9.16 7.02 1.96
CA TYR A 3 -8.49 6.99 0.67
C TYR A 3 -8.96 8.16 -0.18
N THR A 4 -8.11 8.65 -1.06
CA THR A 4 -8.47 9.78 -1.92
C THR A 4 -7.96 9.54 -3.34
N PRO A 5 -8.44 10.29 -4.31
CA PRO A 5 -8.00 10.12 -5.72
C PRO A 5 -6.49 10.24 -5.90
N ASP A 6 -5.87 11.13 -5.11
CA ASP A 6 -4.42 11.34 -5.20
C ASP A 6 -3.82 11.45 -3.81
N THR A 7 -3.33 10.33 -3.29
CA THR A 7 -2.72 10.32 -1.95
C THR A 7 -1.43 9.50 -1.97
N ALA A 8 -0.36 10.06 -1.43
CA ALA A 8 0.92 9.36 -1.36
C ALA A 8 1.00 8.61 -0.05
N TRP A 9 0.79 7.29 -0.11
CA TRP A 9 0.82 6.46 1.09
C TRP A 9 2.09 5.62 1.13
N LYS A 10 2.65 5.47 2.34
CA LYS A 10 3.86 4.68 2.51
C LYS A 10 3.51 3.26 2.90
N ILE A 11 4.34 2.31 2.47
CA ILE A 11 4.10 0.89 2.77
C ILE A 11 5.01 0.45 3.92
N THR A 12 4.40 0.08 5.05
CA THR A 12 5.16 -0.37 6.21
C THR A 12 5.21 -1.89 6.26
N GLY A 13 4.07 -2.52 6.01
CA GLY A 13 3.99 -3.97 6.03
C GLY A 13 2.55 -4.45 6.21
N PHE A 14 2.37 -5.76 6.22
CA PHE A 14 1.03 -6.35 6.39
C PHE A 14 0.78 -6.70 7.86
N SER A 15 -0.48 -6.62 8.27
CA SER A 15 -0.85 -6.94 9.64
C SER A 15 -0.91 -8.45 9.83
N ARG A 16 -1.09 -8.87 11.09
CA ARG A 16 -1.18 -10.30 11.40
C ARG A 16 -2.48 -10.88 10.86
N GLU A 17 -3.56 -10.14 10.99
CA GLU A 17 -4.87 -10.58 10.52
C GLU A 17 -4.88 -10.68 8.99
N ILE A 18 -3.87 -10.09 8.36
CA ILE A 18 -3.80 -10.12 6.90
C ILE A 18 -4.18 -11.49 6.35
N SER A 19 -4.77 -11.51 5.16
CA SER A 19 -5.18 -12.77 4.55
C SER A 19 -3.95 -13.52 4.01
N PRO A 20 -4.04 -14.82 3.88
CA PRO A 20 -2.91 -15.66 3.37
C PRO A 20 -2.57 -15.33 1.91
N ALA A 21 -3.57 -14.92 1.14
CA ALA A 21 -3.35 -14.59 -0.26
C ALA A 21 -2.44 -13.38 -0.40
N TYR A 22 -2.82 -12.28 0.24
CA TYR A 22 -2.03 -11.05 0.18
C TYR A 22 -0.66 -11.27 0.80
N ARG A 23 -0.64 -11.94 1.93
CA ARG A 23 0.61 -12.20 2.62
C ARG A 23 1.55 -12.97 1.69
N GLN A 24 1.01 -13.95 1.00
CA GLN A 24 1.81 -14.75 0.07
C GLN A 24 2.31 -13.86 -1.07
N LYS A 25 1.50 -12.89 -1.47
CA LYS A 25 1.93 -12.00 -2.55
C LYS A 25 3.20 -11.28 -2.12
N LEU A 26 3.26 -10.83 -0.87
CA LEU A 26 4.47 -10.16 -0.39
C LEU A 26 5.62 -11.15 -0.25
N LEU A 27 5.32 -12.36 0.21
CA LEU A 27 6.35 -13.39 0.41
C LEU A 27 6.67 -14.11 -0.92
N SER A 28 5.80 -13.94 -1.91
CA SER A 28 6.01 -14.58 -3.20
C SER A 28 7.37 -14.17 -3.80
N LEU A 29 7.82 -12.96 -3.47
CA LEU A 29 9.11 -12.47 -3.97
C LEU A 29 9.92 -11.82 -2.85
N GLY A 30 11.09 -11.27 -3.20
CA GLY A 30 11.96 -10.61 -2.22
C GLY A 30 11.74 -9.10 -2.21
N MET A 31 10.97 -8.63 -3.19
CA MET A 31 10.66 -7.20 -3.31
C MET A 31 9.61 -6.83 -2.28
N LEU A 32 10.05 -6.74 -1.04
CA LEU A 32 9.16 -6.41 0.07
C LEU A 32 8.97 -4.88 0.15
N PRO A 33 8.07 -4.41 0.98
CA PRO A 33 7.80 -2.94 1.14
C PRO A 33 9.08 -2.13 1.32
N GLY A 34 8.90 -0.86 1.69
CA GLY A 34 10.04 0.03 1.91
C GLY A 34 9.97 1.22 0.96
N SER A 35 8.82 1.38 0.31
CA SER A 35 8.61 2.47 -0.65
C SER A 35 7.24 3.11 -0.43
N SER A 36 6.73 3.78 -1.46
CA SER A 36 5.42 4.43 -1.38
C SER A 36 4.64 4.23 -2.67
N PHE A 37 3.33 4.43 -2.59
CA PHE A 37 2.46 4.28 -3.77
C PHE A 37 1.39 5.35 -3.77
N ASN A 38 0.81 5.59 -4.95
CA ASN A 38 -0.24 6.60 -5.09
C ASN A 38 -1.54 5.94 -5.55
N VAL A 39 -2.66 6.55 -5.17
CA VAL A 39 -3.97 6.00 -5.52
C VAL A 39 -4.41 6.54 -6.89
N VAL A 40 -4.75 5.64 -7.79
CA VAL A 40 -5.18 6.04 -9.13
C VAL A 40 -6.55 6.73 -9.06
N ARG A 41 -7.46 6.17 -8.28
CA ARG A 41 -8.79 6.72 -8.15
C ARG A 41 -9.58 6.00 -7.08
N VAL A 42 -10.46 6.72 -6.38
CA VAL A 42 -11.29 6.10 -5.34
C VAL A 42 -12.77 6.17 -5.74
N ALA A 43 -13.44 5.02 -5.75
CA ALA A 43 -14.85 4.98 -6.13
C ALA A 43 -15.75 5.06 -4.88
N PRO A 44 -16.46 6.15 -4.68
CA PRO A 44 -17.36 6.30 -3.49
C PRO A 44 -18.67 5.51 -3.65
N LEU A 45 -18.93 5.06 -4.87
CA LEU A 45 -20.16 4.32 -5.17
C LEU A 45 -20.24 3.05 -4.33
N GLY A 46 -19.09 2.46 -4.01
CA GLY A 46 -19.05 1.23 -3.21
C GLY A 46 -18.19 0.16 -3.88
N ASP A 47 -17.22 0.61 -4.69
CA ASP A 47 -16.32 -0.31 -5.38
C ASP A 47 -15.00 -0.43 -4.61
N PRO A 48 -14.26 -1.47 -4.86
CA PRO A 48 -12.95 -1.71 -4.17
C PRO A 48 -12.01 -0.51 -4.32
N ILE A 49 -10.87 -0.59 -3.65
CA ILE A 49 -9.88 0.49 -3.70
C ILE A 49 -8.85 0.21 -4.78
N HIS A 50 -8.85 1.04 -5.83
CA HIS A 50 -7.89 0.87 -6.92
C HIS A 50 -6.67 1.72 -6.68
N ILE A 51 -5.50 1.08 -6.57
CA ILE A 51 -4.25 1.80 -6.34
C ILE A 51 -3.22 1.41 -7.39
N GLU A 52 -2.32 2.34 -7.70
CA GLU A 52 -1.27 2.08 -8.69
C GLU A 52 0.10 2.38 -8.10
N THR A 53 1.03 1.45 -8.29
CA THR A 53 2.38 1.60 -7.76
C THR A 53 3.39 1.53 -8.90
N ARG A 54 4.38 2.41 -8.85
CA ARG A 54 5.41 2.44 -9.88
C ARG A 54 5.82 1.02 -10.28
N ARG A 55 5.88 0.13 -9.30
CA ARG A 55 6.25 -1.24 -9.55
C ARG A 55 5.18 -1.95 -10.39
N VAL A 56 3.92 -1.81 -9.96
CA VAL A 56 2.82 -2.44 -10.68
C VAL A 56 1.48 -1.97 -10.14
N SER A 57 0.40 -2.34 -10.82
CA SER A 57 -0.93 -1.97 -10.39
C SER A 57 -1.46 -2.98 -9.37
N LEU A 58 -2.33 -2.53 -8.47
CA LEU A 58 -2.91 -3.41 -7.45
C LEU A 58 -4.24 -2.85 -6.98
N VAL A 59 -5.17 -3.76 -6.64
CA VAL A 59 -6.49 -3.37 -6.15
C VAL A 59 -6.76 -4.04 -4.82
N LEU A 60 -7.19 -3.25 -3.83
CA LEU A 60 -7.46 -3.78 -2.49
C LEU A 60 -8.80 -3.24 -1.97
N ARG A 61 -9.33 -3.89 -0.94
CA ARG A 61 -10.60 -3.47 -0.34
C ARG A 61 -10.37 -2.50 0.82
N LYS A 62 -11.45 -1.97 1.37
CA LYS A 62 -11.36 -1.04 2.48
C LYS A 62 -10.72 -1.71 3.69
N LYS A 63 -11.16 -2.93 3.98
CA LYS A 63 -10.63 -3.68 5.10
C LYS A 63 -9.13 -3.93 4.92
N ASP A 64 -8.73 -4.20 3.68
CA ASP A 64 -7.33 -4.46 3.39
C ASP A 64 -6.46 -3.27 3.79
N LEU A 65 -6.87 -2.06 3.39
CA LEU A 65 -6.12 -0.86 3.74
C LEU A 65 -6.11 -0.67 5.25
N ALA A 66 -7.26 -0.90 5.89
CA ALA A 66 -7.34 -0.75 7.33
C ALA A 66 -6.33 -1.67 8.02
N LEU A 67 -6.35 -2.94 7.64
CA LEU A 67 -5.43 -3.92 8.24
C LEU A 67 -4.00 -3.64 7.80
N LEU A 68 -3.80 -3.33 6.53
CA LEU A 68 -2.47 -3.07 6.00
C LEU A 68 -1.85 -1.86 6.72
N GLU A 69 -0.58 -1.99 7.09
CA GLU A 69 0.11 -0.90 7.78
C GLU A 69 0.67 0.10 6.77
N VAL A 70 0.17 1.33 6.82
CA VAL A 70 0.61 2.38 5.90
C VAL A 70 0.89 3.68 6.67
N GLU A 71 1.65 4.58 6.04
CA GLU A 71 1.98 5.86 6.67
C GLU A 71 2.07 6.97 5.63
N ALA A 72 1.67 8.17 6.01
CA ALA A 72 1.73 9.30 5.09
C ALA A 72 3.18 9.73 4.90
N VAL A 73 3.57 10.00 3.65
CA VAL A 73 4.94 10.41 3.36
C VAL A 73 5.06 11.93 3.46
N SER A 74 6.09 12.39 4.17
CA SER A 74 6.31 13.82 4.34
C SER A 74 7.80 14.14 4.45
N SER A 75 8.51 13.32 5.22
CA SER A 75 9.93 13.52 5.40
C SER A 75 10.70 13.03 4.18
N LEU A 76 11.77 13.72 3.84
CA LEU A 76 12.58 13.36 2.70
C LEU A 76 13.21 11.98 2.91
N GLU A 77 13.70 11.73 4.12
CA GLU A 77 14.33 10.45 4.44
C GLU A 77 15.48 10.18 3.48
N HIS A 78 16.42 9.33 3.93
CA HIS A 78 17.57 8.99 3.10
C HIS A 78 17.19 7.93 2.07
N HIS A 79 17.96 7.88 0.98
CA HIS A 79 17.69 6.91 -0.08
C HIS A 79 17.62 5.50 0.50
N HIS A 80 18.78 4.91 0.78
CA HIS A 80 18.83 3.56 1.34
C HIS A 80 19.97 3.44 2.34
N HIS A 81 19.72 2.72 3.43
CA HIS A 81 20.73 2.54 4.47
C HIS A 81 21.78 1.53 4.02
N HIS A 82 23.04 1.96 3.99
CA HIS A 82 24.13 1.08 3.58
C HIS A 82 24.61 0.23 4.76
N HIS A 83 24.24 0.64 5.96
CA HIS A 83 24.64 -0.08 7.17
C HIS A 83 26.13 -0.38 7.14
N MET A 1 -10.42 11.84 3.43
CA MET A 1 -9.09 12.27 3.96
C MET A 1 -8.07 11.16 3.77
N GLN A 2 -8.42 9.95 4.21
CA GLN A 2 -7.52 8.81 4.09
C GLN A 2 -7.45 8.35 2.64
N TYR A 3 -8.53 7.76 2.16
CA TYR A 3 -8.56 7.27 0.79
C TYR A 3 -8.66 8.43 -0.19
N THR A 4 -7.49 8.94 -0.62
CA THR A 4 -7.46 10.07 -1.55
C THR A 4 -7.14 9.58 -2.97
N PRO A 5 -7.59 10.28 -3.98
CA PRO A 5 -7.31 9.88 -5.40
C PRO A 5 -5.83 9.60 -5.65
N ASP A 6 -4.97 10.47 -5.13
CA ASP A 6 -3.52 10.31 -5.31
C ASP A 6 -2.78 10.55 -4.01
N THR A 7 -2.40 9.47 -3.35
CA THR A 7 -1.66 9.55 -2.08
C THR A 7 -0.53 8.53 -2.06
N ALA A 8 0.59 8.93 -1.46
CA ALA A 8 1.76 8.04 -1.36
C ALA A 8 1.75 7.35 0.00
N TRP A 9 1.35 6.07 0.00
CA TRP A 9 1.28 5.30 1.23
C TRP A 9 2.52 4.42 1.38
N LYS A 10 2.97 4.22 2.61
CA LYS A 10 4.14 3.39 2.88
C LYS A 10 3.71 2.02 3.34
N ILE A 11 4.30 0.99 2.76
CA ILE A 11 3.96 -0.39 3.11
C ILE A 11 4.72 -0.81 4.37
N THR A 12 3.99 -1.26 5.39
CA THR A 12 4.60 -1.68 6.65
C THR A 12 4.53 -3.21 6.79
N GLY A 13 3.34 -3.75 6.58
CA GLY A 13 3.13 -5.19 6.71
C GLY A 13 1.65 -5.54 6.76
N PHE A 14 1.35 -6.82 6.89
CA PHE A 14 -0.03 -7.29 6.96
C PHE A 14 -0.41 -7.61 8.41
N SER A 15 -1.66 -7.33 8.75
CA SER A 15 -2.16 -7.59 10.11
C SER A 15 -2.40 -9.08 10.30
N ARG A 16 -2.68 -9.47 11.54
CA ARG A 16 -2.94 -10.88 11.84
C ARG A 16 -4.27 -11.33 11.22
N GLU A 17 -5.26 -10.45 11.25
CA GLU A 17 -6.58 -10.76 10.70
C GLU A 17 -6.52 -10.81 9.18
N ILE A 18 -5.40 -10.36 8.61
CA ILE A 18 -5.24 -10.35 7.16
C ILE A 18 -5.78 -11.64 6.55
N SER A 19 -6.32 -11.53 5.33
CA SER A 19 -6.87 -12.70 4.68
C SER A 19 -5.75 -13.56 4.08
N PRO A 20 -5.85 -14.88 4.14
CA PRO A 20 -4.79 -15.78 3.57
C PRO A 20 -4.40 -15.40 2.14
N ALA A 21 -5.37 -15.02 1.33
CA ALA A 21 -5.10 -14.66 -0.06
C ALA A 21 -4.03 -13.58 -0.15
N TYR A 22 -4.28 -12.45 0.49
CA TYR A 22 -3.32 -11.35 0.46
C TYR A 22 -2.00 -11.77 1.10
N ARG A 23 -2.10 -12.40 2.27
CA ARG A 23 -0.91 -12.84 2.96
C ARG A 23 -0.09 -13.77 2.06
N GLN A 24 -0.78 -14.66 1.37
CA GLN A 24 -0.12 -15.59 0.47
C GLN A 24 0.63 -14.83 -0.61
N LYS A 25 0.05 -13.73 -1.08
CA LYS A 25 0.70 -12.93 -2.11
C LYS A 25 2.05 -12.45 -1.61
N LEU A 26 2.10 -11.99 -0.36
CA LEU A 26 3.37 -11.53 0.20
C LEU A 26 4.37 -12.68 0.26
N LEU A 27 3.90 -13.85 0.66
CA LEU A 27 4.76 -15.02 0.73
C LEU A 27 5.13 -15.52 -0.65
N SER A 28 4.21 -15.36 -1.60
CA SER A 28 4.44 -15.81 -2.97
C SER A 28 5.68 -15.17 -3.56
N LEU A 29 5.83 -13.86 -3.35
CA LEU A 29 6.98 -13.12 -3.89
C LEU A 29 7.80 -12.53 -2.74
N GLY A 30 9.01 -12.08 -3.06
CA GLY A 30 9.89 -11.50 -2.05
C GLY A 30 9.66 -10.00 -1.93
N MET A 31 8.62 -9.51 -2.59
CA MET A 31 8.30 -8.09 -2.56
C MET A 31 7.59 -7.75 -1.26
N LEU A 32 8.35 -7.73 -0.17
CA LEU A 32 7.79 -7.44 1.14
C LEU A 32 7.88 -5.93 1.43
N PRO A 33 7.21 -5.45 2.45
CA PRO A 33 7.22 -4.01 2.80
C PRO A 33 8.62 -3.41 2.74
N GLY A 34 8.69 -2.10 2.98
CA GLY A 34 9.97 -1.39 2.97
C GLY A 34 9.96 -0.32 1.88
N SER A 35 8.84 -0.19 1.19
CA SER A 35 8.69 0.79 0.11
C SER A 35 7.36 1.51 0.24
N SER A 36 6.87 2.05 -0.87
CA SER A 36 5.60 2.78 -0.88
C SER A 36 4.93 2.65 -2.24
N PHE A 37 3.63 2.94 -2.27
CA PHE A 37 2.86 2.86 -3.52
C PHE A 37 1.91 4.05 -3.62
N ASN A 38 1.52 4.37 -4.86
CA ASN A 38 0.61 5.49 -5.11
C ASN A 38 -0.76 4.98 -5.53
N VAL A 39 -1.80 5.70 -5.13
CA VAL A 39 -3.17 5.33 -5.48
C VAL A 39 -3.58 5.96 -6.81
N VAL A 40 -4.05 5.13 -7.73
CA VAL A 40 -4.47 5.62 -9.03
C VAL A 40 -5.73 6.49 -8.90
N ARG A 41 -6.67 6.04 -8.09
CA ARG A 41 -7.92 6.76 -7.89
C ARG A 41 -8.73 6.10 -6.79
N VAL A 42 -9.63 6.86 -6.18
CA VAL A 42 -10.50 6.33 -5.12
C VAL A 42 -11.95 6.60 -5.46
N ALA A 43 -12.76 5.54 -5.55
CA ALA A 43 -14.18 5.70 -5.88
C ALA A 43 -15.03 5.76 -4.58
N PRO A 44 -15.60 6.90 -4.23
CA PRO A 44 -16.43 7.02 -3.00
C PRO A 44 -17.84 6.42 -3.18
N LEU A 45 -18.18 6.12 -4.43
CA LEU A 45 -19.50 5.57 -4.74
C LEU A 45 -19.72 4.25 -4.00
N GLY A 46 -18.65 3.50 -3.78
CA GLY A 46 -18.74 2.22 -3.08
C GLY A 46 -17.99 1.12 -3.84
N ASP A 47 -17.01 1.53 -4.63
CA ASP A 47 -16.22 0.58 -5.41
C ASP A 47 -14.92 0.25 -4.68
N PRO A 48 -14.30 -0.85 -5.01
CA PRO A 48 -13.02 -1.29 -4.36
C PRO A 48 -11.93 -0.23 -4.51
N ILE A 49 -10.83 -0.42 -3.79
CA ILE A 49 -9.72 0.53 -3.83
C ILE A 49 -8.71 0.11 -4.89
N HIS A 50 -8.59 0.92 -5.94
CA HIS A 50 -7.65 0.64 -7.02
C HIS A 50 -6.35 1.38 -6.78
N ILE A 51 -5.26 0.63 -6.68
CA ILE A 51 -3.94 1.24 -6.46
C ILE A 51 -2.95 0.74 -7.50
N GLU A 52 -1.97 1.58 -7.83
CA GLU A 52 -0.95 1.22 -8.82
C GLU A 52 0.43 1.24 -8.17
N THR A 53 1.15 0.12 -8.29
CA THR A 53 2.49 0.02 -7.71
C THR A 53 3.53 -0.05 -8.83
N ARG A 54 4.61 0.69 -8.65
CA ARG A 54 5.68 0.72 -9.66
C ARG A 54 5.90 -0.66 -10.25
N ARG A 55 5.86 -1.67 -9.39
CA ARG A 55 6.06 -3.04 -9.84
C ARG A 55 4.92 -3.50 -10.72
N VAL A 56 3.69 -3.31 -10.25
CA VAL A 56 2.50 -3.72 -11.01
C VAL A 56 1.25 -3.06 -10.44
N SER A 57 0.09 -3.41 -11.01
CA SER A 57 -1.19 -2.86 -10.56
C SER A 57 -1.85 -3.82 -9.58
N LEU A 58 -2.41 -3.25 -8.50
CA LEU A 58 -3.09 -4.05 -7.48
C LEU A 58 -4.37 -3.36 -7.04
N VAL A 59 -5.39 -4.16 -6.73
CA VAL A 59 -6.68 -3.62 -6.28
C VAL A 59 -7.06 -4.27 -4.97
N LEU A 60 -7.44 -3.45 -3.99
CA LEU A 60 -7.81 -3.95 -2.66
C LEU A 60 -9.10 -3.27 -2.18
N ARG A 61 -9.75 -3.87 -1.20
CA ARG A 61 -10.99 -3.32 -0.65
C ARG A 61 -10.70 -2.41 0.54
N LYS A 62 -11.67 -1.61 0.93
CA LYS A 62 -11.50 -0.69 2.04
C LYS A 62 -11.08 -1.44 3.30
N LYS A 63 -11.71 -2.60 3.51
CA LYS A 63 -11.41 -3.42 4.68
C LYS A 63 -9.96 -3.87 4.67
N ASP A 64 -9.45 -4.18 3.47
CA ASP A 64 -8.07 -4.62 3.33
C ASP A 64 -7.11 -3.51 3.77
N LEU A 65 -7.41 -2.28 3.36
CA LEU A 65 -6.57 -1.15 3.74
C LEU A 65 -6.59 -0.97 5.26
N ALA A 66 -7.76 -1.11 5.86
CA ALA A 66 -7.88 -0.96 7.29
C ALA A 66 -6.97 -1.96 8.00
N LEU A 67 -7.08 -3.22 7.62
CA LEU A 67 -6.26 -4.28 8.22
C LEU A 67 -4.79 -4.12 7.80
N LEU A 68 -4.56 -3.77 6.54
CA LEU A 68 -3.21 -3.62 6.04
C LEU A 68 -2.51 -2.48 6.78
N GLU A 69 -1.28 -2.73 7.20
CA GLU A 69 -0.52 -1.71 7.93
C GLU A 69 0.17 -0.77 6.95
N VAL A 70 -0.27 0.48 6.91
CA VAL A 70 0.30 1.48 6.02
C VAL A 70 0.59 2.77 6.77
N GLU A 71 1.49 3.59 6.22
CA GLU A 71 1.85 4.86 6.84
C GLU A 71 2.08 5.93 5.78
N ALA A 72 1.65 7.16 6.09
CA ALA A 72 1.82 8.28 5.17
C ALA A 72 3.28 8.70 5.13
N VAL A 73 3.71 9.23 3.98
CA VAL A 73 5.09 9.68 3.81
C VAL A 73 5.13 11.18 3.54
N SER A 74 5.98 11.89 4.29
CA SER A 74 6.12 13.34 4.13
C SER A 74 7.54 13.70 3.72
N SER A 75 8.38 12.69 3.53
CA SER A 75 9.77 12.90 3.13
C SER A 75 10.30 11.70 2.37
N LEU A 76 11.42 11.89 1.68
CA LEU A 76 12.02 10.81 0.91
C LEU A 76 12.41 9.66 1.83
N GLU A 77 13.59 9.76 2.41
CA GLU A 77 14.08 8.72 3.31
C GLU A 77 15.25 9.23 4.14
N HIS A 78 16.40 9.40 3.50
CA HIS A 78 17.60 9.88 4.18
C HIS A 78 18.49 10.65 3.21
N HIS A 79 19.46 11.39 3.76
CA HIS A 79 20.39 12.16 2.94
C HIS A 79 21.80 11.57 3.02
N HIS A 80 22.48 11.52 1.89
CA HIS A 80 23.83 10.97 1.84
C HIS A 80 24.84 12.00 2.36
N HIS A 81 25.61 11.60 3.36
CA HIS A 81 26.60 12.50 3.94
C HIS A 81 27.71 12.78 2.92
N HIS A 82 28.17 11.74 2.25
CA HIS A 82 29.23 11.87 1.26
C HIS A 82 29.03 10.87 0.12
N HIS A 83 29.42 11.26 -1.09
CA HIS A 83 29.28 10.39 -2.25
C HIS A 83 30.08 9.10 -2.05
N MET A 1 -8.87 13.56 4.56
CA MET A 1 -9.35 12.30 3.93
C MET A 1 -8.21 11.28 3.94
N GLN A 2 -8.44 10.16 4.62
CA GLN A 2 -7.44 9.11 4.71
C GLN A 2 -7.16 8.50 3.34
N TYR A 3 -8.22 8.37 2.54
CA TYR A 3 -8.08 7.80 1.19
C TYR A 3 -8.01 8.92 0.18
N THR A 4 -7.06 8.83 -0.75
CA THR A 4 -6.88 9.85 -1.78
C THR A 4 -6.74 9.20 -3.16
N PRO A 5 -7.21 9.88 -4.20
CA PRO A 5 -7.14 9.34 -5.59
C PRO A 5 -5.70 9.20 -6.09
N ASP A 6 -4.82 10.09 -5.63
CA ASP A 6 -3.42 10.06 -6.06
C ASP A 6 -2.48 10.25 -4.89
N THR A 7 -2.02 9.14 -4.32
CA THR A 7 -1.07 9.19 -3.20
C THR A 7 -0.05 8.08 -3.31
N ALA A 8 1.16 8.33 -2.81
CA ALA A 8 2.23 7.33 -2.85
C ALA A 8 2.37 6.70 -1.48
N TRP A 9 1.83 5.50 -1.32
CA TRP A 9 1.89 4.78 -0.04
C TRP A 9 3.04 3.80 -0.04
N LYS A 10 3.71 3.67 1.10
CA LYS A 10 4.84 2.75 1.22
C LYS A 10 4.39 1.47 1.92
N ILE A 11 4.60 0.33 1.26
CA ILE A 11 4.19 -0.95 1.81
C ILE A 11 5.22 -1.41 2.83
N THR A 12 4.77 -1.61 4.08
CA THR A 12 5.66 -2.06 5.15
C THR A 12 5.44 -3.53 5.45
N GLY A 13 4.31 -4.06 4.97
CA GLY A 13 3.99 -5.48 5.18
C GLY A 13 2.49 -5.67 5.39
N PHE A 14 2.05 -6.91 5.28
CA PHE A 14 0.64 -7.23 5.47
C PHE A 14 0.28 -7.16 6.96
N SER A 15 -1.01 -7.22 7.26
CA SER A 15 -1.47 -7.16 8.63
C SER A 15 -1.43 -8.55 9.27
N ARG A 16 -1.55 -8.59 10.60
CA ARG A 16 -1.52 -9.86 11.30
C ARG A 16 -2.79 -10.66 11.03
N GLU A 17 -3.91 -9.95 10.91
CA GLU A 17 -5.20 -10.60 10.65
C GLU A 17 -5.33 -10.90 9.16
N ILE A 18 -4.37 -10.43 8.37
CA ILE A 18 -4.39 -10.65 6.93
C ILE A 18 -4.86 -12.07 6.62
N SER A 19 -5.66 -12.22 5.56
CA SER A 19 -6.17 -13.53 5.18
C SER A 19 -5.11 -14.33 4.41
N PRO A 20 -5.13 -15.64 4.49
CA PRO A 20 -4.14 -16.50 3.75
C PRO A 20 -4.06 -16.15 2.27
N ALA A 21 -5.21 -15.84 1.67
CA ALA A 21 -5.26 -15.52 0.24
C ALA A 21 -4.27 -14.40 -0.10
N TYR A 22 -4.44 -13.26 0.54
CA TYR A 22 -3.57 -12.12 0.28
C TYR A 22 -2.13 -12.45 0.66
N ARG A 23 -1.96 -12.98 1.87
CA ARG A 23 -0.64 -13.33 2.35
C ARG A 23 0.01 -14.33 1.39
N GLN A 24 -0.77 -15.28 0.90
CA GLN A 24 -0.25 -16.27 -0.02
C GLN A 24 0.25 -15.59 -1.30
N LYS A 25 -0.49 -14.58 -1.76
CA LYS A 25 -0.07 -13.86 -2.97
C LYS A 25 1.30 -13.24 -2.77
N LEU A 26 1.51 -12.62 -1.61
CA LEU A 26 2.81 -12.01 -1.33
C LEU A 26 3.91 -13.08 -1.29
N LEU A 27 3.59 -14.23 -0.72
CA LEU A 27 4.55 -15.32 -0.62
C LEU A 27 4.64 -16.09 -1.94
N SER A 28 3.57 -16.02 -2.73
CA SER A 28 3.52 -16.73 -4.01
C SER A 28 4.63 -16.25 -4.95
N LEU A 29 4.80 -14.94 -5.03
CA LEU A 29 5.81 -14.34 -5.90
C LEU A 29 6.96 -13.77 -5.05
N GLY A 30 8.11 -13.57 -5.70
CA GLY A 30 9.28 -13.03 -5.01
C GLY A 30 9.21 -11.53 -4.87
N MET A 31 7.98 -11.03 -4.71
CA MET A 31 7.75 -9.60 -4.54
C MET A 31 7.26 -9.32 -3.14
N LEU A 32 8.16 -9.41 -2.18
CA LEU A 32 7.81 -9.19 -0.79
C LEU A 32 7.76 -7.68 -0.49
N PRO A 33 6.99 -7.27 0.49
CA PRO A 33 6.87 -5.84 0.87
C PRO A 33 8.20 -5.11 0.83
N GLY A 34 8.14 -3.79 0.94
CA GLY A 34 9.35 -2.97 0.93
C GLY A 34 9.33 -1.99 -0.25
N SER A 35 8.16 -1.87 -0.88
CA SER A 35 8.00 -0.96 -2.02
C SER A 35 6.82 -0.02 -1.78
N SER A 36 6.44 0.73 -2.81
CA SER A 36 5.32 1.68 -2.71
C SER A 36 4.38 1.51 -3.88
N PHE A 37 3.12 1.94 -3.68
CA PHE A 37 2.12 1.84 -4.74
C PHE A 37 1.28 3.12 -4.80
N ASN A 38 0.63 3.33 -5.94
CA ASN A 38 -0.20 4.52 -6.14
C ASN A 38 -1.67 4.13 -6.36
N VAL A 39 -2.58 4.98 -5.87
CA VAL A 39 -4.00 4.72 -6.01
C VAL A 39 -4.50 5.26 -7.34
N VAL A 40 -5.18 4.41 -8.12
CA VAL A 40 -5.70 4.82 -9.42
C VAL A 40 -6.87 5.79 -9.26
N ARG A 41 -7.74 5.51 -8.30
CA ARG A 41 -8.91 6.34 -8.06
C ARG A 41 -9.67 5.82 -6.85
N VAL A 42 -10.66 6.58 -6.41
CA VAL A 42 -11.49 6.19 -5.27
C VAL A 42 -12.95 6.52 -5.55
N ALA A 43 -13.85 5.56 -5.34
CA ALA A 43 -15.27 5.77 -5.59
C ALA A 43 -15.99 6.20 -4.29
N PRO A 44 -16.43 7.45 -4.16
CA PRO A 44 -17.16 7.91 -2.93
C PRO A 44 -18.46 7.12 -2.70
N LEU A 45 -18.98 6.52 -3.77
CA LEU A 45 -20.22 5.77 -3.68
C LEU A 45 -20.15 4.73 -2.57
N GLY A 46 -18.96 4.60 -1.96
CA GLY A 46 -18.77 3.63 -0.88
C GLY A 46 -18.30 2.29 -1.43
N ASP A 47 -17.50 2.33 -2.50
CA ASP A 47 -16.99 1.10 -3.11
C ASP A 47 -15.58 0.83 -2.61
N PRO A 48 -15.03 -0.32 -2.90
CA PRO A 48 -13.66 -0.68 -2.46
C PRO A 48 -12.63 0.36 -2.90
N ILE A 49 -11.35 0.03 -2.69
CA ILE A 49 -10.26 0.94 -3.05
C ILE A 49 -9.47 0.34 -4.21
N HIS A 50 -9.60 0.96 -5.38
CA HIS A 50 -8.88 0.48 -6.57
C HIS A 50 -7.48 1.08 -6.61
N ILE A 51 -6.48 0.21 -6.72
CA ILE A 51 -5.09 0.66 -6.77
C ILE A 51 -4.38 0.07 -7.97
N GLU A 52 -3.39 0.79 -8.49
CA GLU A 52 -2.63 0.32 -9.64
C GLU A 52 -1.14 0.43 -9.38
N THR A 53 -0.40 -0.61 -9.76
CA THR A 53 1.05 -0.63 -9.56
C THR A 53 1.75 -0.98 -10.86
N ARG A 54 2.91 -0.36 -11.09
CA ARG A 54 3.67 -0.61 -12.31
C ARG A 54 3.82 -2.10 -12.56
N ARG A 55 4.00 -2.86 -11.48
CA ARG A 55 4.16 -4.29 -11.59
C ARG A 55 2.82 -4.96 -11.93
N VAL A 56 1.73 -4.45 -11.34
CA VAL A 56 0.41 -5.02 -11.59
C VAL A 56 -0.66 -4.10 -11.03
N SER A 57 -1.92 -4.54 -11.12
CA SER A 57 -3.04 -3.77 -10.59
C SER A 57 -3.92 -4.65 -9.73
N LEU A 58 -4.57 -4.04 -8.74
CA LEU A 58 -5.43 -4.79 -7.84
C LEU A 58 -6.35 -3.84 -7.06
N VAL A 59 -7.40 -4.40 -6.45
CA VAL A 59 -8.35 -3.60 -5.68
C VAL A 59 -8.50 -4.16 -4.26
N LEU A 60 -8.54 -3.25 -3.28
CA LEU A 60 -8.69 -3.64 -1.87
C LEU A 60 -9.73 -2.79 -1.18
N ARG A 61 -10.36 -3.34 -0.15
CA ARG A 61 -11.39 -2.62 0.59
C ARG A 61 -10.75 -1.63 1.55
N LYS A 62 -11.53 -0.66 2.02
CA LYS A 62 -11.02 0.34 2.95
C LYS A 62 -10.47 -0.32 4.21
N LYS A 63 -11.17 -1.35 4.67
CA LYS A 63 -10.75 -2.08 5.86
C LYS A 63 -9.38 -2.71 5.64
N ASP A 64 -9.17 -3.25 4.45
CA ASP A 64 -7.89 -3.89 4.13
C ASP A 64 -6.74 -2.89 4.27
N LEU A 65 -6.92 -1.69 3.72
CA LEU A 65 -5.88 -0.67 3.81
C LEU A 65 -5.63 -0.30 5.28
N ALA A 66 -6.70 -0.18 6.06
CA ALA A 66 -6.55 0.17 7.46
C ALA A 66 -5.66 -0.85 8.17
N LEU A 67 -5.98 -2.13 8.00
CA LEU A 67 -5.19 -3.19 8.62
C LEU A 67 -3.80 -3.29 7.97
N LEU A 68 -3.75 -3.14 6.65
CA LEU A 68 -2.49 -3.23 5.93
C LEU A 68 -1.52 -2.16 6.43
N GLU A 69 -0.30 -2.59 6.78
CA GLU A 69 0.69 -1.66 7.29
C GLU A 69 1.27 -0.82 6.15
N VAL A 70 0.93 0.48 6.14
CA VAL A 70 1.42 1.39 5.10
C VAL A 70 1.93 2.68 5.72
N GLU A 71 2.73 3.42 4.97
CA GLU A 71 3.29 4.69 5.46
C GLU A 71 3.36 5.71 4.32
N ALA A 72 3.00 6.95 4.63
CA ALA A 72 3.05 8.00 3.62
C ALA A 72 4.50 8.38 3.34
N VAL A 73 4.83 8.51 2.06
CA VAL A 73 6.19 8.87 1.67
C VAL A 73 6.33 10.39 1.56
N SER A 74 7.41 10.92 2.14
CA SER A 74 7.64 12.36 2.11
C SER A 74 9.14 12.65 2.09
N SER A 75 9.49 13.88 1.69
CA SER A 75 10.90 14.27 1.63
C SER A 75 11.42 14.60 3.02
N LEU A 76 12.19 13.69 3.58
CA LEU A 76 12.77 13.87 4.89
C LEU A 76 13.72 15.07 4.90
N GLU A 77 14.51 15.19 3.83
CA GLU A 77 15.46 16.30 3.72
C GLU A 77 16.41 16.30 4.92
N HIS A 78 17.58 15.71 4.75
CA HIS A 78 18.58 15.64 5.81
C HIS A 78 19.98 15.62 5.23
N HIS A 79 20.97 15.98 6.04
CA HIS A 79 22.36 16.01 5.60
C HIS A 79 23.16 14.91 6.29
N HIS A 80 24.17 14.38 5.59
CA HIS A 80 25.00 13.33 6.15
C HIS A 80 26.03 13.90 7.12
N HIS A 81 26.42 13.10 8.11
CA HIS A 81 27.40 13.54 9.10
C HIS A 81 28.30 12.37 9.51
N HIS A 82 29.59 12.67 9.68
CA HIS A 82 30.55 11.64 10.07
C HIS A 82 30.49 11.40 11.57
N HIS A 83 30.82 10.17 11.98
CA HIS A 83 30.80 9.82 13.39
C HIS A 83 29.45 10.16 14.01
N MET A 1 -13.09 11.23 4.06
CA MET A 1 -11.93 11.84 3.33
C MET A 1 -10.68 11.01 3.61
N GLN A 2 -10.86 9.83 4.17
CA GLN A 2 -9.73 8.95 4.49
C GLN A 2 -8.99 8.56 3.22
N TYR A 3 -9.74 8.20 2.18
CA TYR A 3 -9.15 7.80 0.91
C TYR A 3 -9.35 8.89 -0.12
N THR A 4 -8.31 9.17 -0.92
CA THR A 4 -8.39 10.21 -1.95
C THR A 4 -7.90 9.66 -3.28
N PRO A 5 -8.38 10.19 -4.40
CA PRO A 5 -7.94 9.73 -5.75
C PRO A 5 -6.42 9.68 -5.89
N ASP A 6 -5.74 10.69 -5.36
CA ASP A 6 -4.28 10.76 -5.45
C ASP A 6 -3.66 11.14 -4.10
N THR A 7 -3.16 10.13 -3.39
CA THR A 7 -2.52 10.35 -2.09
C THR A 7 -1.26 9.52 -1.97
N ALA A 8 -0.25 10.08 -1.31
CA ALA A 8 1.02 9.38 -1.12
C ALA A 8 1.01 8.65 0.22
N TRP A 9 0.79 7.33 0.16
CA TRP A 9 0.73 6.51 1.38
C TRP A 9 2.05 5.78 1.59
N LYS A 10 2.47 5.67 2.84
CA LYS A 10 3.71 4.98 3.18
C LYS A 10 3.40 3.54 3.59
N ILE A 11 4.24 2.61 3.16
CA ILE A 11 4.05 1.19 3.50
C ILE A 11 4.96 0.81 4.66
N THR A 12 4.35 0.47 5.79
CA THR A 12 5.12 0.08 6.98
C THR A 12 5.22 -1.44 7.07
N GLY A 13 4.12 -2.12 6.77
CA GLY A 13 4.10 -3.57 6.82
C GLY A 13 2.67 -4.10 6.77
N PHE A 14 2.53 -5.40 6.51
CA PHE A 14 1.20 -6.01 6.45
C PHE A 14 0.66 -6.24 7.86
N SER A 15 -0.64 -6.45 7.97
CA SER A 15 -1.27 -6.70 9.27
C SER A 15 -1.04 -8.14 9.71
N ARG A 16 -1.26 -8.41 10.99
CA ARG A 16 -1.08 -9.75 11.51
C ARG A 16 -2.17 -10.68 10.96
N GLU A 17 -3.37 -10.15 10.83
CA GLU A 17 -4.49 -10.91 10.30
C GLU A 17 -4.31 -11.19 8.82
N ILE A 18 -3.38 -10.46 8.19
CA ILE A 18 -3.12 -10.63 6.77
C ILE A 18 -3.13 -12.11 6.40
N SER A 19 -3.61 -12.44 5.20
CA SER A 19 -3.67 -13.82 4.75
C SER A 19 -2.32 -14.25 4.15
N PRO A 20 -1.95 -15.52 4.24
CA PRO A 20 -0.67 -16.01 3.66
C PRO A 20 -0.48 -15.55 2.21
N ALA A 21 -1.56 -15.52 1.45
CA ALA A 21 -1.49 -15.14 0.04
C ALA A 21 -0.82 -13.77 -0.13
N TYR A 22 -1.39 -12.75 0.50
CA TYR A 22 -0.82 -11.41 0.39
C TYR A 22 0.58 -11.35 1.00
N ARG A 23 0.72 -11.93 2.18
CA ARG A 23 1.99 -11.94 2.87
C ARG A 23 3.04 -12.61 1.98
N GLN A 24 2.66 -13.72 1.36
CA GLN A 24 3.58 -14.44 0.48
C GLN A 24 3.95 -13.57 -0.72
N LYS A 25 2.99 -12.79 -1.23
CA LYS A 25 3.27 -11.92 -2.36
C LYS A 25 4.40 -10.96 -2.01
N LEU A 26 4.31 -10.35 -0.84
CA LEU A 26 5.36 -9.42 -0.43
C LEU A 26 6.69 -10.15 -0.31
N LEU A 27 6.66 -11.33 0.28
CA LEU A 27 7.90 -12.10 0.44
C LEU A 27 8.47 -12.48 -0.92
N SER A 28 7.59 -12.90 -1.82
CA SER A 28 8.02 -13.31 -3.17
C SER A 28 8.44 -12.11 -4.00
N LEU A 29 7.70 -11.02 -3.87
CA LEU A 29 7.98 -9.81 -4.63
C LEU A 29 9.09 -9.01 -3.95
N GLY A 30 10.08 -8.59 -4.75
CA GLY A 30 11.21 -7.83 -4.23
C GLY A 30 10.81 -6.41 -3.89
N MET A 31 9.57 -6.25 -3.46
CA MET A 31 9.04 -4.94 -3.08
C MET A 31 8.50 -5.03 -1.67
N LEU A 32 9.40 -5.12 -0.71
CA LEU A 32 9.02 -5.22 0.68
C LEU A 32 8.70 -3.83 1.25
N PRO A 33 7.84 -3.75 2.25
CA PRO A 33 7.45 -2.46 2.86
C PRO A 33 8.63 -1.52 3.05
N GLY A 34 8.33 -0.27 3.38
CA GLY A 34 9.36 0.75 3.60
C GLY A 34 9.25 1.86 2.56
N SER A 35 8.54 1.57 1.47
CA SER A 35 8.34 2.55 0.40
C SER A 35 6.94 3.14 0.48
N SER A 36 6.55 3.87 -0.56
CA SER A 36 5.22 4.50 -0.61
C SER A 36 4.55 4.24 -1.95
N PHE A 37 3.22 4.28 -1.97
CA PHE A 37 2.46 4.04 -3.20
C PHE A 37 1.41 5.14 -3.37
N ASN A 38 1.01 5.37 -4.63
CA ASN A 38 0.00 6.38 -4.94
C ASN A 38 -1.29 5.74 -5.45
N VAL A 39 -2.41 6.36 -5.09
CA VAL A 39 -3.71 5.84 -5.52
C VAL A 39 -4.04 6.34 -6.92
N VAL A 40 -4.38 5.40 -7.80
CA VAL A 40 -4.72 5.76 -9.18
C VAL A 40 -6.06 6.47 -9.24
N ARG A 41 -7.01 6.02 -8.44
CA ARG A 41 -8.34 6.61 -8.43
C ARG A 41 -9.19 6.02 -7.31
N VAL A 42 -10.24 6.74 -6.94
CA VAL A 42 -11.16 6.25 -5.90
C VAL A 42 -12.59 6.48 -6.34
N ALA A 43 -13.33 5.40 -6.61
CA ALA A 43 -14.72 5.50 -7.04
C ALA A 43 -15.68 5.38 -5.84
N PRO A 44 -16.35 6.44 -5.42
CA PRO A 44 -17.32 6.36 -4.28
C PRO A 44 -18.42 5.33 -4.52
N LEU A 45 -18.53 4.86 -5.76
CA LEU A 45 -19.56 3.90 -6.12
C LEU A 45 -19.54 2.72 -5.16
N GLY A 46 -18.58 2.69 -4.26
CA GLY A 46 -18.48 1.60 -3.29
C GLY A 46 -17.63 0.46 -3.83
N ASP A 47 -16.65 0.79 -4.66
CA ASP A 47 -15.76 -0.21 -5.25
C ASP A 47 -14.46 -0.30 -4.44
N PRO A 48 -13.71 -1.38 -4.60
CA PRO A 48 -12.43 -1.55 -3.86
C PRO A 48 -11.51 -0.35 -4.04
N ILE A 49 -10.26 -0.50 -3.58
CA ILE A 49 -9.28 0.57 -3.67
C ILE A 49 -8.21 0.18 -4.69
N HIS A 50 -8.16 0.92 -5.80
CA HIS A 50 -7.19 0.63 -6.85
C HIS A 50 -5.98 1.54 -6.70
N ILE A 51 -4.79 0.92 -6.67
CA ILE A 51 -3.55 1.68 -6.54
C ILE A 51 -2.57 1.30 -7.64
N GLU A 52 -1.73 2.27 -8.03
CA GLU A 52 -0.74 2.02 -9.09
C GLU A 52 0.60 2.60 -8.69
N THR A 53 1.65 1.79 -8.84
CA THR A 53 3.00 2.22 -8.50
C THR A 53 3.93 2.03 -9.69
N ARG A 54 4.78 3.03 -9.93
CA ARG A 54 5.72 2.98 -11.04
C ARG A 54 6.29 1.58 -11.21
N ARG A 55 6.28 0.81 -10.13
CA ARG A 55 6.80 -0.55 -10.16
C ARG A 55 5.74 -1.54 -10.65
N VAL A 56 4.56 -1.47 -10.05
CA VAL A 56 3.47 -2.37 -10.41
C VAL A 56 2.13 -1.80 -9.94
N SER A 57 1.06 -2.58 -10.12
CA SER A 57 -0.28 -2.16 -9.70
C SER A 57 -0.96 -3.25 -8.89
N LEU A 58 -1.85 -2.84 -7.99
CA LEU A 58 -2.58 -3.80 -7.15
C LEU A 58 -3.92 -3.21 -6.71
N VAL A 59 -4.89 -4.09 -6.45
CA VAL A 59 -6.21 -3.66 -6.01
C VAL A 59 -6.50 -4.25 -4.64
N LEU A 60 -6.91 -3.39 -3.72
CA LEU A 60 -7.23 -3.83 -2.36
C LEU A 60 -8.49 -3.17 -1.86
N ARG A 61 -9.20 -3.84 -0.95
CA ARG A 61 -10.44 -3.30 -0.40
C ARG A 61 -10.14 -2.30 0.72
N LYS A 62 -11.12 -1.48 1.06
CA LYS A 62 -10.96 -0.50 2.11
C LYS A 62 -10.55 -1.18 3.43
N LYS A 63 -11.14 -2.35 3.67
CA LYS A 63 -10.84 -3.09 4.89
C LYS A 63 -9.36 -3.46 4.93
N ASP A 64 -8.82 -3.87 3.78
CA ASP A 64 -7.41 -4.24 3.71
C ASP A 64 -6.53 -3.07 4.10
N LEU A 65 -6.83 -1.89 3.56
CA LEU A 65 -6.03 -0.72 3.89
C LEU A 65 -6.11 -0.43 5.38
N ALA A 66 -7.29 -0.57 5.95
CA ALA A 66 -7.46 -0.33 7.37
C ALA A 66 -6.51 -1.22 8.19
N LEU A 67 -6.55 -2.52 7.91
CA LEU A 67 -5.68 -3.46 8.64
C LEU A 67 -4.21 -3.25 8.29
N LEU A 68 -3.92 -3.03 7.00
CA LEU A 68 -2.55 -2.84 6.56
C LEU A 68 -1.95 -1.61 7.23
N GLU A 69 -0.72 -1.75 7.72
CA GLU A 69 -0.06 -0.64 8.40
C GLU A 69 0.48 0.37 7.39
N VAL A 70 -0.18 1.53 7.30
CA VAL A 70 0.24 2.57 6.37
C VAL A 70 0.33 3.93 7.08
N GLU A 71 1.06 4.86 6.48
CA GLU A 71 1.23 6.19 7.06
C GLU A 71 1.36 7.25 5.96
N ALA A 72 0.83 8.43 6.22
CA ALA A 72 0.93 9.51 5.24
C ALA A 72 2.38 9.95 5.09
N VAL A 73 2.81 10.14 3.85
CA VAL A 73 4.19 10.55 3.58
C VAL A 73 4.33 12.07 3.66
N SER A 74 5.30 12.54 4.41
CA SER A 74 5.54 13.97 4.55
C SER A 74 7.00 14.26 4.87
N SER A 75 7.62 13.34 5.61
CA SER A 75 9.02 13.50 5.98
C SER A 75 9.93 13.14 4.81
N LEU A 76 11.14 13.70 4.83
CA LEU A 76 12.10 13.43 3.77
C LEU A 76 12.95 12.21 4.11
N GLU A 77 12.72 11.64 5.29
CA GLU A 77 13.46 10.47 5.72
C GLU A 77 13.27 9.31 4.74
N HIS A 78 14.30 8.48 4.60
CA HIS A 78 14.24 7.35 3.69
C HIS A 78 15.12 6.22 4.19
N HIS A 79 14.84 4.99 3.73
CA HIS A 79 15.62 3.82 4.14
C HIS A 79 16.54 3.39 3.00
N HIS A 80 17.65 2.74 3.38
CA HIS A 80 18.62 2.26 2.39
C HIS A 80 18.53 0.75 2.23
N HIS A 81 18.29 0.30 1.00
CA HIS A 81 18.18 -1.13 0.73
C HIS A 81 19.55 -1.74 0.49
N HIS A 82 19.88 -2.79 1.23
CA HIS A 82 21.16 -3.45 1.09
C HIS A 82 21.22 -4.26 -0.20
N HIS A 83 21.49 -5.55 -0.09
CA HIS A 83 21.57 -6.43 -1.24
C HIS A 83 20.18 -6.91 -1.65
N MET A 1 -11.64 9.02 4.43
CA MET A 1 -10.98 10.35 4.50
C MET A 1 -9.49 10.20 4.20
N GLN A 2 -8.88 9.16 4.76
CA GLN A 2 -7.46 8.90 4.55
C GLN A 2 -7.18 8.58 3.09
N TYR A 3 -8.15 7.93 2.45
CA TYR A 3 -8.00 7.55 1.06
C TYR A 3 -7.94 8.80 0.19
N THR A 4 -6.94 8.84 -0.69
CA THR A 4 -6.76 9.99 -1.58
C THR A 4 -6.27 9.53 -2.96
N PRO A 5 -6.53 10.29 -3.99
CA PRO A 5 -6.09 9.93 -5.38
C PRO A 5 -4.57 9.92 -5.52
N ASP A 6 -3.90 10.79 -4.77
CA ASP A 6 -2.44 10.86 -4.82
C ASP A 6 -1.85 10.99 -3.41
N THR A 7 -1.49 9.86 -2.82
CA THR A 7 -0.90 9.86 -1.47
C THR A 7 0.22 8.83 -1.40
N ALA A 8 1.19 9.08 -0.54
CA ALA A 8 2.31 8.15 -0.36
C ALA A 8 2.08 7.34 0.91
N TRP A 9 1.65 6.09 0.73
CA TRP A 9 1.38 5.21 1.86
C TRP A 9 2.56 4.27 2.10
N LYS A 10 3.01 4.23 3.35
CA LYS A 10 4.13 3.36 3.71
C LYS A 10 3.62 1.96 4.04
N ILE A 11 4.32 0.95 3.54
CA ILE A 11 3.91 -0.43 3.77
C ILE A 11 4.59 -0.97 5.02
N THR A 12 3.80 -1.36 6.03
CA THR A 12 4.35 -1.89 7.27
C THR A 12 4.22 -3.41 7.30
N GLY A 13 3.07 -3.91 6.86
CA GLY A 13 2.83 -5.35 6.83
C GLY A 13 1.34 -5.67 6.87
N PHE A 14 1.02 -6.95 6.97
CA PHE A 14 -0.38 -7.39 7.04
C PHE A 14 -0.82 -7.56 8.48
N SER A 15 -2.13 -7.48 8.70
CA SER A 15 -2.69 -7.64 10.04
C SER A 15 -2.90 -9.12 10.37
N ARG A 16 -3.24 -9.40 11.62
CA ARG A 16 -3.47 -10.77 12.04
C ARG A 16 -4.73 -11.34 11.39
N GLU A 17 -5.75 -10.50 11.27
CA GLU A 17 -7.02 -10.94 10.66
C GLU A 17 -6.87 -11.04 9.14
N ILE A 18 -5.73 -10.61 8.62
CA ILE A 18 -5.49 -10.66 7.18
C ILE A 18 -6.00 -11.97 6.60
N SER A 19 -6.46 -11.91 5.36
CA SER A 19 -6.98 -13.10 4.69
C SER A 19 -5.84 -14.03 4.28
N PRO A 20 -6.11 -15.29 4.13
CA PRO A 20 -5.08 -16.30 3.72
C PRO A 20 -4.53 -16.04 2.32
N ALA A 21 -5.37 -15.46 1.46
CA ALA A 21 -4.98 -15.17 0.09
C ALA A 21 -3.90 -14.10 0.06
N TYR A 22 -4.17 -12.96 0.69
CA TYR A 22 -3.22 -11.87 0.71
C TYR A 22 -1.95 -12.28 1.45
N ARG A 23 -2.13 -12.91 2.61
CA ARG A 23 -0.99 -13.36 3.39
C ARG A 23 -0.10 -14.28 2.55
N GLN A 24 -0.73 -15.20 1.83
CA GLN A 24 0.02 -16.10 0.97
C GLN A 24 0.72 -15.31 -0.12
N LYS A 25 0.12 -14.21 -0.55
CA LYS A 25 0.72 -13.39 -1.58
C LYS A 25 2.08 -12.91 -1.11
N LEU A 26 2.14 -12.37 0.11
CA LEU A 26 3.40 -11.90 0.67
C LEU A 26 4.35 -13.08 0.86
N LEU A 27 3.81 -14.19 1.33
CA LEU A 27 4.63 -15.39 1.55
C LEU A 27 5.09 -15.99 0.22
N SER A 28 4.24 -15.88 -0.79
CA SER A 28 4.54 -16.46 -2.10
C SER A 28 5.83 -15.86 -2.68
N LEU A 29 5.95 -14.53 -2.58
CA LEU A 29 7.13 -13.83 -3.10
C LEU A 29 7.90 -13.17 -1.96
N GLY A 30 9.11 -12.71 -2.26
CA GLY A 30 9.95 -12.06 -1.25
C GLY A 30 9.71 -10.55 -1.25
N MET A 31 8.70 -10.11 -2.00
CA MET A 31 8.37 -8.69 -2.08
C MET A 31 7.61 -8.27 -0.83
N LEU A 32 8.33 -8.16 0.28
CA LEU A 32 7.71 -7.79 1.55
C LEU A 32 7.81 -6.27 1.76
N PRO A 33 7.12 -5.74 2.75
CA PRO A 33 7.15 -4.28 3.05
C PRO A 33 8.57 -3.72 3.10
N GLY A 34 8.68 -2.48 3.55
CA GLY A 34 9.99 -1.82 3.66
C GLY A 34 10.07 -0.64 2.70
N SER A 35 8.96 -0.35 2.02
CA SER A 35 8.90 0.76 1.07
C SER A 35 7.53 1.42 1.09
N SER A 36 7.30 2.33 0.16
CA SER A 36 6.03 3.04 0.07
C SER A 36 5.49 2.99 -1.35
N PHE A 37 4.17 3.14 -1.48
CA PHE A 37 3.53 3.10 -2.80
C PHE A 37 2.57 4.29 -2.95
N ASN A 38 2.17 4.56 -4.18
CA ASN A 38 1.24 5.66 -4.47
C ASN A 38 -0.07 5.12 -5.05
N VAL A 39 -1.16 5.84 -4.78
CA VAL A 39 -2.46 5.43 -5.27
C VAL A 39 -2.71 6.01 -6.66
N VAL A 40 -3.02 5.14 -7.61
CA VAL A 40 -3.30 5.58 -8.98
C VAL A 40 -4.59 6.39 -9.02
N ARG A 41 -5.60 5.91 -8.31
CA ARG A 41 -6.89 6.59 -8.30
C ARG A 41 -7.79 6.00 -7.23
N VAL A 42 -8.81 6.75 -6.83
CA VAL A 42 -9.76 6.29 -5.83
C VAL A 42 -11.18 6.48 -6.34
N ALA A 43 -11.98 5.42 -6.30
CA ALA A 43 -13.36 5.49 -6.77
C ALA A 43 -14.32 5.81 -5.61
N PRO A 44 -14.91 6.99 -5.57
CA PRO A 44 -15.85 7.36 -4.46
C PRO A 44 -17.22 6.69 -4.62
N LEU A 45 -17.46 6.09 -5.78
CA LEU A 45 -18.75 5.45 -6.05
C LEU A 45 -19.02 4.35 -5.03
N GLY A 46 -17.96 3.73 -4.53
CA GLY A 46 -18.09 2.65 -3.55
C GLY A 46 -17.42 1.37 -4.04
N ASP A 47 -16.40 1.53 -4.88
CA ASP A 47 -15.68 0.37 -5.44
C ASP A 47 -14.40 0.13 -4.63
N PRO A 48 -13.63 -0.88 -4.97
CA PRO A 48 -12.37 -1.20 -4.24
C PRO A 48 -11.33 -0.09 -4.38
N ILE A 49 -10.17 -0.29 -3.78
CA ILE A 49 -9.09 0.69 -3.82
C ILE A 49 -8.03 0.25 -4.81
N HIS A 50 -7.82 1.05 -5.85
CA HIS A 50 -6.83 0.73 -6.87
C HIS A 50 -5.53 1.45 -6.56
N ILE A 51 -4.47 0.67 -6.31
CA ILE A 51 -3.17 1.24 -6.00
C ILE A 51 -2.14 0.82 -7.05
N GLU A 52 -1.18 1.70 -7.32
CA GLU A 52 -0.15 1.40 -8.31
C GLU A 52 1.22 1.78 -7.77
N THR A 53 2.04 0.76 -7.51
CA THR A 53 3.38 0.97 -6.98
C THR A 53 4.35 1.22 -8.13
N ARG A 54 5.60 1.58 -7.79
CA ARG A 54 6.62 1.89 -8.78
C ARG A 54 6.47 1.02 -10.04
N ARG A 55 6.39 -0.29 -9.85
CA ARG A 55 6.22 -1.20 -10.99
C ARG A 55 5.29 -2.34 -10.64
N VAL A 56 4.32 -2.07 -9.76
CA VAL A 56 3.36 -3.12 -9.36
C VAL A 56 1.97 -2.55 -9.21
N SER A 57 0.97 -3.29 -9.70
CA SER A 57 -0.43 -2.86 -9.60
C SER A 57 -1.23 -3.83 -8.75
N LEU A 58 -2.00 -3.28 -7.82
CA LEU A 58 -2.82 -4.10 -6.93
C LEU A 58 -4.12 -3.36 -6.60
N VAL A 59 -5.20 -4.13 -6.43
CA VAL A 59 -6.50 -3.54 -6.09
C VAL A 59 -7.16 -4.38 -5.01
N LEU A 60 -7.58 -3.75 -3.92
CA LEU A 60 -8.23 -4.46 -2.82
C LEU A 60 -9.42 -3.67 -2.29
N ARG A 61 -10.27 -4.32 -1.49
CA ARG A 61 -11.45 -3.66 -0.94
C ARG A 61 -11.08 -2.69 0.18
N LYS A 62 -11.84 -1.61 0.32
CA LYS A 62 -11.56 -0.63 1.36
C LYS A 62 -11.25 -1.33 2.69
N LYS A 63 -12.01 -2.36 2.99
CA LYS A 63 -11.81 -3.10 4.24
C LYS A 63 -10.39 -3.64 4.31
N ASP A 64 -9.87 -4.13 3.20
CA ASP A 64 -8.52 -4.67 3.17
C ASP A 64 -7.52 -3.60 3.57
N LEU A 65 -7.70 -2.38 3.04
CA LEU A 65 -6.79 -1.29 3.35
C LEU A 65 -6.82 -0.99 4.85
N ALA A 66 -8.02 -0.99 5.43
CA ALA A 66 -8.16 -0.72 6.85
C ALA A 66 -7.38 -1.74 7.68
N LEU A 67 -7.55 -3.02 7.36
CA LEU A 67 -6.85 -4.08 8.08
C LEU A 67 -5.35 -4.03 7.80
N LEU A 68 -4.99 -3.74 6.56
CA LEU A 68 -3.58 -3.67 6.17
C LEU A 68 -2.89 -2.56 6.95
N GLU A 69 -1.66 -2.83 7.40
CA GLU A 69 -0.91 -1.85 8.17
C GLU A 69 -0.20 -0.87 7.23
N VAL A 70 -0.77 0.33 7.09
CA VAL A 70 -0.19 1.36 6.24
C VAL A 70 -0.03 2.65 7.01
N GLU A 71 0.95 3.46 6.60
CA GLU A 71 1.23 4.74 7.26
C GLU A 71 1.65 5.79 6.24
N ALA A 72 0.92 6.90 6.21
CA ALA A 72 1.24 7.98 5.29
C ALA A 72 2.55 8.64 5.69
N VAL A 73 3.31 9.10 4.70
CA VAL A 73 4.60 9.76 4.96
C VAL A 73 4.51 11.25 4.70
N SER A 74 4.91 12.05 5.67
CA SER A 74 4.87 13.49 5.51
C SER A 74 5.88 13.96 4.47
N SER A 75 7.08 13.39 4.51
CA SER A 75 8.13 13.76 3.58
C SER A 75 9.16 12.63 3.46
N LEU A 76 9.97 12.68 2.40
CA LEU A 76 10.99 11.66 2.18
C LEU A 76 12.18 12.25 1.46
N GLU A 77 13.18 12.68 2.24
CA GLU A 77 14.40 13.26 1.67
C GLU A 77 15.62 12.46 2.10
N HIS A 78 16.44 12.09 1.12
CA HIS A 78 17.65 11.31 1.40
C HIS A 78 18.89 12.21 1.33
N HIS A 79 19.61 12.31 2.45
CA HIS A 79 20.81 13.13 2.51
C HIS A 79 22.05 12.29 2.21
N HIS A 80 21.83 11.06 1.74
CA HIS A 80 22.94 10.17 1.41
C HIS A 80 23.83 10.78 0.34
N HIS A 81 23.21 11.38 -0.67
CA HIS A 81 23.95 12.00 -1.76
C HIS A 81 24.95 11.01 -2.35
N HIS A 82 24.48 10.25 -3.34
CA HIS A 82 25.34 9.27 -4.00
C HIS A 82 26.31 9.96 -4.96
N HIS A 83 27.49 9.37 -5.13
CA HIS A 83 28.50 9.95 -6.02
C HIS A 83 27.88 10.28 -7.37
N MET A 1 -12.45 11.93 4.56
CA MET A 1 -11.49 12.09 3.44
C MET A 1 -10.29 11.15 3.64
N GLN A 2 -10.58 9.94 4.15
CA GLN A 2 -9.53 8.97 4.40
C GLN A 2 -8.82 8.59 3.10
N TYR A 3 -9.61 8.19 2.11
CA TYR A 3 -9.06 7.79 0.81
C TYR A 3 -9.30 8.89 -0.21
N THR A 4 -8.27 9.22 -1.00
CA THR A 4 -8.39 10.27 -2.00
C THR A 4 -7.83 9.79 -3.35
N PRO A 5 -8.25 10.37 -4.45
CA PRO A 5 -7.74 9.97 -5.80
C PRO A 5 -6.22 9.90 -5.87
N ASP A 6 -5.53 10.80 -5.15
CA ASP A 6 -4.07 10.82 -5.15
C ASP A 6 -3.54 11.02 -3.75
N THR A 7 -3.19 9.91 -3.09
CA THR A 7 -2.66 9.98 -1.73
C THR A 7 -1.39 9.13 -1.61
N ALA A 8 -0.34 9.72 -1.04
CA ALA A 8 0.92 9.01 -0.87
C ALA A 8 0.93 8.29 0.47
N TRP A 9 0.71 6.98 0.44
CA TRP A 9 0.66 6.18 1.66
C TRP A 9 1.93 5.34 1.78
N LYS A 10 2.40 5.19 3.02
CA LYS A 10 3.61 4.40 3.29
C LYS A 10 3.23 2.98 3.66
N ILE A 11 4.09 2.03 3.30
CA ILE A 11 3.83 0.61 3.60
C ILE A 11 4.63 0.19 4.83
N THR A 12 3.93 -0.32 5.85
CA THR A 12 4.59 -0.76 7.09
C THR A 12 4.65 -2.29 7.13
N GLY A 13 3.53 -2.94 6.84
CA GLY A 13 3.46 -4.39 6.85
C GLY A 13 2.03 -4.87 6.97
N PHE A 14 1.83 -6.18 6.78
CA PHE A 14 0.50 -6.77 6.87
C PHE A 14 0.16 -7.08 8.33
N SER A 15 -1.14 -7.05 8.63
CA SER A 15 -1.61 -7.34 9.99
C SER A 15 -1.71 -8.84 10.22
N ARG A 16 -2.02 -9.23 11.44
CA ARG A 16 -2.14 -10.63 11.78
C ARG A 16 -3.40 -11.24 11.15
N GLU A 17 -4.49 -10.48 11.17
CA GLU A 17 -5.75 -10.94 10.61
C GLU A 17 -5.67 -11.01 9.09
N ILE A 18 -4.59 -10.45 8.54
CA ILE A 18 -4.40 -10.46 7.08
C ILE A 18 -4.79 -11.81 6.49
N SER A 19 -5.27 -11.78 5.25
CA SER A 19 -5.68 -13.01 4.58
C SER A 19 -4.45 -13.82 4.15
N PRO A 20 -4.60 -15.12 4.02
CA PRO A 20 -3.47 -16.01 3.62
C PRO A 20 -3.00 -15.74 2.18
N ALA A 21 -3.93 -15.31 1.34
CA ALA A 21 -3.60 -15.02 -0.06
C ALA A 21 -2.65 -13.83 -0.18
N TYR A 22 -3.04 -12.70 0.41
CA TYR A 22 -2.22 -11.50 0.37
C TYR A 22 -0.89 -11.74 1.10
N ARG A 23 -0.99 -12.35 2.28
CA ARG A 23 0.21 -12.64 3.06
C ARG A 23 1.17 -13.50 2.26
N GLN A 24 0.62 -14.53 1.61
CA GLN A 24 1.45 -15.41 0.80
C GLN A 24 2.10 -14.62 -0.32
N LYS A 25 1.37 -13.61 -0.82
CA LYS A 25 1.91 -12.78 -1.89
C LYS A 25 3.19 -12.10 -1.42
N LEU A 26 3.15 -11.49 -0.23
CA LEU A 26 4.34 -10.81 0.30
C LEU A 26 5.48 -11.82 0.50
N LEU A 27 5.15 -12.99 1.00
CA LEU A 27 6.17 -14.00 1.23
C LEU A 27 6.83 -14.41 -0.08
N SER A 28 6.03 -14.52 -1.14
CA SER A 28 6.55 -14.90 -2.44
C SER A 28 7.12 -13.69 -3.17
N LEU A 29 6.84 -12.49 -2.66
CA LEU A 29 7.34 -11.26 -3.27
C LEU A 29 8.61 -10.80 -2.58
N GLY A 30 9.67 -10.62 -3.36
CA GLY A 30 10.95 -10.19 -2.81
C GLY A 30 10.97 -8.69 -2.60
N MET A 31 9.80 -8.07 -2.67
CA MET A 31 9.66 -6.63 -2.47
C MET A 31 8.77 -6.36 -1.27
N LEU A 32 9.32 -6.56 -0.09
CA LEU A 32 8.56 -6.35 1.15
C LEU A 32 8.49 -4.86 1.47
N PRO A 33 7.64 -4.47 2.40
CA PRO A 33 7.46 -3.05 2.79
C PRO A 33 8.79 -2.29 2.87
N GLY A 34 8.69 -1.00 3.13
CA GLY A 34 9.87 -0.15 3.25
C GLY A 34 9.84 0.96 2.20
N SER A 35 8.68 1.13 1.57
CA SER A 35 8.51 2.16 0.54
C SER A 35 7.13 2.81 0.67
N SER A 36 6.64 3.38 -0.42
CA SER A 36 5.34 4.04 -0.43
C SER A 36 4.67 3.90 -1.79
N PHE A 37 3.34 3.94 -1.79
CA PHE A 37 2.57 3.82 -3.03
C PHE A 37 1.55 4.95 -3.14
N ASN A 38 1.25 5.33 -4.38
CA ASN A 38 0.29 6.41 -4.64
C ASN A 38 -1.00 5.83 -5.20
N VAL A 39 -2.12 6.43 -4.81
CA VAL A 39 -3.42 5.98 -5.28
C VAL A 39 -3.71 6.53 -6.67
N VAL A 40 -3.93 5.62 -7.61
CA VAL A 40 -4.23 6.01 -8.98
C VAL A 40 -5.61 6.68 -9.05
N ARG A 41 -6.55 6.17 -8.27
CA ARG A 41 -7.90 6.71 -8.27
C ARG A 41 -8.72 6.08 -7.16
N VAL A 42 -9.75 6.79 -6.70
CA VAL A 42 -10.63 6.28 -5.65
C VAL A 42 -12.08 6.27 -6.14
N ALA A 43 -12.64 5.07 -6.28
CA ALA A 43 -14.02 4.94 -6.75
C ALA A 43 -15.00 4.88 -5.56
N PRO A 44 -15.83 5.87 -5.36
CA PRO A 44 -16.80 5.87 -4.22
C PRO A 44 -17.97 4.92 -4.45
N LEU A 45 -18.10 4.45 -5.68
CA LEU A 45 -19.19 3.54 -6.04
C LEU A 45 -19.13 2.26 -5.20
N GLY A 46 -18.22 2.22 -4.24
CA GLY A 46 -18.08 1.05 -3.37
C GLY A 46 -17.12 0.03 -3.98
N ASP A 47 -16.15 0.53 -4.75
CA ASP A 47 -15.16 -0.34 -5.39
C ASP A 47 -13.88 -0.37 -4.55
N PRO A 48 -13.06 -1.38 -4.74
CA PRO A 48 -11.78 -1.53 -3.98
C PRO A 48 -10.83 -0.35 -4.22
N ILE A 49 -9.73 -0.34 -3.47
CA ILE A 49 -8.75 0.73 -3.59
C ILE A 49 -7.68 0.35 -4.61
N HIS A 50 -7.66 1.07 -5.72
CA HIS A 50 -6.69 0.81 -6.78
C HIS A 50 -5.47 1.70 -6.61
N ILE A 51 -4.29 1.09 -6.54
CA ILE A 51 -3.05 1.83 -6.39
C ILE A 51 -2.08 1.46 -7.51
N GLU A 52 -1.29 2.45 -7.93
CA GLU A 52 -0.32 2.21 -9.01
C GLU A 52 1.01 2.86 -8.66
N THR A 53 2.08 2.07 -8.76
CA THR A 53 3.42 2.57 -8.46
C THR A 53 4.37 2.20 -9.60
N ARG A 54 5.31 3.10 -9.88
CA ARG A 54 6.27 2.88 -10.95
C ARG A 54 6.86 1.49 -10.83
N ARG A 55 7.02 1.02 -9.60
CA ARG A 55 7.58 -0.30 -9.36
C ARG A 55 6.61 -1.39 -9.78
N VAL A 56 5.33 -1.22 -9.44
CA VAL A 56 4.30 -2.19 -9.80
C VAL A 56 2.92 -1.63 -9.51
N SER A 57 1.88 -2.44 -9.78
CA SER A 57 0.50 -2.03 -9.54
C SER A 57 -0.22 -3.09 -8.74
N LEU A 58 -1.21 -2.67 -7.95
CA LEU A 58 -1.97 -3.62 -7.13
C LEU A 58 -3.27 -2.97 -6.66
N VAL A 59 -4.26 -3.80 -6.32
CA VAL A 59 -5.55 -3.29 -5.85
C VAL A 59 -5.95 -4.02 -4.57
N LEU A 60 -6.37 -3.26 -3.57
CA LEU A 60 -6.80 -3.82 -2.28
C LEU A 60 -8.18 -3.31 -1.90
N ARG A 61 -8.91 -4.13 -1.16
CA ARG A 61 -10.25 -3.77 -0.72
C ARG A 61 -10.17 -2.83 0.48
N LYS A 62 -11.09 -1.87 0.56
CA LYS A 62 -11.10 -0.91 1.66
C LYS A 62 -10.79 -1.60 2.99
N LYS A 63 -11.35 -2.78 3.17
CA LYS A 63 -11.12 -3.55 4.40
C LYS A 63 -9.63 -3.88 4.54
N ASP A 64 -9.00 -4.27 3.44
CA ASP A 64 -7.59 -4.60 3.47
C ASP A 64 -6.77 -3.39 3.89
N LEU A 65 -7.16 -2.21 3.43
CA LEU A 65 -6.43 -0.98 3.79
C LEU A 65 -6.52 -0.77 5.29
N ALA A 66 -7.71 -0.98 5.86
CA ALA A 66 -7.88 -0.80 7.30
C ALA A 66 -6.93 -1.73 8.06
N LEU A 67 -6.97 -3.01 7.72
CA LEU A 67 -6.10 -3.99 8.37
C LEU A 67 -4.63 -3.75 8.01
N LEU A 68 -4.37 -3.42 6.75
CA LEU A 68 -3.01 -3.18 6.29
C LEU A 68 -2.42 -2.01 7.05
N GLU A 69 -1.18 -2.17 7.52
CA GLU A 69 -0.54 -1.10 8.27
C GLU A 69 0.09 -0.09 7.31
N VAL A 70 -0.44 1.14 7.31
CA VAL A 70 0.07 2.19 6.42
C VAL A 70 0.30 3.49 7.19
N GLU A 71 1.09 4.38 6.60
CA GLU A 71 1.37 5.67 7.25
C GLU A 71 1.53 6.77 6.20
N ALA A 72 1.08 7.97 6.53
CA ALA A 72 1.19 9.10 5.62
C ALA A 72 2.66 9.47 5.45
N VAL A 73 3.02 9.95 4.26
CA VAL A 73 4.41 10.32 3.99
C VAL A 73 4.55 11.84 4.01
N SER A 74 5.55 12.33 4.73
CA SER A 74 5.78 13.77 4.82
C SER A 74 7.22 14.06 5.21
N SER A 75 8.02 13.00 5.35
CA SER A 75 9.41 13.15 5.72
C SER A 75 10.20 13.80 4.59
N LEU A 76 11.14 14.66 4.95
CA LEU A 76 11.96 15.36 3.96
C LEU A 76 13.30 14.64 3.78
N GLU A 77 13.49 13.56 4.52
CA GLU A 77 14.73 12.78 4.44
C GLU A 77 14.43 11.29 4.38
N HIS A 78 15.28 10.55 3.69
CA HIS A 78 15.10 9.11 3.56
C HIS A 78 16.44 8.42 3.30
N HIS A 79 16.50 7.12 3.56
CA HIS A 79 17.71 6.35 3.35
C HIS A 79 17.72 5.70 1.98
N HIS A 80 18.74 5.98 1.18
CA HIS A 80 18.85 5.40 -0.15
C HIS A 80 20.31 5.31 -0.59
N HIS A 81 20.77 4.09 -0.84
CA HIS A 81 22.16 3.89 -1.26
C HIS A 81 22.30 2.56 -2.00
N HIS A 82 21.54 1.56 -1.58
CA HIS A 82 21.58 0.26 -2.21
C HIS A 82 23.03 -0.20 -2.41
N HIS A 83 23.59 0.14 -3.56
CA HIS A 83 24.98 -0.24 -3.85
C HIS A 83 25.95 0.58 -3.00
N MET A 1 -11.50 11.26 4.41
CA MET A 1 -10.64 12.15 5.25
C MET A 1 -9.20 11.63 5.22
N GLN A 2 -8.98 10.55 4.48
CA GLN A 2 -7.64 9.96 4.38
C GLN A 2 -7.42 9.40 2.99
N TYR A 3 -8.36 8.59 2.53
CA TYR A 3 -8.26 7.98 1.21
C TYR A 3 -8.46 9.05 0.13
N THR A 4 -7.61 9.02 -0.90
CA THR A 4 -7.72 10.00 -1.98
C THR A 4 -7.41 9.34 -3.33
N PRO A 5 -7.93 9.85 -4.42
CA PRO A 5 -7.65 9.28 -5.77
C PRO A 5 -6.16 9.09 -6.03
N ASP A 6 -5.36 10.09 -5.66
CA ASP A 6 -3.91 10.02 -5.87
C ASP A 6 -3.14 10.48 -4.64
N THR A 7 -2.68 9.52 -3.84
CA THR A 7 -1.91 9.81 -2.63
C THR A 7 -0.66 8.95 -2.58
N ALA A 8 0.43 9.52 -2.08
CA ALA A 8 1.69 8.79 -1.97
C ALA A 8 1.73 8.03 -0.65
N TRP A 9 1.49 6.72 -0.70
CA TRP A 9 1.47 5.89 0.51
C TRP A 9 2.75 5.08 0.63
N LYS A 10 3.30 5.04 1.84
CA LYS A 10 4.52 4.27 2.10
C LYS A 10 4.17 2.86 2.55
N ILE A 11 4.96 1.89 2.14
CA ILE A 11 4.72 0.50 2.52
C ILE A 11 5.67 0.11 3.66
N THR A 12 5.12 -0.27 4.81
CA THR A 12 5.93 -0.66 5.97
C THR A 12 5.84 -2.16 6.20
N GLY A 13 4.79 -2.79 5.65
CA GLY A 13 4.60 -4.22 5.81
C GLY A 13 3.12 -4.57 5.91
N PHE A 14 2.84 -5.86 6.10
CA PHE A 14 1.46 -6.35 6.22
C PHE A 14 1.13 -6.66 7.68
N SER A 15 -0.15 -6.52 8.04
CA SER A 15 -0.59 -6.78 9.40
C SER A 15 -0.71 -8.27 9.66
N ARG A 16 -0.91 -8.64 10.92
CA ARG A 16 -1.05 -10.04 11.28
C ARG A 16 -2.39 -10.58 10.77
N GLU A 17 -3.43 -9.75 10.89
CA GLU A 17 -4.75 -10.14 10.43
C GLU A 17 -4.80 -10.31 8.92
N ILE A 18 -3.77 -9.80 8.25
CA ILE A 18 -3.70 -9.89 6.79
C ILE A 18 -4.17 -11.26 6.30
N SER A 19 -4.74 -11.31 5.12
CA SER A 19 -5.22 -12.57 4.55
C SER A 19 -4.03 -13.41 4.08
N PRO A 20 -4.18 -14.72 4.04
CA PRO A 20 -3.09 -15.64 3.60
C PRO A 20 -2.69 -15.42 2.13
N ALA A 21 -3.66 -15.00 1.32
CA ALA A 21 -3.40 -14.77 -0.09
C ALA A 21 -2.45 -13.59 -0.31
N TYR A 22 -2.78 -12.46 0.29
CA TYR A 22 -1.96 -11.26 0.17
C TYR A 22 -0.57 -11.50 0.76
N ARG A 23 -0.54 -12.07 1.95
CA ARG A 23 0.72 -12.33 2.61
C ARG A 23 1.57 -13.22 1.73
N GLN A 24 0.97 -14.30 1.23
CA GLN A 24 1.71 -15.20 0.36
C GLN A 24 2.18 -14.44 -0.87
N LYS A 25 1.40 -13.43 -1.28
CA LYS A 25 1.77 -12.64 -2.44
C LYS A 25 3.15 -12.04 -2.19
N LEU A 26 3.36 -11.52 -0.97
CA LEU A 26 4.66 -10.96 -0.64
C LEU A 26 5.73 -12.05 -0.71
N LEU A 27 5.40 -13.23 -0.20
CA LEU A 27 6.37 -14.34 -0.24
C LEU A 27 6.58 -14.81 -1.68
N SER A 28 5.53 -14.74 -2.50
CA SER A 28 5.62 -15.19 -3.89
C SER A 28 6.68 -14.42 -4.67
N LEU A 29 6.72 -13.10 -4.50
CA LEU A 29 7.68 -12.26 -5.20
C LEU A 29 8.60 -11.54 -4.21
N GLY A 30 9.65 -10.90 -4.72
CA GLY A 30 10.60 -10.18 -3.89
C GLY A 30 10.17 -8.72 -3.72
N MET A 31 9.01 -8.39 -4.28
CA MET A 31 8.49 -7.02 -4.18
C MET A 31 8.01 -6.76 -2.76
N LEU A 32 8.95 -6.59 -1.84
CA LEU A 32 8.62 -6.34 -0.44
C LEU A 32 8.64 -4.83 -0.15
N PRO A 33 8.17 -4.41 1.01
CA PRO A 33 8.13 -2.96 1.38
C PRO A 33 9.45 -2.24 1.14
N GLY A 34 9.58 -1.05 1.72
CA GLY A 34 10.78 -0.24 1.57
C GLY A 34 10.60 0.82 0.49
N SER A 35 9.38 0.91 -0.04
CA SER A 35 9.05 1.89 -1.08
C SER A 35 7.64 2.42 -0.88
N SER A 36 7.16 3.21 -1.84
CA SER A 36 5.82 3.80 -1.77
C SER A 36 5.05 3.55 -3.06
N PHE A 37 3.72 3.57 -2.96
CA PHE A 37 2.86 3.36 -4.13
C PHE A 37 1.84 4.47 -4.25
N ASN A 38 1.38 4.72 -5.48
CA ASN A 38 0.39 5.78 -5.73
C ASN A 38 -0.96 5.18 -6.07
N VAL A 39 -2.02 5.87 -5.67
CA VAL A 39 -3.38 5.41 -5.93
C VAL A 39 -3.87 5.94 -7.27
N VAL A 40 -4.34 5.04 -8.13
CA VAL A 40 -4.84 5.43 -9.43
C VAL A 40 -6.20 6.13 -9.29
N ARG A 41 -7.05 5.58 -8.43
CA ARG A 41 -8.38 6.16 -8.24
C ARG A 41 -9.12 5.49 -7.08
N VAL A 42 -10.06 6.21 -6.49
CA VAL A 42 -10.87 5.66 -5.39
C VAL A 42 -12.32 6.11 -5.53
N ALA A 43 -13.22 5.13 -5.60
CA ALA A 43 -14.65 5.41 -5.73
C ALA A 43 -15.34 5.40 -4.35
N PRO A 44 -15.78 6.52 -3.82
CA PRO A 44 -16.48 6.55 -2.49
C PRO A 44 -17.78 5.74 -2.52
N LEU A 45 -18.23 5.40 -3.73
CA LEU A 45 -19.48 4.65 -3.90
C LEU A 45 -19.48 3.35 -3.09
N GLY A 46 -18.41 3.12 -2.33
CA GLY A 46 -18.32 1.91 -1.52
C GLY A 46 -17.67 0.77 -2.28
N ASP A 47 -16.85 1.12 -3.26
CA ASP A 47 -16.13 0.13 -4.08
C ASP A 47 -14.73 -0.05 -3.52
N PRO A 48 -14.08 -1.13 -3.87
CA PRO A 48 -12.70 -1.41 -3.38
C PRO A 48 -11.73 -0.29 -3.75
N ILE A 49 -10.53 -0.36 -3.19
CA ILE A 49 -9.52 0.66 -3.44
C ILE A 49 -8.57 0.19 -4.55
N HIS A 50 -8.58 0.90 -5.67
CA HIS A 50 -7.71 0.53 -6.79
C HIS A 50 -6.42 1.31 -6.71
N ILE A 51 -5.30 0.58 -6.62
CA ILE A 51 -3.99 1.21 -6.54
C ILE A 51 -3.15 0.78 -7.72
N GLU A 52 -2.26 1.67 -8.17
CA GLU A 52 -1.40 1.37 -9.31
C GLU A 52 0.02 1.76 -9.00
N THR A 53 0.95 0.83 -9.21
CA THR A 53 2.36 1.10 -8.96
C THR A 53 3.14 0.96 -10.25
N ARG A 54 4.06 1.88 -10.47
CA ARG A 54 4.87 1.87 -11.69
C ARG A 54 5.30 0.45 -12.03
N ARG A 55 5.57 -0.34 -11.00
CA ARG A 55 5.99 -1.72 -11.19
C ARG A 55 4.83 -2.57 -11.72
N VAL A 56 3.66 -2.45 -11.09
CA VAL A 56 2.48 -3.22 -11.50
C VAL A 56 1.19 -2.58 -10.98
N SER A 57 0.07 -3.27 -11.21
CA SER A 57 -1.24 -2.79 -10.76
C SER A 57 -1.85 -3.76 -9.75
N LEU A 58 -2.52 -3.20 -8.75
CA LEU A 58 -3.15 -4.01 -7.70
C LEU A 58 -4.38 -3.31 -7.13
N VAL A 59 -5.36 -4.10 -6.69
CA VAL A 59 -6.59 -3.55 -6.10
C VAL A 59 -6.81 -4.15 -4.71
N LEU A 60 -7.05 -3.28 -3.74
CA LEU A 60 -7.27 -3.70 -2.36
C LEU A 60 -8.51 -3.03 -1.77
N ARG A 61 -9.10 -3.67 -0.77
CA ARG A 61 -10.30 -3.14 -0.12
C ARG A 61 -9.92 -2.13 0.96
N LYS A 62 -10.91 -1.40 1.45
CA LYS A 62 -10.68 -0.41 2.49
C LYS A 62 -10.08 -1.07 3.74
N LYS A 63 -10.63 -2.22 4.11
CA LYS A 63 -10.16 -2.94 5.28
C LYS A 63 -8.68 -3.31 5.13
N ASP A 64 -8.28 -3.69 3.93
CA ASP A 64 -6.89 -4.06 3.69
C ASP A 64 -5.96 -2.89 4.00
N LEU A 65 -6.33 -1.70 3.52
CA LEU A 65 -5.53 -0.50 3.78
C LEU A 65 -5.50 -0.20 5.28
N ALA A 66 -6.64 -0.36 5.93
CA ALA A 66 -6.73 -0.09 7.36
C ALA A 66 -5.81 -1.03 8.13
N LEU A 67 -5.74 -2.29 7.69
CA LEU A 67 -4.90 -3.27 8.36
C LEU A 67 -3.45 -3.15 7.89
N LEU A 68 -3.25 -3.23 6.59
CA LEU A 68 -1.91 -3.13 6.03
C LEU A 68 -1.16 -1.96 6.64
N GLU A 69 0.08 -2.21 7.05
CA GLU A 69 0.89 -1.15 7.66
C GLU A 69 1.41 -0.19 6.60
N VAL A 70 0.86 1.02 6.58
CA VAL A 70 1.27 2.05 5.62
C VAL A 70 1.50 3.39 6.31
N GLU A 71 2.23 4.27 5.63
CA GLU A 71 2.50 5.60 6.19
C GLU A 71 2.54 6.65 5.08
N ALA A 72 2.03 7.84 5.38
CA ALA A 72 2.04 8.92 4.39
C ALA A 72 3.46 9.45 4.23
N VAL A 73 3.91 9.57 2.99
CA VAL A 73 5.26 10.06 2.73
C VAL A 73 5.29 11.59 2.78
N SER A 74 4.88 12.21 1.68
CA SER A 74 4.86 13.68 1.59
C SER A 74 6.11 14.29 2.22
N SER A 75 7.13 13.47 2.41
CA SER A 75 8.39 13.92 3.01
C SER A 75 9.54 13.02 2.60
N LEU A 76 10.72 13.62 2.44
CA LEU A 76 11.91 12.89 2.04
C LEU A 76 12.81 12.65 3.25
N GLU A 77 12.27 12.83 4.45
CA GLU A 77 13.03 12.64 5.67
C GLU A 77 13.52 11.20 5.78
N HIS A 78 12.66 10.26 5.41
CA HIS A 78 13.02 8.85 5.48
C HIS A 78 13.73 8.53 6.80
N HIS A 79 15.03 8.25 6.73
CA HIS A 79 15.81 7.95 7.93
C HIS A 79 17.24 8.45 7.79
N HIS A 80 18.15 7.56 7.39
CA HIS A 80 19.55 7.94 7.22
C HIS A 80 20.23 7.00 6.22
N HIS A 81 20.38 5.73 6.59
CA HIS A 81 21.01 4.74 5.71
C HIS A 81 20.27 3.42 5.77
N HIS A 82 20.23 2.72 4.65
CA HIS A 82 19.56 1.43 4.57
C HIS A 82 20.30 0.37 5.39
N HIS A 83 21.41 -0.11 4.85
CA HIS A 83 22.21 -1.11 5.54
C HIS A 83 23.53 -1.34 4.83
N MET A 1 -10.44 13.41 4.51
CA MET A 1 -10.85 12.01 4.22
C MET A 1 -9.62 11.10 4.29
N GLN A 2 -9.79 9.93 4.89
CA GLN A 2 -8.69 8.99 5.02
C GLN A 2 -8.22 8.53 3.64
N TYR A 3 -9.17 8.07 2.83
CA TYR A 3 -8.86 7.59 1.48
C TYR A 3 -8.93 8.75 0.50
N THR A 4 -7.94 8.84 -0.38
CA THR A 4 -7.91 9.93 -1.38
C THR A 4 -7.66 9.34 -2.77
N PRO A 5 -8.15 10.01 -3.80
CA PRO A 5 -7.97 9.55 -5.20
C PRO A 5 -6.51 9.61 -5.66
N ASP A 6 -5.77 10.60 -5.16
CA ASP A 6 -4.36 10.77 -5.53
C ASP A 6 -3.52 11.08 -4.30
N THR A 7 -2.92 10.05 -3.71
CA THR A 7 -2.06 10.22 -2.54
C THR A 7 -0.85 9.30 -2.63
N ALA A 8 0.27 9.76 -2.07
CA ALA A 8 1.50 8.96 -2.09
C ALA A 8 1.61 8.21 -0.77
N TRP A 9 1.29 6.91 -0.80
CA TRP A 9 1.34 6.08 0.40
C TRP A 9 2.62 5.27 0.43
N LYS A 10 3.25 5.20 1.60
CA LYS A 10 4.48 4.43 1.76
C LYS A 10 4.17 3.03 2.23
N ILE A 11 4.74 2.04 1.55
CA ILE A 11 4.50 0.64 1.90
C ILE A 11 5.41 0.23 3.05
N THR A 12 4.82 -0.10 4.19
CA THR A 12 5.61 -0.52 5.35
C THR A 12 5.63 -2.04 5.46
N GLY A 13 4.47 -2.66 5.27
CA GLY A 13 4.36 -4.11 5.34
C GLY A 13 2.94 -4.53 5.67
N PHE A 14 2.72 -5.83 5.77
CA PHE A 14 1.40 -6.37 6.07
C PHE A 14 1.26 -6.65 7.57
N SER A 15 0.05 -6.49 8.09
CA SER A 15 -0.21 -6.73 9.50
C SER A 15 -0.33 -8.23 9.78
N ARG A 16 -0.42 -8.58 11.06
CA ARG A 16 -0.54 -9.98 11.44
C ARG A 16 -1.91 -10.54 11.05
N GLU A 17 -2.95 -9.73 11.22
CA GLU A 17 -4.30 -10.14 10.89
C GLU A 17 -4.43 -10.33 9.38
N ILE A 18 -3.46 -9.82 8.64
CA ILE A 18 -3.48 -9.92 7.19
C ILE A 18 -3.95 -11.32 6.76
N SER A 19 -4.62 -11.40 5.62
CA SER A 19 -5.11 -12.68 5.12
C SER A 19 -3.99 -13.43 4.37
N PRO A 20 -3.93 -14.75 4.46
CA PRO A 20 -2.89 -15.54 3.74
C PRO A 20 -2.79 -15.18 2.25
N ALA A 21 -3.94 -14.91 1.64
CA ALA A 21 -3.97 -14.58 0.22
C ALA A 21 -3.03 -13.41 -0.11
N TYR A 22 -3.28 -12.28 0.54
CA TYR A 22 -2.46 -11.09 0.31
C TYR A 22 -1.02 -11.34 0.75
N ARG A 23 -0.87 -11.89 1.95
CA ARG A 23 0.46 -12.16 2.48
C ARG A 23 1.24 -13.07 1.54
N GLN A 24 0.59 -14.14 1.11
CA GLN A 24 1.23 -15.07 0.20
C GLN A 24 1.61 -14.34 -1.08
N LYS A 25 0.81 -13.35 -1.46
CA LYS A 25 1.09 -12.57 -2.66
C LYS A 25 2.44 -11.87 -2.51
N LEU A 26 2.69 -11.30 -1.35
CA LEU A 26 3.97 -10.61 -1.12
C LEU A 26 5.13 -11.60 -1.21
N LEU A 27 4.95 -12.77 -0.63
CA LEU A 27 6.00 -13.78 -0.67
C LEU A 27 6.26 -14.22 -2.12
N SER A 28 5.20 -14.37 -2.89
CA SER A 28 5.35 -14.81 -4.28
C SER A 28 6.20 -13.82 -5.07
N LEU A 29 5.92 -12.53 -4.90
CA LEU A 29 6.66 -11.48 -5.61
C LEU A 29 7.83 -11.00 -4.76
N GLY A 30 9.00 -10.88 -5.40
CA GLY A 30 10.19 -10.43 -4.69
C GLY A 30 10.16 -8.91 -4.46
N MET A 31 9.10 -8.27 -4.96
CA MET A 31 8.95 -6.82 -4.80
C MET A 31 8.26 -6.52 -3.47
N LEU A 32 9.01 -6.66 -2.40
CA LEU A 32 8.47 -6.42 -1.06
C LEU A 32 8.49 -4.92 -0.74
N PRO A 33 7.84 -4.51 0.32
CA PRO A 33 7.78 -3.09 0.73
C PRO A 33 9.14 -2.40 0.62
N GLY A 34 9.17 -1.11 0.91
CA GLY A 34 10.40 -0.33 0.86
C GLY A 34 10.27 0.80 -0.15
N SER A 35 9.04 1.05 -0.61
CA SER A 35 8.78 2.11 -1.58
C SER A 35 7.41 2.73 -1.33
N SER A 36 6.89 3.43 -2.33
CA SER A 36 5.58 4.08 -2.22
C SER A 36 4.75 3.84 -3.47
N PHE A 37 3.44 3.97 -3.33
CA PHE A 37 2.53 3.77 -4.47
C PHE A 37 1.47 4.86 -4.48
N ASN A 38 0.89 5.10 -5.66
CA ASN A 38 -0.14 6.12 -5.83
C ASN A 38 -1.48 5.48 -6.11
N VAL A 39 -2.55 6.10 -5.62
CA VAL A 39 -3.89 5.58 -5.83
C VAL A 39 -4.46 6.09 -7.15
N VAL A 40 -4.91 5.17 -7.99
CA VAL A 40 -5.48 5.53 -9.28
C VAL A 40 -6.81 6.27 -9.10
N ARG A 41 -7.62 5.78 -8.17
CA ARG A 41 -8.93 6.38 -7.91
C ARG A 41 -9.58 5.72 -6.71
N VAL A 42 -10.56 6.39 -6.12
CA VAL A 42 -11.28 5.84 -4.98
C VAL A 42 -12.78 6.02 -5.18
N ALA A 43 -13.52 4.91 -5.24
CA ALA A 43 -14.97 4.98 -5.43
C ALA A 43 -15.70 4.95 -4.07
N PRO A 44 -16.32 6.04 -3.64
CA PRO A 44 -17.05 6.08 -2.34
C PRO A 44 -18.40 5.38 -2.42
N LEU A 45 -18.83 5.07 -3.64
CA LEU A 45 -20.13 4.43 -3.85
C LEU A 45 -20.21 3.12 -3.06
N GLY A 46 -19.07 2.46 -2.88
CA GLY A 46 -19.04 1.21 -2.13
C GLY A 46 -18.19 0.17 -2.86
N ASP A 47 -17.29 0.65 -3.71
CA ASP A 47 -16.42 -0.25 -4.47
C ASP A 47 -15.06 -0.36 -3.77
N PRO A 48 -14.32 -1.39 -4.06
CA PRO A 48 -12.97 -1.63 -3.44
C PRO A 48 -12.00 -0.50 -3.75
N ILE A 49 -10.82 -0.56 -3.14
CA ILE A 49 -9.81 0.49 -3.35
C ILE A 49 -8.87 0.08 -4.48
N HIS A 50 -8.91 0.84 -5.57
CA HIS A 50 -8.05 0.57 -6.72
C HIS A 50 -6.78 1.39 -6.64
N ILE A 51 -5.63 0.71 -6.70
CA ILE A 51 -4.34 1.38 -6.64
C ILE A 51 -3.46 1.00 -7.82
N GLU A 52 -2.59 1.92 -8.23
CA GLU A 52 -1.69 1.66 -9.35
C GLU A 52 -0.24 1.93 -8.94
N THR A 53 0.66 1.05 -9.36
CA THR A 53 2.08 1.20 -9.04
C THR A 53 2.92 1.04 -10.30
N ARG A 54 3.92 1.90 -10.45
CA ARG A 54 4.80 1.83 -11.61
C ARG A 54 5.17 0.39 -11.94
N ARG A 55 5.50 -0.38 -10.92
CA ARG A 55 5.87 -1.77 -11.12
C ARG A 55 4.68 -2.57 -11.62
N VAL A 56 3.51 -2.31 -11.05
CA VAL A 56 2.30 -3.02 -11.45
C VAL A 56 1.07 -2.37 -10.84
N SER A 57 -0.10 -2.91 -11.15
CA SER A 57 -1.34 -2.38 -10.61
C SER A 57 -2.10 -3.46 -9.86
N LEU A 58 -2.87 -3.06 -8.86
CA LEU A 58 -3.64 -4.00 -8.06
C LEU A 58 -4.78 -3.30 -7.34
N VAL A 59 -5.76 -4.08 -6.87
CA VAL A 59 -6.92 -3.53 -6.18
C VAL A 59 -7.04 -4.13 -4.78
N LEU A 60 -7.24 -3.26 -3.79
CA LEU A 60 -7.39 -3.69 -2.39
C LEU A 60 -8.68 -3.16 -1.81
N ARG A 61 -9.16 -3.83 -0.76
CA ARG A 61 -10.40 -3.44 -0.10
C ARG A 61 -10.11 -2.46 1.02
N LYS A 62 -11.17 -1.88 1.59
CA LYS A 62 -11.00 -0.91 2.67
C LYS A 62 -10.32 -1.59 3.86
N LYS A 63 -10.78 -2.80 4.19
CA LYS A 63 -10.21 -3.53 5.31
C LYS A 63 -8.74 -3.83 5.07
N ASP A 64 -8.39 -4.13 3.82
CA ASP A 64 -7.01 -4.43 3.47
C ASP A 64 -6.10 -3.24 3.80
N LEU A 65 -6.53 -2.05 3.42
CA LEU A 65 -5.75 -0.85 3.70
C LEU A 65 -5.63 -0.64 5.21
N ALA A 66 -6.73 -0.85 5.92
CA ALA A 66 -6.70 -0.68 7.36
C ALA A 66 -5.67 -1.61 7.99
N LEU A 67 -5.71 -2.88 7.61
CA LEU A 67 -4.77 -3.85 8.14
C LEU A 67 -3.37 -3.60 7.60
N LEU A 68 -3.26 -3.29 6.32
CA LEU A 68 -1.97 -3.05 5.71
C LEU A 68 -1.29 -1.84 6.34
N GLU A 69 -0.01 -1.99 6.67
CA GLU A 69 0.73 -0.89 7.29
C GLU A 69 1.23 0.08 6.23
N VAL A 70 0.72 1.31 6.27
CA VAL A 70 1.12 2.34 5.31
C VAL A 70 1.41 3.65 6.01
N GLU A 71 2.24 4.48 5.39
CA GLU A 71 2.59 5.78 5.97
C GLU A 71 2.68 6.85 4.89
N ALA A 72 2.23 8.05 5.21
CA ALA A 72 2.27 9.16 4.28
C ALA A 72 3.69 9.65 4.08
N VAL A 73 4.01 10.08 2.87
CA VAL A 73 5.35 10.58 2.55
C VAL A 73 5.36 12.10 2.48
N SER A 74 6.29 12.71 3.20
CA SER A 74 6.39 14.18 3.21
C SER A 74 7.86 14.60 3.39
N SER A 75 8.43 14.23 4.52
CA SER A 75 9.82 14.57 4.82
C SER A 75 10.76 13.90 3.82
N LEU A 76 10.37 12.72 3.34
CA LEU A 76 11.19 11.97 2.40
C LEU A 76 12.56 11.70 2.99
N GLU A 77 12.72 10.50 3.53
CA GLU A 77 14.01 10.10 4.13
C GLU A 77 14.51 8.82 3.49
N HIS A 78 15.78 8.81 3.09
CA HIS A 78 16.39 7.64 2.47
C HIS A 78 17.27 6.91 3.47
N HIS A 79 16.95 5.64 3.72
CA HIS A 79 17.72 4.84 4.66
C HIS A 79 19.05 4.43 4.04
N HIS A 80 20.14 4.70 4.74
CA HIS A 80 21.47 4.35 4.25
C HIS A 80 22.46 4.25 5.41
N HIS A 81 22.54 3.09 6.02
CA HIS A 81 23.46 2.87 7.13
C HIS A 81 23.29 3.97 8.18
N HIS A 82 22.34 3.77 9.09
CA HIS A 82 22.10 4.75 10.15
C HIS A 82 23.10 4.57 11.29
N HIS A 83 23.71 5.68 11.71
CA HIS A 83 24.69 5.63 12.79
C HIS A 83 25.80 4.64 12.47
N MET A 1 -10.20 12.00 4.89
CA MET A 1 -10.23 10.68 4.19
C MET A 1 -8.82 10.31 3.75
N GLN A 2 -8.31 9.22 4.31
CA GLN A 2 -6.96 8.76 3.97
C GLN A 2 -6.90 8.29 2.52
N TYR A 3 -8.02 7.77 2.03
CA TYR A 3 -8.09 7.27 0.67
C TYR A 3 -8.23 8.44 -0.30
N THR A 4 -7.13 8.83 -0.94
CA THR A 4 -7.15 9.94 -1.89
C THR A 4 -6.77 9.44 -3.29
N PRO A 5 -7.14 10.16 -4.32
CA PRO A 5 -6.81 9.76 -5.72
C PRO A 5 -5.32 9.44 -5.92
N ASP A 6 -4.45 10.22 -5.27
CA ASP A 6 -3.01 10.01 -5.40
C ASP A 6 -2.35 10.13 -4.03
N THR A 7 -2.15 8.99 -3.37
CA THR A 7 -1.52 8.98 -2.04
C THR A 7 -0.40 7.95 -2.02
N ALA A 8 0.77 8.39 -1.57
CA ALA A 8 1.93 7.49 -1.47
C ALA A 8 1.95 6.82 -0.11
N TRP A 9 1.51 5.57 -0.06
CA TRP A 9 1.46 4.83 1.20
C TRP A 9 2.65 3.89 1.31
N LYS A 10 3.20 3.77 2.51
CA LYS A 10 4.35 2.89 2.75
C LYS A 10 3.87 1.56 3.31
N ILE A 11 4.33 0.48 2.69
CA ILE A 11 3.93 -0.86 3.12
C ILE A 11 4.75 -1.28 4.33
N THR A 12 4.08 -1.60 5.43
CA THR A 12 4.77 -2.03 6.65
C THR A 12 4.54 -3.53 6.89
N GLY A 13 3.55 -4.09 6.20
CA GLY A 13 3.23 -5.52 6.34
C GLY A 13 1.73 -5.74 6.46
N PHE A 14 1.33 -7.01 6.56
CA PHE A 14 -0.08 -7.36 6.69
C PHE A 14 -0.41 -7.64 8.15
N SER A 15 -1.67 -7.43 8.52
CA SER A 15 -2.12 -7.66 9.90
C SER A 15 -2.42 -9.14 10.11
N ARG A 16 -2.68 -9.51 11.37
CA ARG A 16 -2.98 -10.90 11.69
C ARG A 16 -4.35 -11.29 11.15
N GLU A 17 -5.31 -10.38 11.26
CA GLU A 17 -6.67 -10.65 10.78
C GLU A 17 -6.67 -10.79 9.26
N ILE A 18 -5.59 -10.35 8.63
CA ILE A 18 -5.47 -10.41 7.18
C ILE A 18 -6.04 -11.74 6.65
N SER A 19 -6.62 -11.69 5.46
CA SER A 19 -7.19 -12.89 4.86
C SER A 19 -6.09 -13.81 4.35
N PRO A 20 -6.37 -15.09 4.25
CA PRO A 20 -5.38 -16.09 3.75
C PRO A 20 -4.98 -15.85 2.29
N ALA A 21 -5.93 -15.32 1.52
CA ALA A 21 -5.66 -15.04 0.10
C ALA A 21 -4.58 -13.97 -0.06
N TYR A 22 -4.79 -12.83 0.57
CA TYR A 22 -3.83 -11.74 0.49
C TYR A 22 -2.49 -12.15 1.08
N ARG A 23 -2.55 -12.79 2.24
CA ARG A 23 -1.34 -13.24 2.91
C ARG A 23 -0.56 -14.18 1.98
N GLN A 24 -1.29 -15.07 1.32
CA GLN A 24 -0.66 -16.02 0.40
C GLN A 24 0.02 -15.27 -0.73
N LYS A 25 -0.60 -14.18 -1.19
CA LYS A 25 -0.01 -13.41 -2.27
C LYS A 25 1.36 -12.88 -1.86
N LEU A 26 1.44 -12.38 -0.62
CA LEU A 26 2.72 -11.85 -0.12
C LEU A 26 3.75 -12.98 -0.05
N LEU A 27 3.31 -14.16 0.39
CA LEU A 27 4.22 -15.30 0.51
C LEU A 27 4.44 -15.97 -0.84
N SER A 28 3.47 -15.84 -1.73
CA SER A 28 3.57 -16.47 -3.06
C SER A 28 4.78 -15.96 -3.83
N LEU A 29 4.96 -14.65 -3.82
CA LEU A 29 6.08 -14.02 -4.53
C LEU A 29 7.12 -13.52 -3.53
N GLY A 30 8.33 -13.25 -4.03
CA GLY A 30 9.43 -12.78 -3.20
C GLY A 30 9.42 -11.25 -3.09
N MET A 31 8.22 -10.67 -3.10
CA MET A 31 8.07 -9.21 -2.99
C MET A 31 7.50 -8.88 -1.63
N LEU A 32 8.34 -8.99 -0.62
CA LEU A 32 7.91 -8.71 0.74
C LEU A 32 7.94 -7.20 1.00
N PRO A 33 7.15 -6.72 1.93
CA PRO A 33 7.08 -5.27 2.28
C PRO A 33 8.46 -4.62 2.33
N GLY A 34 8.48 -3.32 2.57
CA GLY A 34 9.73 -2.57 2.65
C GLY A 34 9.78 -1.49 1.58
N SER A 35 8.64 -1.25 0.94
CA SER A 35 8.55 -0.24 -0.11
C SER A 35 7.26 0.58 0.05
N SER A 36 6.81 1.18 -1.04
CA SER A 36 5.59 1.99 -1.02
C SER A 36 4.86 1.88 -2.34
N PHE A 37 3.57 2.24 -2.33
CA PHE A 37 2.75 2.18 -3.53
C PHE A 37 1.87 3.41 -3.63
N ASN A 38 1.47 3.75 -4.86
CA ASN A 38 0.63 4.92 -5.11
C ASN A 38 -0.78 4.49 -5.53
N VAL A 39 -1.75 5.34 -5.23
CA VAL A 39 -3.14 5.04 -5.56
C VAL A 39 -3.50 5.63 -6.94
N VAL A 40 -3.99 4.78 -7.83
CA VAL A 40 -4.38 5.23 -9.16
C VAL A 40 -5.58 6.16 -9.10
N ARG A 41 -6.55 5.82 -8.26
CA ARG A 41 -7.75 6.62 -8.13
C ARG A 41 -8.60 6.12 -6.98
N VAL A 42 -9.45 6.98 -6.43
CA VAL A 42 -10.34 6.59 -5.33
C VAL A 42 -11.78 6.93 -5.69
N ALA A 43 -12.64 5.91 -5.72
CA ALA A 43 -14.05 6.12 -6.06
C ALA A 43 -14.88 6.31 -4.78
N PRO A 44 -15.40 7.49 -4.51
CA PRO A 44 -16.23 7.74 -3.29
C PRO A 44 -17.65 7.19 -3.44
N LEU A 45 -18.01 6.81 -4.66
CA LEU A 45 -19.35 6.30 -4.92
C LEU A 45 -19.64 5.08 -4.05
N GLY A 46 -18.60 4.31 -3.74
CA GLY A 46 -18.76 3.10 -2.92
C GLY A 46 -18.07 1.92 -3.56
N ASP A 47 -17.06 2.18 -4.38
CA ASP A 47 -16.32 1.12 -5.06
C ASP A 47 -15.05 0.79 -4.27
N PRO A 48 -14.50 -0.37 -4.49
CA PRO A 48 -13.25 -0.82 -3.79
C PRO A 48 -12.10 0.15 -4.01
N ILE A 49 -10.97 -0.11 -3.34
CA ILE A 49 -9.81 0.76 -3.46
C ILE A 49 -8.90 0.27 -4.57
N HIS A 50 -8.77 1.07 -5.62
CA HIS A 50 -7.92 0.73 -6.75
C HIS A 50 -6.55 1.33 -6.57
N ILE A 51 -5.52 0.49 -6.51
CA ILE A 51 -4.15 0.96 -6.34
C ILE A 51 -3.26 0.39 -7.44
N GLU A 52 -2.23 1.15 -7.82
CA GLU A 52 -1.31 0.70 -8.86
C GLU A 52 0.13 0.89 -8.41
N THR A 53 0.92 -0.16 -8.55
CA THR A 53 2.33 -0.11 -8.15
C THR A 53 3.22 -0.27 -9.37
N ARG A 54 4.26 0.54 -9.44
CA ARG A 54 5.20 0.49 -10.56
C ARG A 54 5.45 -0.95 -11.00
N ARG A 55 5.50 -1.85 -10.03
CA ARG A 55 5.74 -3.25 -10.32
C ARG A 55 4.53 -3.89 -11.01
N VAL A 56 3.36 -3.68 -10.42
CA VAL A 56 2.14 -4.25 -10.98
C VAL A 56 0.92 -3.51 -10.44
N SER A 57 -0.28 -3.99 -10.83
CA SER A 57 -1.53 -3.37 -10.39
C SER A 57 -2.25 -4.27 -9.38
N LEU A 58 -2.96 -3.64 -8.45
CA LEU A 58 -3.70 -4.38 -7.43
C LEU A 58 -4.91 -3.57 -6.95
N VAL A 59 -5.96 -4.29 -6.57
CA VAL A 59 -7.19 -3.64 -6.07
C VAL A 59 -7.58 -4.26 -4.73
N LEU A 60 -7.82 -3.40 -3.74
CA LEU A 60 -8.19 -3.87 -2.40
C LEU A 60 -9.39 -3.08 -1.88
N ARG A 61 -10.04 -3.59 -0.83
CA ARG A 61 -11.19 -2.93 -0.24
C ARG A 61 -10.76 -2.05 0.93
N LYS A 62 -11.64 -1.15 1.34
CA LYS A 62 -11.33 -0.26 2.46
C LYS A 62 -10.94 -1.06 3.69
N LYS A 63 -11.62 -2.17 3.91
CA LYS A 63 -11.35 -3.03 5.05
C LYS A 63 -9.93 -3.59 4.97
N ASP A 64 -9.51 -3.97 3.78
CA ASP A 64 -8.17 -4.52 3.59
C ASP A 64 -7.12 -3.47 4.00
N LEU A 65 -7.32 -2.23 3.59
CA LEU A 65 -6.38 -1.16 3.93
C LEU A 65 -6.34 -0.98 5.44
N ALA A 66 -7.50 -1.01 6.07
CA ALA A 66 -7.56 -0.84 7.52
C ALA A 66 -6.72 -1.91 8.22
N LEU A 67 -6.94 -3.16 7.84
CA LEU A 67 -6.19 -4.26 8.43
C LEU A 67 -4.73 -4.22 7.99
N LEU A 68 -4.50 -3.91 6.72
CA LEU A 68 -3.14 -3.86 6.20
C LEU A 68 -2.37 -2.73 6.87
N GLU A 69 -1.17 -3.03 7.35
CA GLU A 69 -0.35 -2.03 8.02
C GLU A 69 0.31 -1.12 6.99
N VAL A 70 -0.06 0.15 7.00
CA VAL A 70 0.48 1.14 6.07
C VAL A 70 0.82 2.44 6.81
N GLU A 71 1.68 3.25 6.20
CA GLU A 71 2.09 4.53 6.80
C GLU A 71 2.20 5.60 5.72
N ALA A 72 1.61 6.76 5.98
CA ALA A 72 1.67 7.86 5.04
C ALA A 72 3.10 8.36 4.91
N VAL A 73 3.54 8.59 3.68
CA VAL A 73 4.90 9.07 3.44
C VAL A 73 4.90 10.59 3.33
N SER A 74 5.79 11.23 4.11
CA SER A 74 5.89 12.69 4.11
C SER A 74 7.35 13.12 4.24
N SER A 75 8.19 12.21 4.73
CA SER A 75 9.60 12.51 4.91
C SER A 75 10.30 12.60 3.56
N LEU A 76 11.28 13.48 3.45
CA LEU A 76 12.02 13.65 2.20
C LEU A 76 13.35 14.33 2.47
N GLU A 77 14.42 13.53 2.54
CA GLU A 77 15.76 14.06 2.79
C GLU A 77 16.77 13.32 1.93
N HIS A 78 17.89 13.98 1.64
CA HIS A 78 18.95 13.40 0.82
C HIS A 78 20.31 13.62 1.48
N HIS A 79 21.17 12.59 1.42
CA HIS A 79 22.50 12.67 2.01
C HIS A 79 23.54 13.03 0.96
N HIS A 80 23.81 14.32 0.80
CA HIS A 80 24.78 14.80 -0.18
C HIS A 80 26.14 15.04 0.48
N HIS A 81 26.15 15.07 1.81
CA HIS A 81 27.38 15.29 2.56
C HIS A 81 28.04 13.96 2.92
N HIS A 82 29.30 13.81 2.51
CA HIS A 82 30.03 12.58 2.78
C HIS A 82 30.56 12.58 4.21
N HIS A 83 30.32 11.48 4.93
CA HIS A 83 30.77 11.37 6.30
C HIS A 83 30.26 12.53 7.13
N MET A 1 -7.38 13.37 2.77
CA MET A 1 -5.92 13.14 3.00
C MET A 1 -5.66 11.64 3.06
N GLN A 2 -6.51 10.91 3.77
CA GLN A 2 -6.35 9.48 3.91
C GLN A 2 -6.73 8.76 2.62
N TYR A 3 -8.01 8.38 2.51
CA TYR A 3 -8.48 7.71 1.31
C TYR A 3 -8.84 8.73 0.25
N THR A 4 -7.87 9.08 -0.60
CA THR A 4 -8.11 10.07 -1.64
C THR A 4 -7.80 9.48 -3.02
N PRO A 5 -8.38 9.99 -4.08
CA PRO A 5 -8.13 9.49 -5.47
C PRO A 5 -6.64 9.41 -5.79
N ASP A 6 -5.86 10.38 -5.30
CA ASP A 6 -4.42 10.42 -5.57
C ASP A 6 -3.64 10.63 -4.28
N THR A 7 -3.13 9.55 -3.72
CA THR A 7 -2.36 9.65 -2.47
C THR A 7 -1.12 8.77 -2.57
N ALA A 8 0.04 9.33 -2.24
CA ALA A 8 1.28 8.59 -2.27
C ALA A 8 1.52 7.92 -0.93
N TRP A 9 1.24 6.61 -0.87
CA TRP A 9 1.40 5.85 0.37
C TRP A 9 2.64 4.99 0.30
N LYS A 10 3.32 4.84 1.44
CA LYS A 10 4.53 4.03 1.51
C LYS A 10 4.22 2.66 2.09
N ILE A 11 4.71 1.61 1.44
CA ILE A 11 4.46 0.26 1.92
C ILE A 11 5.45 -0.10 3.02
N THR A 12 4.92 -0.43 4.20
CA THR A 12 5.77 -0.80 5.34
C THR A 12 5.76 -2.31 5.53
N GLY A 13 4.60 -2.91 5.37
CA GLY A 13 4.46 -4.35 5.53
C GLY A 13 3.01 -4.76 5.77
N PHE A 14 2.77 -6.07 5.82
CA PHE A 14 1.42 -6.59 6.05
C PHE A 14 1.23 -6.90 7.53
N SER A 15 0.02 -6.65 8.02
CA SER A 15 -0.31 -6.91 9.43
C SER A 15 -0.40 -8.42 9.68
N ARG A 16 -0.42 -8.79 10.96
CA ARG A 16 -0.51 -10.20 11.32
C ARG A 16 -1.87 -10.76 10.91
N GLU A 17 -2.92 -9.96 11.09
CA GLU A 17 -4.26 -10.39 10.72
C GLU A 17 -4.38 -10.60 9.22
N ILE A 18 -3.43 -10.05 8.48
CA ILE A 18 -3.45 -10.18 7.02
C ILE A 18 -3.83 -11.60 6.62
N SER A 19 -4.53 -11.73 5.49
CA SER A 19 -4.96 -13.05 5.03
C SER A 19 -3.82 -13.74 4.28
N PRO A 20 -3.74 -15.06 4.34
CA PRO A 20 -2.67 -15.82 3.63
C PRO A 20 -2.56 -15.42 2.14
N ALA A 21 -3.70 -15.24 1.49
CA ALA A 21 -3.69 -14.87 0.08
C ALA A 21 -2.79 -13.67 -0.18
N TYR A 22 -3.08 -12.57 0.49
CA TYR A 22 -2.28 -11.36 0.31
C TYR A 22 -0.84 -11.59 0.76
N ARG A 23 -0.68 -12.23 1.90
CA ARG A 23 0.64 -12.49 2.41
C ARG A 23 1.46 -13.28 1.39
N GLN A 24 0.84 -14.32 0.83
CA GLN A 24 1.50 -15.15 -0.17
C GLN A 24 1.80 -14.33 -1.42
N LYS A 25 0.94 -13.37 -1.73
CA LYS A 25 1.15 -12.54 -2.90
C LYS A 25 2.49 -11.82 -2.76
N LEU A 26 2.77 -11.31 -1.58
CA LEU A 26 4.04 -10.63 -1.35
C LEU A 26 5.19 -11.63 -1.51
N LEU A 27 5.00 -12.84 -0.97
CA LEU A 27 6.04 -13.87 -1.04
C LEU A 27 6.04 -14.55 -2.41
N SER A 28 4.95 -14.37 -3.16
CA SER A 28 4.82 -14.98 -4.48
C SER A 28 5.93 -14.53 -5.40
N LEU A 29 6.26 -13.23 -5.35
CA LEU A 29 7.31 -12.66 -6.19
C LEU A 29 8.38 -11.97 -5.36
N GLY A 30 9.28 -11.26 -6.02
CA GLY A 30 10.37 -10.54 -5.35
C GLY A 30 10.03 -9.08 -5.14
N MET A 31 8.80 -8.81 -4.71
CA MET A 31 8.33 -7.44 -4.44
C MET A 31 7.92 -7.33 -3.00
N LEU A 32 8.90 -7.34 -2.12
CA LEU A 32 8.63 -7.24 -0.70
C LEU A 32 8.45 -5.76 -0.29
N PRO A 33 7.69 -5.49 0.75
CA PRO A 33 7.46 -4.09 1.23
C PRO A 33 8.73 -3.25 1.21
N GLY A 34 8.56 -1.95 1.45
CA GLY A 34 9.69 -1.04 1.48
C GLY A 34 9.59 -0.01 0.36
N SER A 35 8.69 -0.27 -0.59
CA SER A 35 8.48 0.63 -1.72
C SER A 35 7.31 1.57 -1.44
N SER A 36 6.71 2.10 -2.50
CA SER A 36 5.57 3.01 -2.37
C SER A 36 4.65 2.89 -3.57
N PHE A 37 3.40 3.34 -3.40
CA PHE A 37 2.42 3.28 -4.48
C PHE A 37 1.48 4.47 -4.41
N ASN A 38 0.73 4.68 -5.49
CA ASN A 38 -0.21 5.80 -5.56
C ASN A 38 -1.61 5.30 -5.93
N VAL A 39 -2.62 5.93 -5.34
CA VAL A 39 -4.00 5.55 -5.60
C VAL A 39 -4.46 6.11 -6.94
N VAL A 40 -5.02 5.24 -7.78
CA VAL A 40 -5.50 5.67 -9.09
C VAL A 40 -6.82 6.42 -8.97
N ARG A 41 -7.70 5.93 -8.10
CA ARG A 41 -9.01 6.54 -7.91
C ARG A 41 -9.71 5.88 -6.74
N VAL A 42 -10.72 6.56 -6.20
CA VAL A 42 -11.51 6.03 -5.08
C VAL A 42 -12.99 6.06 -5.44
N ALA A 43 -13.68 4.94 -5.23
CA ALA A 43 -15.11 4.86 -5.55
C ALA A 43 -15.95 5.22 -4.30
N PRO A 44 -16.65 6.34 -4.28
CA PRO A 44 -17.48 6.73 -3.10
C PRO A 44 -18.78 5.94 -3.04
N LEU A 45 -19.11 5.25 -4.13
CA LEU A 45 -20.35 4.48 -4.19
C LEU A 45 -20.35 3.39 -3.13
N GLY A 46 -19.17 2.86 -2.82
CA GLY A 46 -19.04 1.79 -1.83
C GLY A 46 -18.27 0.61 -2.41
N ASP A 47 -17.35 0.89 -3.34
CA ASP A 47 -16.56 -0.16 -3.98
C ASP A 47 -15.19 -0.28 -3.30
N PRO A 48 -14.41 -1.26 -3.65
CA PRO A 48 -13.05 -1.46 -3.07
C PRO A 48 -12.14 -0.27 -3.35
N ILE A 49 -10.86 -0.42 -3.03
CA ILE A 49 -9.88 0.65 -3.26
C ILE A 49 -8.96 0.27 -4.41
N HIS A 50 -9.04 1.03 -5.49
CA HIS A 50 -8.22 0.77 -6.67
C HIS A 50 -6.90 1.50 -6.55
N ILE A 51 -5.80 0.75 -6.66
CA ILE A 51 -4.47 1.35 -6.58
C ILE A 51 -3.62 0.92 -7.76
N GLU A 52 -2.76 1.83 -8.23
CA GLU A 52 -1.88 1.54 -9.36
C GLU A 52 -0.43 1.79 -8.98
N THR A 53 0.35 0.72 -8.94
CA THR A 53 1.76 0.83 -8.57
C THR A 53 2.63 0.67 -9.82
N ARG A 54 3.66 1.51 -9.91
CA ARG A 54 4.57 1.47 -11.04
C ARG A 54 4.87 0.03 -11.44
N ARG A 55 5.10 -0.81 -10.44
CA ARG A 55 5.41 -2.21 -10.69
C ARG A 55 4.20 -2.93 -11.27
N VAL A 56 3.03 -2.68 -10.69
CA VAL A 56 1.79 -3.32 -11.15
C VAL A 56 0.59 -2.68 -10.48
N SER A 57 -0.60 -3.08 -10.94
CA SER A 57 -1.84 -2.55 -10.37
C SER A 57 -2.58 -3.64 -9.61
N LEU A 58 -3.38 -3.23 -8.64
CA LEU A 58 -4.15 -4.17 -7.84
C LEU A 58 -5.30 -3.47 -7.13
N VAL A 59 -6.30 -4.27 -6.72
CA VAL A 59 -7.47 -3.74 -6.02
C VAL A 59 -7.51 -4.27 -4.60
N LEU A 60 -7.69 -3.37 -3.63
CA LEU A 60 -7.74 -3.77 -2.22
C LEU A 60 -8.92 -3.09 -1.54
N ARG A 61 -9.43 -3.73 -0.49
CA ARG A 61 -10.57 -3.20 0.25
C ARG A 61 -10.11 -2.17 1.28
N LYS A 62 -11.04 -1.35 1.75
CA LYS A 62 -10.72 -0.33 2.74
C LYS A 62 -10.17 -0.96 4.02
N LYS A 63 -10.84 -2.02 4.47
CA LYS A 63 -10.41 -2.70 5.69
C LYS A 63 -9.00 -3.23 5.51
N ASP A 64 -8.72 -3.76 4.32
CA ASP A 64 -7.40 -4.29 4.03
C ASP A 64 -6.34 -3.18 4.12
N LEU A 65 -6.69 -2.00 3.61
CA LEU A 65 -5.76 -0.86 3.65
C LEU A 65 -5.44 -0.51 5.10
N ALA A 66 -6.46 -0.47 5.95
CA ALA A 66 -6.25 -0.14 7.35
C ALA A 66 -5.33 -1.17 8.00
N LEU A 67 -5.57 -2.44 7.70
CA LEU A 67 -4.75 -3.51 8.25
C LEU A 67 -3.33 -3.44 7.71
N LEU A 68 -3.20 -3.17 6.42
CA LEU A 68 -1.89 -3.08 5.80
C LEU A 68 -1.10 -1.91 6.39
N GLU A 69 0.14 -2.18 6.78
CA GLU A 69 0.97 -1.12 7.36
C GLU A 69 1.46 -0.19 6.26
N VAL A 70 1.00 1.07 6.32
CA VAL A 70 1.40 2.07 5.32
C VAL A 70 1.81 3.36 6.01
N GLU A 71 2.60 4.18 5.30
CA GLU A 71 3.08 5.45 5.83
C GLU A 71 3.13 6.51 4.74
N ALA A 72 2.66 7.71 5.07
CA ALA A 72 2.66 8.81 4.10
C ALA A 72 4.07 9.35 3.93
N VAL A 73 4.50 9.47 2.68
CA VAL A 73 5.84 9.97 2.39
C VAL A 73 5.89 11.48 2.55
N SER A 74 5.36 12.20 1.55
CA SER A 74 5.34 13.66 1.59
C SER A 74 6.65 14.21 2.15
N SER A 75 7.70 13.40 2.07
CA SER A 75 9.01 13.81 2.58
C SER A 75 10.12 13.05 1.86
N LEU A 76 11.32 13.63 1.84
CA LEU A 76 12.47 13.02 1.20
C LEU A 76 13.59 12.79 2.20
N GLU A 77 13.25 12.77 3.48
CA GLU A 77 14.23 12.56 4.52
C GLU A 77 15.13 11.36 4.19
N HIS A 78 14.59 10.17 4.36
CA HIS A 78 15.34 8.94 4.06
C HIS A 78 16.75 9.04 4.64
N HIS A 79 17.64 8.19 4.16
CA HIS A 79 19.03 8.18 4.63
C HIS A 79 19.07 8.16 6.15
N HIS A 80 19.13 6.97 6.72
CA HIS A 80 19.18 6.82 8.18
C HIS A 80 20.58 7.12 8.69
N HIS A 81 20.65 7.67 9.91
CA HIS A 81 21.94 8.00 10.50
C HIS A 81 22.80 6.75 10.68
N HIS A 82 22.16 5.66 11.11
CA HIS A 82 22.87 4.40 11.33
C HIS A 82 22.98 3.63 10.01
N HIS A 83 24.20 3.22 9.68
CA HIS A 83 24.43 2.48 8.44
C HIS A 83 23.49 1.29 8.36
N MET A 1 -13.13 9.78 2.20
CA MET A 1 -12.57 10.72 3.22
C MET A 1 -11.06 10.52 3.33
N GLN A 2 -10.66 9.48 4.05
CA GLN A 2 -9.25 9.18 4.24
C GLN A 2 -8.60 8.82 2.91
N TYR A 3 -9.31 8.02 2.11
CA TYR A 3 -8.78 7.59 0.82
C TYR A 3 -8.75 8.77 -0.14
N THR A 4 -7.65 8.91 -0.87
CA THR A 4 -7.50 10.02 -1.82
C THR A 4 -6.85 9.53 -3.11
N PRO A 5 -7.07 10.20 -4.21
CA PRO A 5 -6.50 9.83 -5.53
C PRO A 5 -4.97 9.97 -5.56
N ASP A 6 -4.44 10.79 -4.66
CA ASP A 6 -2.99 11.01 -4.60
C ASP A 6 -2.51 11.01 -3.16
N THR A 7 -2.09 9.85 -2.66
CA THR A 7 -1.62 9.74 -1.29
C THR A 7 -0.40 8.82 -1.22
N ALA A 8 0.65 9.29 -0.56
CA ALA A 8 1.88 8.49 -0.43
C ALA A 8 1.81 7.69 0.86
N TRP A 9 1.51 6.40 0.74
CA TRP A 9 1.41 5.53 1.90
C TRP A 9 2.66 4.67 2.04
N LYS A 10 3.10 4.48 3.28
CA LYS A 10 4.29 3.68 3.54
C LYS A 10 3.88 2.27 3.95
N ILE A 11 4.45 1.29 3.29
CA ILE A 11 4.13 -0.11 3.58
C ILE A 11 4.92 -0.59 4.79
N THR A 12 4.20 -1.10 5.79
CA THR A 12 4.84 -1.60 7.01
C THR A 12 4.75 -3.12 7.08
N GLY A 13 3.57 -3.65 6.76
CA GLY A 13 3.34 -5.09 6.80
C GLY A 13 1.86 -5.42 6.81
N PHE A 14 1.55 -6.70 6.91
CA PHE A 14 0.14 -7.15 6.93
C PHE A 14 -0.29 -7.46 8.37
N SER A 15 -1.58 -7.27 8.64
CA SER A 15 -2.12 -7.53 9.96
C SER A 15 -2.32 -9.02 10.19
N ARG A 16 -2.60 -9.41 11.42
CA ARG A 16 -2.83 -10.81 11.75
C ARG A 16 -4.12 -11.31 11.14
N GLU A 17 -5.14 -10.47 11.17
CA GLU A 17 -6.45 -10.83 10.62
C GLU A 17 -6.36 -10.98 9.11
N ILE A 18 -5.28 -10.48 8.52
CA ILE A 18 -5.09 -10.56 7.08
C ILE A 18 -5.54 -11.93 6.55
N SER A 19 -6.07 -11.93 5.33
CA SER A 19 -6.54 -13.18 4.74
C SER A 19 -5.36 -14.00 4.19
N PRO A 20 -5.40 -15.31 4.29
CA PRO A 20 -4.30 -16.18 3.76
C PRO A 20 -3.89 -15.81 2.33
N ALA A 21 -4.87 -15.50 1.49
CA ALA A 21 -4.59 -15.15 0.10
C ALA A 21 -3.57 -14.02 0.00
N TYR A 22 -3.86 -12.90 0.64
CA TYR A 22 -2.96 -11.76 0.62
C TYR A 22 -1.63 -12.11 1.26
N ARG A 23 -1.71 -12.73 2.44
CA ARG A 23 -0.51 -13.11 3.17
C ARG A 23 0.36 -14.00 2.30
N GLN A 24 -0.27 -14.96 1.64
CA GLN A 24 0.47 -15.87 0.76
C GLN A 24 1.14 -15.06 -0.35
N LYS A 25 0.46 -14.01 -0.80
CA LYS A 25 1.01 -13.17 -1.84
C LYS A 25 2.38 -12.63 -1.41
N LEU A 26 2.45 -12.13 -0.18
CA LEU A 26 3.72 -11.61 0.32
C LEU A 26 4.77 -12.72 0.39
N LEU A 27 4.36 -13.87 0.88
CA LEU A 27 5.30 -15.00 0.98
C LEU A 27 5.64 -15.55 -0.40
N SER A 28 4.68 -15.45 -1.32
CA SER A 28 4.88 -15.96 -2.67
C SER A 28 6.07 -15.29 -3.34
N LEU A 29 6.15 -13.97 -3.22
CA LEU A 29 7.24 -13.20 -3.82
C LEU A 29 8.04 -12.48 -2.73
N GLY A 30 9.13 -11.82 -3.14
CA GLY A 30 9.98 -11.09 -2.21
C GLY A 30 9.52 -9.63 -2.08
N MET A 31 8.46 -9.29 -2.81
CA MET A 31 7.93 -7.93 -2.78
C MET A 31 7.35 -7.63 -1.40
N LEU A 32 8.22 -7.45 -0.42
CA LEU A 32 7.78 -7.18 0.95
C LEU A 32 7.86 -5.68 1.25
N PRO A 33 7.30 -5.24 2.36
CA PRO A 33 7.30 -3.80 2.74
C PRO A 33 8.70 -3.19 2.66
N GLY A 34 8.85 -2.01 3.25
CA GLY A 34 10.14 -1.31 3.26
C GLY A 34 10.15 -0.19 2.22
N SER A 35 9.00 0.02 1.58
CA SER A 35 8.86 1.08 0.58
C SER A 35 7.51 1.76 0.70
N SER A 36 7.17 2.59 -0.28
CA SER A 36 5.91 3.32 -0.28
C SER A 36 5.25 3.22 -1.65
N PHE A 37 3.93 3.45 -1.68
CA PHE A 37 3.17 3.38 -2.92
C PHE A 37 2.17 4.54 -2.99
N ASN A 38 1.66 4.79 -4.18
CA ASN A 38 0.68 5.87 -4.39
C ASN A 38 -0.61 5.31 -4.97
N VAL A 39 -1.71 5.97 -4.65
CA VAL A 39 -3.02 5.54 -5.13
C VAL A 39 -3.29 6.11 -6.51
N VAL A 40 -3.67 5.25 -7.44
CA VAL A 40 -3.97 5.68 -8.81
C VAL A 40 -5.25 6.52 -8.85
N ARG A 41 -6.25 6.10 -8.10
CA ARG A 41 -7.53 6.79 -8.07
C ARG A 41 -8.44 6.17 -7.03
N VAL A 42 -9.53 6.86 -6.71
CA VAL A 42 -10.49 6.35 -5.73
C VAL A 42 -11.90 6.52 -6.28
N ALA A 43 -12.67 5.41 -6.33
CA ALA A 43 -14.03 5.48 -6.84
C ALA A 43 -15.04 5.68 -5.69
N PRO A 44 -15.70 6.83 -5.58
CA PRO A 44 -16.68 7.09 -4.50
C PRO A 44 -18.02 6.38 -4.74
N LEU A 45 -18.19 5.85 -5.96
CA LEU A 45 -19.44 5.17 -6.31
C LEU A 45 -19.65 3.95 -5.43
N GLY A 46 -18.57 3.31 -5.01
CA GLY A 46 -18.66 2.12 -4.16
C GLY A 46 -17.82 0.98 -4.72
N ASP A 47 -16.77 1.33 -5.46
CA ASP A 47 -15.89 0.33 -6.06
C ASP A 47 -14.65 0.14 -5.18
N PRO A 48 -13.97 -0.96 -5.33
CA PRO A 48 -12.75 -1.26 -4.52
C PRO A 48 -11.70 -0.16 -4.65
N ILE A 49 -10.63 -0.28 -3.87
CA ILE A 49 -9.56 0.71 -3.87
C ILE A 49 -8.48 0.29 -4.86
N HIS A 50 -8.27 1.12 -5.88
CA HIS A 50 -7.26 0.84 -6.90
C HIS A 50 -5.98 1.58 -6.57
N ILE A 51 -4.88 0.84 -6.45
CA ILE A 51 -3.58 1.43 -6.15
C ILE A 51 -2.54 0.99 -7.17
N GLU A 52 -1.56 1.86 -7.42
CA GLU A 52 -0.49 1.55 -8.38
C GLU A 52 0.85 1.94 -7.80
N THR A 53 1.67 0.94 -7.51
CA THR A 53 2.99 1.17 -6.95
C THR A 53 4.00 1.44 -8.06
N ARG A 54 5.23 1.80 -7.68
CA ARG A 54 6.28 2.12 -8.65
C ARG A 54 6.15 1.28 -9.91
N ARG A 55 6.08 -0.03 -9.77
CA ARG A 55 5.94 -0.91 -10.92
C ARG A 55 5.03 -2.08 -10.59
N VAL A 56 4.05 -1.84 -9.72
CA VAL A 56 3.12 -2.92 -9.34
C VAL A 56 1.70 -2.38 -9.22
N SER A 57 0.73 -3.13 -9.75
CA SER A 57 -0.68 -2.72 -9.69
C SER A 57 -1.47 -3.69 -8.81
N LEU A 58 -2.24 -3.13 -7.89
CA LEU A 58 -3.05 -3.93 -6.98
C LEU A 58 -4.36 -3.22 -6.66
N VAL A 59 -5.41 -4.00 -6.44
CA VAL A 59 -6.72 -3.43 -6.11
C VAL A 59 -7.34 -4.23 -4.97
N LEU A 60 -7.70 -3.54 -3.89
CA LEU A 60 -8.29 -4.20 -2.72
C LEU A 60 -9.41 -3.32 -2.13
N ARG A 61 -10.13 -3.87 -1.16
CA ARG A 61 -11.22 -3.13 -0.52
C ARG A 61 -10.70 -2.23 0.58
N LYS A 62 -11.52 -1.26 0.99
CA LYS A 62 -11.13 -0.34 2.04
C LYS A 62 -10.78 -1.09 3.32
N LYS A 63 -11.49 -2.19 3.57
CA LYS A 63 -11.25 -2.98 4.76
C LYS A 63 -9.82 -3.52 4.76
N ASP A 64 -9.35 -3.93 3.59
CA ASP A 64 -7.99 -4.45 3.47
C ASP A 64 -6.97 -3.39 3.85
N LEU A 65 -7.18 -2.17 3.37
CA LEU A 65 -6.27 -1.06 3.68
C LEU A 65 -6.24 -0.81 5.18
N ALA A 66 -7.40 -0.85 5.80
CA ALA A 66 -7.48 -0.62 7.24
C ALA A 66 -6.69 -1.70 7.99
N LEU A 67 -6.86 -2.95 7.57
CA LEU A 67 -6.16 -4.06 8.20
C LEU A 67 -4.66 -4.01 7.93
N LEU A 68 -4.32 -3.67 6.69
CA LEU A 68 -2.90 -3.60 6.31
C LEU A 68 -2.19 -2.50 7.09
N GLU A 69 -0.99 -2.80 7.55
CA GLU A 69 -0.22 -1.82 8.32
C GLU A 69 0.43 -0.82 7.39
N VAL A 70 -0.08 0.41 7.41
CA VAL A 70 0.45 1.48 6.56
C VAL A 70 0.61 2.76 7.37
N GLU A 71 1.50 3.64 6.89
CA GLU A 71 1.75 4.91 7.57
C GLU A 71 1.90 6.04 6.56
N ALA A 72 1.13 7.10 6.75
CA ALA A 72 1.19 8.25 5.85
C ALA A 72 2.53 8.98 6.01
N VAL A 73 3.16 9.32 4.89
CA VAL A 73 4.44 10.03 4.92
C VAL A 73 4.33 11.36 4.20
N SER A 74 4.80 12.42 4.85
CA SER A 74 4.74 13.75 4.26
C SER A 74 5.93 13.97 3.31
N SER A 75 7.11 13.54 3.75
CA SER A 75 8.32 13.69 2.94
C SER A 75 9.35 12.65 3.34
N LEU A 76 9.93 11.99 2.35
CA LEU A 76 10.94 10.97 2.60
C LEU A 76 12.17 11.60 3.26
N GLU A 77 12.56 12.77 2.77
CA GLU A 77 13.72 13.46 3.32
C GLU A 77 14.91 12.51 3.41
N HIS A 78 15.82 12.62 2.44
CA HIS A 78 17.00 11.76 2.43
C HIS A 78 18.15 12.45 1.70
N HIS A 79 19.38 12.06 2.04
CA HIS A 79 20.56 12.65 1.41
C HIS A 79 21.81 11.86 1.78
N HIS A 80 22.05 10.78 1.04
CA HIS A 80 23.21 9.94 1.28
C HIS A 80 23.64 9.21 0.00
N HIS A 81 24.83 8.63 0.02
CA HIS A 81 25.36 7.92 -1.14
C HIS A 81 26.19 6.72 -0.70
N HIS A 82 26.02 5.60 -1.40
CA HIS A 82 26.77 4.39 -1.06
C HIS A 82 28.26 4.63 -1.17
N HIS A 83 28.67 5.32 -2.24
CA HIS A 83 30.09 5.63 -2.47
C HIS A 83 30.25 7.06 -2.96
N MET A 1 -10.35 11.44 3.81
CA MET A 1 -9.18 12.33 3.61
C MET A 1 -7.92 11.47 3.49
N GLN A 2 -7.87 10.40 4.26
CA GLN A 2 -6.72 9.50 4.23
C GLN A 2 -6.58 8.86 2.85
N TYR A 3 -7.69 8.42 2.29
CA TYR A 3 -7.68 7.78 0.98
C TYR A 3 -7.51 8.82 -0.11
N THR A 4 -6.25 9.09 -0.46
CA THR A 4 -5.94 10.09 -1.48
C THR A 4 -5.80 9.43 -2.86
N PRO A 5 -6.03 10.16 -3.91
CA PRO A 5 -5.92 9.63 -5.30
C PRO A 5 -4.48 9.28 -5.68
N ASP A 6 -3.54 10.10 -5.21
CA ASP A 6 -2.12 9.88 -5.51
C ASP A 6 -1.27 10.08 -4.27
N THR A 7 -0.97 8.98 -3.58
CA THR A 7 -0.15 9.04 -2.37
C THR A 7 0.83 7.88 -2.33
N ALA A 8 1.99 8.10 -1.74
CA ALA A 8 3.01 7.05 -1.63
C ALA A 8 2.92 6.39 -0.27
N TRP A 9 2.32 5.21 -0.22
CA TRP A 9 2.16 4.49 1.04
C TRP A 9 3.24 3.43 1.18
N LYS A 10 3.72 3.24 2.41
CA LYS A 10 4.76 2.26 2.68
C LYS A 10 4.13 0.99 3.25
N ILE A 11 4.52 -0.14 2.69
CA ILE A 11 3.99 -1.43 3.13
C ILE A 11 4.71 -1.90 4.39
N THR A 12 3.95 -2.19 5.45
CA THR A 12 4.53 -2.65 6.71
C THR A 12 4.29 -4.15 6.87
N GLY A 13 3.04 -4.57 6.74
CA GLY A 13 2.70 -5.99 6.87
C GLY A 13 1.20 -6.19 6.97
N PHE A 14 0.75 -7.43 6.84
CA PHE A 14 -0.67 -7.74 6.91
C PHE A 14 -1.08 -7.99 8.37
N SER A 15 -2.32 -7.64 8.69
CA SER A 15 -2.83 -7.81 10.05
C SER A 15 -3.26 -9.26 10.28
N ARG A 16 -3.56 -9.59 11.53
CA ARG A 16 -4.00 -10.94 11.86
C ARG A 16 -5.36 -11.23 11.24
N GLU A 17 -6.24 -10.23 11.24
CA GLU A 17 -7.56 -10.39 10.67
C GLU A 17 -7.49 -10.61 9.17
N ILE A 18 -6.35 -10.26 8.59
CA ILE A 18 -6.15 -10.43 7.15
C ILE A 18 -6.72 -11.76 6.67
N SER A 19 -7.22 -11.78 5.46
CA SER A 19 -7.79 -12.99 4.89
C SER A 19 -6.68 -13.96 4.46
N PRO A 20 -6.99 -15.22 4.36
CA PRO A 20 -6.00 -16.26 3.94
C PRO A 20 -5.54 -16.06 2.49
N ALA A 21 -6.43 -15.56 1.65
CA ALA A 21 -6.11 -15.35 0.25
C ALA A 21 -4.97 -14.33 0.10
N TYR A 22 -5.18 -13.14 0.64
CA TYR A 22 -4.16 -12.10 0.56
C TYR A 22 -2.88 -12.54 1.27
N ARG A 23 -3.04 -13.11 2.45
CA ARG A 23 -1.88 -13.57 3.20
C ARG A 23 -1.07 -14.55 2.37
N GLN A 24 -1.76 -15.46 1.69
CA GLN A 24 -1.09 -16.45 0.85
C GLN A 24 -0.33 -15.76 -0.27
N LYS A 25 -0.89 -14.68 -0.80
CA LYS A 25 -0.22 -13.97 -1.88
C LYS A 25 1.14 -13.48 -1.40
N LEU A 26 1.19 -12.95 -0.19
CA LEU A 26 2.45 -12.47 0.36
C LEU A 26 3.43 -13.62 0.55
N LEU A 27 2.92 -14.73 1.03
CA LEU A 27 3.76 -15.89 1.26
C LEU A 27 4.04 -16.64 -0.04
N SER A 28 3.13 -16.50 -0.99
CA SER A 28 3.28 -17.18 -2.27
C SER A 28 4.54 -16.74 -2.99
N LEU A 29 4.77 -15.43 -3.01
CA LEU A 29 5.94 -14.86 -3.68
C LEU A 29 6.90 -14.26 -2.64
N GLY A 30 8.09 -13.91 -3.10
CA GLY A 30 9.12 -13.34 -2.22
C GLY A 30 9.02 -11.82 -2.20
N MET A 31 7.80 -11.31 -2.17
CA MET A 31 7.56 -9.85 -2.15
C MET A 31 7.06 -9.44 -0.78
N LEU A 32 7.95 -9.46 0.19
CA LEU A 32 7.60 -9.10 1.55
C LEU A 32 7.62 -7.58 1.73
N PRO A 33 6.82 -7.05 2.63
CA PRO A 33 6.77 -5.60 2.89
C PRO A 33 8.15 -4.96 2.90
N GLY A 34 8.17 -3.64 3.04
CA GLY A 34 9.43 -2.90 3.07
C GLY A 34 9.50 -1.90 1.93
N SER A 35 8.71 -2.13 0.88
CA SER A 35 8.67 -1.24 -0.28
C SER A 35 7.50 -0.28 -0.16
N SER A 36 7.29 0.51 -1.21
CA SER A 36 6.19 1.49 -1.22
C SER A 36 5.43 1.41 -2.53
N PHE A 37 4.15 1.76 -2.49
CA PHE A 37 3.31 1.73 -3.69
C PHE A 37 2.50 3.02 -3.79
N ASN A 38 2.12 3.37 -5.01
CA ASN A 38 1.34 4.59 -5.27
C ASN A 38 -0.10 4.25 -5.64
N VAL A 39 -1.03 5.09 -5.22
CA VAL A 39 -2.44 4.88 -5.51
C VAL A 39 -2.81 5.55 -6.82
N VAL A 40 -3.37 4.77 -7.73
CA VAL A 40 -3.77 5.30 -9.03
C VAL A 40 -4.96 6.24 -8.89
N ARG A 41 -5.90 5.88 -8.03
CA ARG A 41 -7.10 6.68 -7.81
C ARG A 41 -7.96 6.05 -6.73
N VAL A 42 -8.93 6.82 -6.24
CA VAL A 42 -9.84 6.34 -5.20
C VAL A 42 -11.28 6.64 -5.58
N ALA A 43 -12.11 5.61 -5.66
CA ALA A 43 -13.50 5.80 -6.01
C ALA A 43 -14.39 5.91 -4.76
N PRO A 44 -14.96 7.06 -4.48
CA PRO A 44 -15.83 7.27 -3.28
C PRO A 44 -17.21 6.64 -3.46
N LEU A 45 -17.52 6.26 -4.70
CA LEU A 45 -18.81 5.67 -5.00
C LEU A 45 -19.02 4.38 -4.23
N GLY A 46 -18.07 4.05 -3.35
CA GLY A 46 -18.15 2.84 -2.55
C GLY A 46 -17.47 1.68 -3.25
N ASP A 47 -16.52 1.99 -4.13
CA ASP A 47 -15.81 0.96 -4.88
C ASP A 47 -14.48 0.64 -4.18
N PRO A 48 -13.92 -0.51 -4.47
CA PRO A 48 -12.63 -0.95 -3.86
C PRO A 48 -11.50 0.04 -4.16
N ILE A 49 -10.38 -0.14 -3.46
CA ILE A 49 -9.23 0.75 -3.64
C ILE A 49 -8.32 0.21 -4.73
N HIS A 50 -8.16 0.98 -5.79
CA HIS A 50 -7.30 0.58 -6.90
C HIS A 50 -5.94 1.21 -6.75
N ILE A 51 -4.90 0.38 -6.70
CA ILE A 51 -3.52 0.86 -6.56
C ILE A 51 -2.67 0.32 -7.69
N GLU A 52 -1.68 1.11 -8.11
CA GLU A 52 -0.79 0.70 -9.19
C GLU A 52 0.66 0.87 -8.78
N THR A 53 1.48 -0.14 -9.07
CA THR A 53 2.91 -0.10 -8.73
C THR A 53 3.75 -0.30 -9.99
N ARG A 54 4.87 0.40 -10.05
CA ARG A 54 5.76 0.32 -11.20
C ARG A 54 6.14 -1.12 -11.49
N ARG A 55 5.96 -1.99 -10.50
CA ARG A 55 6.29 -3.40 -10.65
C ARG A 55 5.05 -4.22 -10.99
N VAL A 56 3.89 -3.78 -10.49
CA VAL A 56 2.65 -4.49 -10.75
C VAL A 56 1.46 -3.67 -10.28
N SER A 57 0.25 -4.21 -10.47
CA SER A 57 -0.96 -3.53 -10.05
C SER A 57 -1.78 -4.43 -9.13
N LEU A 58 -2.61 -3.82 -8.29
CA LEU A 58 -3.44 -4.57 -7.36
C LEU A 58 -4.64 -3.74 -6.91
N VAL A 59 -5.73 -4.41 -6.58
CA VAL A 59 -6.93 -3.72 -6.11
C VAL A 59 -7.51 -4.45 -4.90
N LEU A 60 -7.72 -3.70 -3.82
CA LEU A 60 -8.27 -4.27 -2.58
C LEU A 60 -9.41 -3.42 -2.06
N ARG A 61 -10.23 -4.01 -1.19
CA ARG A 61 -11.37 -3.30 -0.61
C ARG A 61 -10.91 -2.36 0.50
N LYS A 62 -11.64 -1.27 0.70
CA LYS A 62 -11.28 -0.30 1.73
C LYS A 62 -10.91 -1.00 3.03
N LYS A 63 -11.74 -1.95 3.43
CA LYS A 63 -11.50 -2.68 4.66
C LYS A 63 -10.09 -3.26 4.66
N ASP A 64 -9.62 -3.66 3.48
CA ASP A 64 -8.29 -4.23 3.36
C ASP A 64 -7.24 -3.19 3.74
N LEU A 65 -7.44 -1.95 3.30
CA LEU A 65 -6.50 -0.88 3.58
C LEU A 65 -6.43 -0.64 5.08
N ALA A 66 -7.58 -0.63 5.73
CA ALA A 66 -7.62 -0.40 7.17
C ALA A 66 -6.87 -1.51 7.89
N LEU A 67 -7.15 -2.75 7.51
CA LEU A 67 -6.48 -3.89 8.13
C LEU A 67 -5.00 -3.92 7.76
N LEU A 68 -4.72 -3.64 6.50
CA LEU A 68 -3.34 -3.64 6.03
C LEU A 68 -2.55 -2.54 6.73
N GLU A 69 -1.38 -2.90 7.26
CA GLU A 69 -0.54 -1.93 7.95
C GLU A 69 0.27 -1.11 6.95
N VAL A 70 -0.03 0.19 6.88
CA VAL A 70 0.67 1.08 5.96
C VAL A 70 1.14 2.33 6.68
N GLU A 71 2.17 2.97 6.14
CA GLU A 71 2.72 4.18 6.74
C GLU A 71 3.02 5.23 5.67
N ALA A 72 2.46 6.42 5.87
CA ALA A 72 2.67 7.51 4.91
C ALA A 72 4.11 8.01 4.98
N VAL A 73 4.69 8.28 3.81
CA VAL A 73 6.07 8.76 3.75
C VAL A 73 6.10 10.28 3.62
N SER A 74 6.87 10.93 4.48
CA SER A 74 6.97 12.39 4.46
C SER A 74 8.22 12.85 5.22
N SER A 75 9.06 11.89 5.59
CA SER A 75 10.28 12.21 6.33
C SER A 75 11.30 12.86 5.40
N LEU A 76 12.16 13.69 5.97
CA LEU A 76 13.19 14.38 5.19
C LEU A 76 14.47 13.54 5.16
N GLU A 77 14.33 12.24 5.35
CA GLU A 77 15.48 11.35 5.33
C GLU A 77 16.37 11.64 4.12
N HIS A 78 15.81 12.35 3.14
CA HIS A 78 16.56 12.69 1.95
C HIS A 78 17.63 13.73 2.27
N HIS A 79 18.81 13.56 1.69
CA HIS A 79 19.92 14.49 1.91
C HIS A 79 20.83 14.54 0.70
N HIS A 80 21.71 15.54 0.66
CA HIS A 80 22.64 15.70 -0.45
C HIS A 80 24.05 15.26 -0.04
N HIS A 81 24.80 14.75 -1.01
CA HIS A 81 26.16 14.29 -0.73
C HIS A 81 27.04 15.45 -0.32
N HIS A 82 26.85 16.60 -0.97
CA HIS A 82 27.64 17.79 -0.66
C HIS A 82 26.74 19.04 -0.63
N HIS A 83 27.05 19.95 0.28
CA HIS A 83 26.27 21.17 0.42
C HIS A 83 26.42 22.04 -0.83
N MET A 1 -10.89 13.25 4.28
CA MET A 1 -11.28 11.82 4.05
C MET A 1 -10.03 10.95 4.09
N GLN A 2 -10.19 9.73 4.60
CA GLN A 2 -9.06 8.80 4.70
C GLN A 2 -8.56 8.42 3.32
N TYR A 3 -9.49 8.12 2.42
CA TYR A 3 -9.12 7.73 1.06
C TYR A 3 -9.41 8.87 0.09
N THR A 4 -8.44 9.16 -0.79
CA THR A 4 -8.60 10.24 -1.76
C THR A 4 -8.31 9.73 -3.17
N PRO A 5 -8.89 10.32 -4.19
CA PRO A 5 -8.65 9.90 -5.60
C PRO A 5 -7.17 9.81 -5.95
N ASP A 6 -6.40 10.77 -5.46
CA ASP A 6 -4.95 10.80 -5.74
C ASP A 6 -4.16 11.11 -4.47
N THR A 7 -3.60 10.06 -3.87
CA THR A 7 -2.79 10.21 -2.66
C THR A 7 -1.54 9.35 -2.74
N ALA A 8 -0.44 9.86 -2.21
CA ALA A 8 0.83 9.12 -2.22
C ALA A 8 0.97 8.37 -0.91
N TRP A 9 0.72 7.06 -0.96
CA TRP A 9 0.80 6.22 0.24
C TRP A 9 2.11 5.45 0.26
N LYS A 10 2.75 5.40 1.42
CA LYS A 10 4.01 4.68 1.57
C LYS A 10 3.74 3.25 2.00
N ILE A 11 4.55 2.32 1.51
CA ILE A 11 4.39 0.91 1.84
C ILE A 11 5.34 0.52 2.96
N THR A 12 4.77 0.12 4.10
CA THR A 12 5.58 -0.28 5.25
C THR A 12 5.64 -1.81 5.37
N GLY A 13 4.48 -2.45 5.24
CA GLY A 13 4.41 -3.90 5.33
C GLY A 13 2.99 -4.37 5.60
N PHE A 14 2.80 -5.68 5.63
CA PHE A 14 1.48 -6.26 5.88
C PHE A 14 1.30 -6.53 7.38
N SER A 15 0.06 -6.41 7.84
CA SER A 15 -0.24 -6.64 9.26
C SER A 15 -0.23 -8.14 9.56
N ARG A 16 -0.34 -8.48 10.85
CA ARG A 16 -0.36 -9.88 11.26
C ARG A 16 -1.68 -10.54 10.86
N GLU A 17 -2.77 -9.78 10.96
CA GLU A 17 -4.08 -10.30 10.62
C GLU A 17 -4.19 -10.51 9.11
N ILE A 18 -3.24 -9.95 8.38
CA ILE A 18 -3.24 -10.07 6.92
C ILE A 18 -3.62 -11.50 6.51
N SER A 19 -4.26 -11.62 5.35
CA SER A 19 -4.67 -12.94 4.87
C SER A 19 -3.47 -13.69 4.26
N PRO A 20 -3.35 -14.99 4.47
CA PRO A 20 -2.22 -15.78 3.89
C PRO A 20 -2.02 -15.51 2.40
N ALA A 21 -3.11 -15.39 1.66
CA ALA A 21 -3.04 -15.14 0.22
C ALA A 21 -2.20 -13.91 -0.08
N TYR A 22 -2.58 -12.77 0.48
CA TYR A 22 -1.87 -11.53 0.26
C TYR A 22 -0.43 -11.64 0.78
N ARG A 23 -0.28 -12.21 1.96
CA ARG A 23 1.04 -12.36 2.55
C ARG A 23 1.93 -13.18 1.62
N GLN A 24 1.37 -14.25 1.07
CA GLN A 24 2.13 -15.10 0.16
C GLN A 24 2.54 -14.32 -1.08
N LYS A 25 1.66 -13.42 -1.53
CA LYS A 25 1.95 -12.61 -2.71
C LYS A 25 3.22 -11.81 -2.46
N LEU A 26 3.30 -11.17 -1.30
CA LEU A 26 4.49 -10.38 -0.99
C LEU A 26 5.71 -11.29 -0.90
N LEU A 27 5.53 -12.47 -0.34
CA LEU A 27 6.65 -13.40 -0.21
C LEU A 27 7.20 -13.75 -1.58
N SER A 28 6.31 -14.01 -2.53
CA SER A 28 6.73 -14.37 -3.88
C SER A 28 7.18 -13.13 -4.64
N LEU A 29 6.56 -12.00 -4.35
CA LEU A 29 6.90 -10.75 -5.03
C LEU A 29 8.27 -10.26 -4.56
N GLY A 30 9.13 -9.95 -5.52
CA GLY A 30 10.47 -9.47 -5.22
C GLY A 30 10.46 -7.96 -4.95
N MET A 31 9.27 -7.36 -4.99
CA MET A 31 9.13 -5.93 -4.73
C MET A 31 8.45 -5.71 -3.39
N LEU A 32 9.21 -5.90 -2.32
CA LEU A 32 8.68 -5.73 -0.98
C LEU A 32 8.62 -4.25 -0.62
N PRO A 33 7.90 -3.89 0.43
CA PRO A 33 7.79 -2.48 0.87
C PRO A 33 9.09 -1.72 0.76
N GLY A 34 9.02 -0.42 0.99
CA GLY A 34 10.19 0.45 0.94
C GLY A 34 10.03 1.52 -0.14
N SER A 35 8.82 1.61 -0.70
CA SER A 35 8.52 2.59 -1.74
C SER A 35 7.16 3.23 -1.48
N SER A 36 6.55 3.77 -2.54
CA SER A 36 5.25 4.42 -2.42
C SER A 36 4.43 4.19 -3.69
N PHE A 37 3.11 4.31 -3.56
CA PHE A 37 2.22 4.11 -4.70
C PHE A 37 1.10 5.15 -4.67
N ASN A 38 0.56 5.45 -5.86
CA ASN A 38 -0.51 6.43 -5.99
C ASN A 38 -1.85 5.75 -6.28
N VAL A 39 -2.93 6.34 -5.78
CA VAL A 39 -4.25 5.78 -5.98
C VAL A 39 -4.85 6.30 -7.29
N VAL A 40 -5.28 5.38 -8.14
CA VAL A 40 -5.87 5.74 -9.42
C VAL A 40 -7.18 6.52 -9.22
N ARG A 41 -7.97 6.09 -8.25
CA ARG A 41 -9.24 6.72 -7.96
C ARG A 41 -9.86 6.12 -6.71
N VAL A 42 -10.81 6.83 -6.10
CA VAL A 42 -11.50 6.33 -4.91
C VAL A 42 -13.00 6.38 -5.14
N ALA A 43 -13.67 5.24 -4.96
CA ALA A 43 -15.11 5.17 -5.14
C ALA A 43 -15.84 5.39 -3.81
N PRO A 44 -16.55 6.49 -3.62
CA PRO A 44 -17.28 6.76 -2.35
C PRO A 44 -18.55 5.94 -2.23
N LEU A 45 -18.96 5.31 -3.33
CA LEU A 45 -20.18 4.51 -3.33
C LEU A 45 -20.10 3.40 -2.30
N GLY A 46 -18.88 2.88 -2.05
CA GLY A 46 -18.69 1.81 -1.08
C GLY A 46 -18.09 0.58 -1.76
N ASP A 47 -17.26 0.81 -2.78
CA ASP A 47 -16.63 -0.29 -3.52
C ASP A 47 -15.20 -0.50 -3.04
N PRO A 48 -14.49 -1.45 -3.58
CA PRO A 48 -13.07 -1.73 -3.19
C PRO A 48 -12.16 -0.55 -3.49
N ILE A 49 -10.87 -0.71 -3.20
CA ILE A 49 -9.89 0.35 -3.42
C ILE A 49 -9.01 -0.01 -4.61
N HIS A 50 -9.03 0.84 -5.64
CA HIS A 50 -8.23 0.62 -6.83
C HIS A 50 -7.00 1.51 -6.80
N ILE A 51 -5.83 0.89 -6.89
CA ILE A 51 -4.57 1.64 -6.87
C ILE A 51 -3.71 1.25 -8.07
N GLU A 52 -2.87 2.17 -8.52
CA GLU A 52 -1.99 1.91 -9.66
C GLU A 52 -0.54 2.14 -9.27
N THR A 53 0.33 1.22 -9.67
CA THR A 53 1.75 1.31 -9.36
C THR A 53 2.57 1.09 -10.62
N ARG A 54 3.65 1.86 -10.76
CA ARG A 54 4.51 1.76 -11.94
C ARG A 54 4.68 0.30 -12.34
N ARG A 55 4.76 -0.57 -11.35
CA ARG A 55 4.91 -1.99 -11.62
C ARG A 55 3.60 -2.60 -12.10
N VAL A 56 2.52 -2.33 -11.37
CA VAL A 56 1.21 -2.87 -11.72
C VAL A 56 0.12 -2.25 -10.85
N SER A 57 -1.12 -2.67 -11.08
CA SER A 57 -2.24 -2.19 -10.29
C SER A 57 -2.73 -3.27 -9.35
N LEU A 58 -3.52 -2.87 -8.34
CA LEU A 58 -4.07 -3.82 -7.38
C LEU A 58 -5.42 -3.34 -6.87
N VAL A 59 -6.31 -4.29 -6.58
CA VAL A 59 -7.65 -3.96 -6.08
C VAL A 59 -7.91 -4.75 -4.80
N LEU A 60 -8.24 -4.03 -3.74
CA LEU A 60 -8.52 -4.68 -2.45
C LEU A 60 -9.63 -3.95 -1.70
N ARG A 61 -10.17 -4.58 -0.66
CA ARG A 61 -11.25 -3.96 0.14
C ARG A 61 -10.69 -2.99 1.16
N LYS A 62 -11.46 -1.95 1.45
CA LYS A 62 -11.04 -0.93 2.41
C LYS A 62 -10.39 -1.58 3.64
N LYS A 63 -10.98 -2.68 4.09
CA LYS A 63 -10.47 -3.39 5.25
C LYS A 63 -9.00 -3.75 5.06
N ASP A 64 -8.66 -4.14 3.83
CA ASP A 64 -7.28 -4.51 3.53
C ASP A 64 -6.36 -3.33 3.75
N LEU A 65 -6.80 -2.14 3.34
CA LEU A 65 -5.99 -0.94 3.48
C LEU A 65 -5.73 -0.66 4.96
N ALA A 66 -6.77 -0.83 5.78
CA ALA A 66 -6.62 -0.59 7.20
C ALA A 66 -5.62 -1.58 7.80
N LEU A 67 -5.72 -2.84 7.37
CA LEU A 67 -4.82 -3.88 7.85
C LEU A 67 -3.40 -3.64 7.37
N LEU A 68 -3.26 -3.27 6.10
CA LEU A 68 -1.94 -3.02 5.53
C LEU A 68 -1.32 -1.79 6.16
N GLU A 69 -0.04 -1.89 6.51
CA GLU A 69 0.66 -0.77 7.13
C GLU A 69 1.12 0.22 6.06
N VAL A 70 0.50 1.40 6.06
CA VAL A 70 0.84 2.44 5.10
C VAL A 70 1.06 3.78 5.79
N GLU A 71 1.83 4.66 5.15
CA GLU A 71 2.12 5.98 5.72
C GLU A 71 2.18 7.03 4.63
N ALA A 72 1.77 8.25 4.98
CA ALA A 72 1.80 9.35 4.02
C ALA A 72 3.23 9.72 3.69
N VAL A 73 3.48 10.08 2.43
CA VAL A 73 4.83 10.45 1.99
C VAL A 73 4.97 11.96 1.96
N SER A 74 6.03 12.47 2.57
CA SER A 74 6.29 13.91 2.60
C SER A 74 7.79 14.18 2.63
N SER A 75 8.44 13.79 3.74
CA SER A 75 9.88 14.00 3.89
C SER A 75 10.65 12.83 3.28
N LEU A 76 11.80 13.13 2.67
CA LEU A 76 12.62 12.10 2.05
C LEU A 76 13.09 11.11 3.10
N GLU A 77 13.60 11.63 4.23
CA GLU A 77 14.08 10.78 5.31
C GLU A 77 15.08 9.76 4.77
N HIS A 78 16.36 10.08 4.86
CA HIS A 78 17.41 9.18 4.39
C HIS A 78 17.67 8.09 5.41
N HIS A 79 18.19 6.95 4.93
CA HIS A 79 18.49 5.82 5.81
C HIS A 79 19.89 5.27 5.50
N HIS A 80 20.61 4.90 6.56
CA HIS A 80 21.96 4.35 6.41
C HIS A 80 22.20 3.23 7.42
N HIS A 81 23.05 2.29 7.05
CA HIS A 81 23.37 1.17 7.93
C HIS A 81 24.35 1.59 9.01
N HIS A 82 24.14 1.08 10.22
CA HIS A 82 25.01 1.41 11.35
C HIS A 82 26.42 0.86 11.11
N HIS A 83 26.49 -0.35 10.55
CA HIS A 83 27.78 -0.97 10.29
C HIS A 83 28.42 -0.36 9.03
N MET A 1 -12.28 11.61 5.35
CA MET A 1 -12.18 10.23 4.80
C MET A 1 -10.71 9.83 4.72
N GLN A 2 -10.41 8.63 5.20
CA GLN A 2 -9.03 8.13 5.18
C GLN A 2 -8.55 7.97 3.75
N TYR A 3 -9.39 7.41 2.90
CA TYR A 3 -9.02 7.20 1.50
C TYR A 3 -8.94 8.53 0.78
N THR A 4 -7.89 8.69 -0.04
CA THR A 4 -7.70 9.94 -0.79
C THR A 4 -7.23 9.63 -2.21
N PRO A 5 -7.44 10.54 -3.13
CA PRO A 5 -7.02 10.36 -4.56
C PRO A 5 -5.50 10.36 -4.72
N ASP A 6 -4.84 11.36 -4.15
CA ASP A 6 -3.38 11.47 -4.24
C ASP A 6 -2.77 11.67 -2.86
N THR A 7 -2.29 10.58 -2.27
CA THR A 7 -1.66 10.62 -0.95
C THR A 7 -0.45 9.71 -0.91
N ALA A 8 0.52 10.05 -0.06
CA ALA A 8 1.74 9.25 0.09
C ALA A 8 1.64 8.40 1.34
N TRP A 9 1.34 7.11 1.16
CA TRP A 9 1.20 6.20 2.30
C TRP A 9 2.48 5.39 2.49
N LYS A 10 2.94 5.30 3.73
CA LYS A 10 4.15 4.56 4.06
C LYS A 10 3.80 3.12 4.43
N ILE A 11 4.53 2.18 3.86
CA ILE A 11 4.26 0.76 4.12
C ILE A 11 5.00 0.32 5.39
N THR A 12 4.25 -0.21 6.36
CA THR A 12 4.85 -0.67 7.61
C THR A 12 4.87 -2.20 7.66
N GLY A 13 3.75 -2.83 7.33
CA GLY A 13 3.66 -4.28 7.33
C GLY A 13 2.21 -4.74 7.29
N PHE A 14 2.01 -6.03 7.09
CA PHE A 14 0.66 -6.60 7.02
C PHE A 14 0.19 -7.02 8.42
N SER A 15 -1.11 -6.87 8.67
CA SER A 15 -1.69 -7.24 9.96
C SER A 15 -1.78 -8.76 10.09
N ARG A 16 -2.09 -9.22 11.29
CA ARG A 16 -2.22 -10.65 11.54
C ARG A 16 -3.45 -11.21 10.83
N GLU A 17 -4.52 -10.43 10.82
CA GLU A 17 -5.76 -10.85 10.17
C GLU A 17 -5.61 -10.84 8.65
N ILE A 18 -4.50 -10.27 8.17
CA ILE A 18 -4.25 -10.19 6.73
C ILE A 18 -4.64 -11.51 6.06
N SER A 19 -5.11 -11.42 4.82
CA SER A 19 -5.52 -12.60 4.08
C SER A 19 -4.30 -13.44 3.71
N PRO A 20 -4.48 -14.73 3.53
CA PRO A 20 -3.36 -15.65 3.17
C PRO A 20 -2.77 -15.32 1.79
N ALA A 21 -3.62 -14.85 0.88
CA ALA A 21 -3.15 -14.52 -0.47
C ALA A 21 -2.15 -13.37 -0.44
N TYR A 22 -2.55 -12.25 0.15
CA TYR A 22 -1.68 -11.09 0.23
C TYR A 22 -0.43 -11.41 1.02
N ARG A 23 -0.61 -12.14 2.12
CA ARG A 23 0.51 -12.51 2.96
C ARG A 23 1.53 -13.30 2.12
N GLN A 24 1.02 -14.24 1.32
CA GLN A 24 1.90 -15.03 0.47
C GLN A 24 2.63 -14.15 -0.52
N LYS A 25 1.96 -13.11 -1.02
CA LYS A 25 2.60 -12.22 -1.97
C LYS A 25 3.83 -11.60 -1.35
N LEU A 26 3.72 -11.12 -0.11
CA LEU A 26 4.88 -10.53 0.57
C LEU A 26 5.97 -11.57 0.78
N LEU A 27 5.57 -12.77 1.20
CA LEU A 27 6.54 -13.84 1.43
C LEU A 27 7.10 -14.37 0.11
N SER A 28 6.27 -14.36 -0.93
CA SER A 28 6.68 -14.86 -2.23
C SER A 28 7.89 -14.10 -2.77
N LEU A 29 7.86 -12.78 -2.62
CA LEU A 29 8.96 -11.92 -3.09
C LEU A 29 9.57 -11.14 -1.93
N GLY A 30 10.63 -10.38 -2.23
CA GLY A 30 11.30 -9.59 -1.20
C GLY A 30 10.69 -8.19 -1.09
N MET A 31 9.72 -7.91 -1.96
CA MET A 31 9.05 -6.61 -1.96
C MET A 31 8.35 -6.40 -0.63
N LEU A 32 9.13 -6.12 0.41
CA LEU A 32 8.59 -5.92 1.75
C LEU A 32 8.53 -4.41 2.07
N PRO A 33 7.87 -4.04 3.14
CA PRO A 33 7.75 -2.60 3.55
C PRO A 33 9.09 -1.88 3.56
N GLY A 34 9.13 -0.77 4.27
CA GLY A 34 10.36 0.03 4.37
C GLY A 34 10.39 1.11 3.30
N SER A 35 9.24 1.30 2.63
CA SER A 35 9.12 2.31 1.59
C SER A 35 7.75 2.97 1.64
N SER A 36 7.32 3.53 0.50
CA SER A 36 6.02 4.19 0.43
C SER A 36 5.46 4.12 -0.98
N PHE A 37 4.17 4.39 -1.11
CA PHE A 37 3.51 4.35 -2.42
C PHE A 37 2.45 5.44 -2.52
N ASN A 38 2.05 5.76 -3.75
CA ASN A 38 1.06 6.79 -3.99
C ASN A 38 -0.22 6.18 -4.57
N VAL A 39 -1.35 6.79 -4.24
CA VAL A 39 -2.64 6.31 -4.72
C VAL A 39 -2.98 6.97 -6.06
N VAL A 40 -3.22 6.14 -7.07
CA VAL A 40 -3.54 6.65 -8.40
C VAL A 40 -4.90 7.35 -8.40
N ARG A 41 -5.86 6.76 -7.70
CA ARG A 41 -7.21 7.33 -7.64
C ARG A 41 -8.05 6.53 -6.67
N VAL A 42 -9.20 7.08 -6.30
CA VAL A 42 -10.13 6.41 -5.38
C VAL A 42 -11.52 6.38 -5.99
N ALA A 43 -12.15 5.20 -6.01
CA ALA A 43 -13.49 5.07 -6.58
C ALA A 43 -14.56 5.24 -5.49
N PRO A 44 -15.34 6.32 -5.48
CA PRO A 44 -16.40 6.52 -4.45
C PRO A 44 -17.64 5.67 -4.71
N LEU A 45 -17.72 5.10 -5.91
CA LEU A 45 -18.87 4.28 -6.28
C LEU A 45 -18.99 3.06 -5.37
N GLY A 46 -17.83 2.57 -4.91
CA GLY A 46 -17.81 1.39 -4.02
C GLY A 46 -16.88 0.33 -4.57
N ASP A 47 -15.84 0.76 -5.31
CA ASP A 47 -14.88 -0.18 -5.89
C ASP A 47 -13.63 -0.26 -5.01
N PRO A 48 -12.82 -1.28 -5.18
CA PRO A 48 -11.56 -1.43 -4.38
C PRO A 48 -10.69 -0.18 -4.42
N ILE A 49 -9.50 -0.28 -3.83
CA ILE A 49 -8.56 0.83 -3.81
C ILE A 49 -7.46 0.61 -4.83
N HIS A 50 -7.41 1.47 -5.84
CA HIS A 50 -6.40 1.37 -6.89
C HIS A 50 -5.19 2.20 -6.52
N ILE A 51 -4.04 1.53 -6.38
CA ILE A 51 -2.80 2.22 -6.03
C ILE A 51 -1.73 1.91 -7.05
N GLU A 52 -0.85 2.88 -7.29
CA GLU A 52 0.24 2.71 -8.27
C GLU A 52 1.57 3.05 -7.63
N THR A 53 2.52 2.13 -7.77
CA THR A 53 3.87 2.32 -7.20
C THR A 53 4.90 2.28 -8.32
N ARG A 54 5.85 3.18 -8.25
CA ARG A 54 6.90 3.27 -9.27
C ARG A 54 7.43 1.88 -9.60
N ARG A 55 7.55 1.04 -8.58
CA ARG A 55 8.04 -0.31 -8.79
C ARG A 55 7.01 -1.15 -9.54
N VAL A 56 5.74 -1.03 -9.16
CA VAL A 56 4.67 -1.79 -9.81
C VAL A 56 3.31 -1.29 -9.36
N SER A 57 2.27 -1.78 -10.02
CA SER A 57 0.91 -1.39 -9.66
C SER A 57 0.25 -2.44 -8.78
N LEU A 58 -0.80 -2.06 -8.08
CA LEU A 58 -1.52 -2.99 -7.20
C LEU A 58 -2.89 -2.43 -6.85
N VAL A 59 -3.85 -3.32 -6.63
CA VAL A 59 -5.21 -2.92 -6.26
C VAL A 59 -5.71 -3.78 -5.11
N LEU A 60 -6.17 -3.14 -4.03
CA LEU A 60 -6.66 -3.87 -2.86
C LEU A 60 -8.01 -3.29 -2.40
N ARG A 61 -8.79 -4.12 -1.70
CA ARG A 61 -10.10 -3.69 -1.21
C ARG A 61 -9.96 -2.83 0.05
N LYS A 62 -10.82 -1.83 0.17
CA LYS A 62 -10.79 -0.94 1.33
C LYS A 62 -10.49 -1.70 2.62
N LYS A 63 -11.13 -2.86 2.78
CA LYS A 63 -10.92 -3.67 3.97
C LYS A 63 -9.45 -4.05 4.10
N ASP A 64 -8.84 -4.41 2.98
CA ASP A 64 -7.43 -4.79 2.98
C ASP A 64 -6.56 -3.61 3.44
N LEU A 65 -6.89 -2.40 2.98
CA LEU A 65 -6.13 -1.22 3.35
C LEU A 65 -6.18 -1.02 4.87
N ALA A 66 -7.37 -1.21 5.44
CA ALA A 66 -7.52 -1.06 6.88
C ALA A 66 -6.67 -2.10 7.61
N LEU A 67 -6.65 -3.31 7.09
CA LEU A 67 -5.88 -4.38 7.70
C LEU A 67 -4.38 -4.11 7.59
N LEU A 68 -3.95 -3.62 6.44
CA LEU A 68 -2.53 -3.34 6.25
C LEU A 68 -2.11 -2.12 7.06
N GLU A 69 -0.91 -2.19 7.62
CA GLU A 69 -0.40 -1.08 8.43
C GLU A 69 0.23 -0.03 7.53
N VAL A 70 -0.50 1.08 7.33
CA VAL A 70 -0.02 2.17 6.49
C VAL A 70 0.00 3.47 7.28
N GLU A 71 0.85 4.39 6.87
CA GLU A 71 0.96 5.68 7.55
C GLU A 71 1.20 6.80 6.55
N ALA A 72 0.35 7.82 6.58
CA ALA A 72 0.48 8.94 5.67
C ALA A 72 1.77 9.70 5.96
N VAL A 73 2.54 9.99 4.93
CA VAL A 73 3.81 10.72 5.08
C VAL A 73 3.92 11.83 4.04
N SER A 74 4.77 12.80 4.31
CA SER A 74 4.95 13.92 3.38
C SER A 74 5.92 13.54 2.28
N SER A 75 7.19 13.37 2.63
CA SER A 75 8.21 13.00 1.65
C SER A 75 8.06 11.54 1.26
N LEU A 76 8.19 11.28 -0.04
CA LEU A 76 8.07 9.91 -0.57
C LEU A 76 9.43 9.41 -1.07
N GLU A 77 10.43 10.29 -1.06
CA GLU A 77 11.76 9.93 -1.52
C GLU A 77 12.30 8.75 -0.73
N HIS A 78 13.08 7.91 -1.40
CA HIS A 78 13.66 6.74 -0.75
C HIS A 78 14.86 7.13 0.09
N HIS A 79 14.75 6.98 1.40
CA HIS A 79 15.85 7.33 2.30
C HIS A 79 17.04 6.40 2.08
N HIS A 80 16.77 5.11 1.92
CA HIS A 80 17.83 4.14 1.70
C HIS A 80 18.20 4.08 0.22
N HIS A 81 19.47 4.35 -0.07
CA HIS A 81 19.94 4.32 -1.44
C HIS A 81 19.90 2.91 -2.01
N HIS A 82 20.27 1.93 -1.18
CA HIS A 82 20.26 0.54 -1.60
C HIS A 82 18.83 0.03 -1.75
N HIS A 83 18.62 -0.83 -2.74
CA HIS A 83 17.28 -1.38 -2.98
C HIS A 83 16.66 -1.85 -1.67
N MET A 1 -9.40 13.15 2.76
CA MET A 1 -10.48 12.21 3.17
C MET A 1 -9.92 10.79 3.17
N GLN A 2 -8.86 10.58 3.94
CA GLN A 2 -8.23 9.26 4.03
C GLN A 2 -7.93 8.71 2.64
N TYR A 3 -8.91 8.05 2.05
CA TYR A 3 -8.73 7.47 0.72
C TYR A 3 -8.89 8.55 -0.34
N THR A 4 -7.75 9.06 -0.83
CA THR A 4 -7.78 10.11 -1.84
C THR A 4 -7.38 9.56 -3.20
N PRO A 5 -7.79 10.20 -4.28
CA PRO A 5 -7.44 9.75 -5.66
C PRO A 5 -5.94 9.49 -5.84
N ASP A 6 -5.11 10.33 -5.23
CA ASP A 6 -3.66 10.19 -5.33
C ASP A 6 -3.01 10.41 -3.97
N THR A 7 -2.74 9.31 -3.26
CA THR A 7 -2.13 9.40 -1.95
C THR A 7 -0.88 8.51 -1.89
N ALA A 8 0.22 9.08 -1.44
CA ALA A 8 1.47 8.32 -1.33
C ALA A 8 1.51 7.61 0.02
N TRP A 9 1.22 6.31 0.00
CA TRP A 9 1.20 5.51 1.23
C TRP A 9 2.47 4.68 1.34
N LYS A 10 2.92 4.44 2.56
CA LYS A 10 4.12 3.65 2.80
C LYS A 10 3.73 2.24 3.20
N ILE A 11 4.31 1.26 2.52
CA ILE A 11 4.00 -0.15 2.82
C ILE A 11 4.85 -0.64 3.99
N THR A 12 4.20 -1.12 5.04
CA THR A 12 4.91 -1.62 6.22
C THR A 12 4.80 -3.14 6.29
N GLY A 13 3.59 -3.64 6.10
CA GLY A 13 3.36 -5.09 6.15
C GLY A 13 1.87 -5.40 6.25
N PHE A 14 1.55 -6.69 6.32
CA PHE A 14 0.16 -7.13 6.42
C PHE A 14 -0.25 -7.26 7.88
N SER A 15 -1.56 -7.24 8.13
CA SER A 15 -2.08 -7.37 9.49
C SER A 15 -2.13 -8.82 9.92
N ARG A 16 -2.37 -9.05 11.20
CA ARG A 16 -2.47 -10.41 11.73
C ARG A 16 -3.72 -11.10 11.21
N GLU A 17 -4.81 -10.35 11.13
CA GLU A 17 -6.08 -10.89 10.65
C GLU A 17 -6.04 -11.10 9.14
N ILE A 18 -4.97 -10.64 8.51
CA ILE A 18 -4.83 -10.77 7.06
C ILE A 18 -5.27 -12.16 6.61
N SER A 19 -5.85 -12.22 5.42
CA SER A 19 -6.32 -13.50 4.89
C SER A 19 -5.16 -14.29 4.26
N PRO A 20 -5.20 -15.61 4.31
CA PRO A 20 -4.13 -16.46 3.70
C PRO A 20 -3.82 -16.06 2.25
N ALA A 21 -4.85 -15.71 1.49
CA ALA A 21 -4.65 -15.33 0.10
C ALA A 21 -3.64 -14.20 -0.03
N TYR A 22 -3.92 -13.09 0.64
CA TYR A 22 -3.03 -11.93 0.59
C TYR A 22 -1.67 -12.28 1.18
N ARG A 23 -1.70 -12.88 2.38
CA ARG A 23 -0.46 -13.25 3.05
C ARG A 23 0.37 -14.15 2.17
N GLN A 24 -0.28 -15.12 1.54
CA GLN A 24 0.41 -16.05 0.66
C GLN A 24 0.99 -15.29 -0.52
N LYS A 25 0.30 -14.23 -0.94
CA LYS A 25 0.78 -13.44 -2.06
C LYS A 25 2.15 -12.86 -1.74
N LEU A 26 2.26 -12.25 -0.57
CA LEU A 26 3.54 -11.67 -0.16
C LEU A 26 4.60 -12.76 -0.02
N LEU A 27 4.19 -13.91 0.52
CA LEU A 27 5.12 -15.01 0.71
C LEU A 27 5.71 -15.45 -0.63
N SER A 28 4.86 -15.49 -1.65
CA SER A 28 5.31 -15.92 -2.98
C SER A 28 5.93 -14.75 -3.73
N LEU A 29 5.75 -13.54 -3.21
CA LEU A 29 6.30 -12.35 -3.86
C LEU A 29 7.63 -11.96 -3.21
N GLY A 30 8.67 -11.89 -4.03
CA GLY A 30 9.99 -11.53 -3.54
C GLY A 30 10.10 -10.03 -3.31
N MET A 31 8.99 -9.32 -3.51
CA MET A 31 8.96 -7.87 -3.32
C MET A 31 8.16 -7.52 -2.08
N LEU A 32 8.77 -7.74 -0.93
CA LEU A 32 8.10 -7.47 0.34
C LEU A 32 8.12 -5.97 0.64
N PRO A 33 7.35 -5.54 1.61
CA PRO A 33 7.28 -4.10 1.98
C PRO A 33 8.64 -3.43 1.99
N GLY A 34 8.65 -2.13 2.29
CA GLY A 34 9.88 -1.36 2.34
C GLY A 34 9.87 -0.22 1.32
N SER A 35 8.69 0.01 0.74
CA SER A 35 8.52 1.07 -0.26
C SER A 35 7.16 1.73 -0.10
N SER A 36 6.80 2.56 -1.08
CA SER A 36 5.51 3.27 -1.05
C SER A 36 4.80 3.12 -2.38
N PHE A 37 3.48 3.29 -2.36
CA PHE A 37 2.67 3.18 -3.57
C PHE A 37 1.69 4.35 -3.67
N ASN A 38 1.24 4.64 -4.88
CA ASN A 38 0.30 5.73 -5.11
C ASN A 38 -1.05 5.18 -5.56
N VAL A 39 -2.11 5.88 -5.17
CA VAL A 39 -3.46 5.47 -5.53
C VAL A 39 -3.82 6.02 -6.91
N VAL A 40 -4.26 5.12 -7.79
CA VAL A 40 -4.64 5.53 -9.13
C VAL A 40 -5.92 6.37 -9.11
N ARG A 41 -6.85 5.99 -8.26
CA ARG A 41 -8.12 6.70 -8.15
C ARG A 41 -8.94 6.13 -7.01
N VAL A 42 -9.87 6.95 -6.49
CA VAL A 42 -10.74 6.50 -5.40
C VAL A 42 -12.19 6.83 -5.73
N ALA A 43 -12.97 5.82 -6.08
CA ALA A 43 -14.37 6.03 -6.42
C ALA A 43 -15.27 5.81 -5.18
N PRO A 44 -15.88 6.86 -4.64
CA PRO A 44 -16.77 6.76 -3.43
C PRO A 44 -18.13 6.15 -3.77
N LEU A 45 -18.40 5.99 -5.05
CA LEU A 45 -19.69 5.48 -5.50
C LEU A 45 -20.03 4.18 -4.77
N GLY A 46 -19.00 3.42 -4.38
CA GLY A 46 -19.21 2.17 -3.65
C GLY A 46 -18.37 1.05 -4.26
N ASP A 47 -17.34 1.44 -5.00
CA ASP A 47 -16.45 0.47 -5.65
C ASP A 47 -15.20 0.24 -4.79
N PRO A 48 -14.51 -0.85 -5.02
CA PRO A 48 -13.27 -1.19 -4.26
C PRO A 48 -12.19 -0.13 -4.42
N ILE A 49 -11.09 -0.29 -3.70
CA ILE A 49 -9.99 0.67 -3.77
C ILE A 49 -8.96 0.21 -4.79
N HIS A 50 -8.80 1.01 -5.84
CA HIS A 50 -7.83 0.70 -6.90
C HIS A 50 -6.53 1.44 -6.64
N ILE A 51 -5.44 0.70 -6.55
CA ILE A 51 -4.12 1.28 -6.31
C ILE A 51 -3.12 0.77 -7.34
N GLU A 52 -2.17 1.62 -7.71
CA GLU A 52 -1.14 1.24 -8.69
C GLU A 52 0.24 1.41 -8.08
N THR A 53 1.00 0.31 -8.03
CA THR A 53 2.35 0.35 -7.47
C THR A 53 3.37 0.21 -8.58
N ARG A 54 4.41 1.03 -8.53
CA ARG A 54 5.47 1.00 -9.54
C ARG A 54 5.85 -0.44 -9.87
N ARG A 55 5.50 -1.35 -8.97
CA ARG A 55 5.80 -2.76 -9.19
C ARG A 55 4.70 -3.45 -9.98
N VAL A 56 3.46 -3.28 -9.53
CA VAL A 56 2.31 -3.90 -10.20
C VAL A 56 1.01 -3.22 -9.76
N SER A 57 -0.11 -3.66 -10.34
CA SER A 57 -1.41 -3.10 -10.02
C SER A 57 -2.12 -3.99 -8.99
N LEU A 58 -2.85 -3.37 -8.07
CA LEU A 58 -3.58 -4.11 -7.04
C LEU A 58 -4.86 -3.37 -6.67
N VAL A 59 -5.91 -4.14 -6.39
CA VAL A 59 -7.20 -3.55 -6.00
C VAL A 59 -7.79 -4.31 -4.84
N LEU A 60 -8.09 -3.62 -3.74
CA LEU A 60 -8.66 -4.25 -2.55
C LEU A 60 -9.76 -3.37 -1.96
N ARG A 61 -10.38 -3.86 -0.88
CA ARG A 61 -11.45 -3.12 -0.21
C ARG A 61 -10.88 -2.17 0.83
N LYS A 62 -11.68 -1.20 1.24
CA LYS A 62 -11.24 -0.23 2.25
C LYS A 62 -10.86 -0.96 3.54
N LYS A 63 -11.55 -2.05 3.83
CA LYS A 63 -11.28 -2.83 5.04
C LYS A 63 -9.85 -3.38 5.00
N ASP A 64 -9.45 -3.88 3.84
CA ASP A 64 -8.11 -4.44 3.69
C ASP A 64 -7.05 -3.37 3.97
N LEU A 65 -7.26 -2.18 3.42
CA LEU A 65 -6.32 -1.08 3.63
C LEU A 65 -6.25 -0.71 5.11
N ALA A 66 -7.41 -0.68 5.75
CA ALA A 66 -7.46 -0.33 7.17
C ALA A 66 -6.57 -1.28 7.97
N LEU A 67 -6.76 -2.58 7.77
CA LEU A 67 -5.97 -3.57 8.49
C LEU A 67 -4.51 -3.52 8.03
N LEU A 68 -4.30 -3.43 6.73
CA LEU A 68 -2.96 -3.40 6.18
C LEU A 68 -2.14 -2.32 6.86
N GLU A 69 -0.93 -2.67 7.27
CA GLU A 69 -0.05 -1.72 7.94
C GLU A 69 0.53 -0.74 6.94
N VAL A 70 0.06 0.51 6.99
CA VAL A 70 0.54 1.55 6.08
C VAL A 70 0.83 2.84 6.84
N GLU A 71 1.63 3.71 6.24
CA GLU A 71 1.98 4.98 6.87
C GLU A 71 2.12 6.08 5.82
N ALA A 72 1.57 7.26 6.12
CA ALA A 72 1.67 8.37 5.20
C ALA A 72 3.06 8.99 5.25
N VAL A 73 3.67 9.16 4.08
CA VAL A 73 5.01 9.74 4.01
C VAL A 73 4.93 11.27 4.04
N SER A 74 5.71 11.88 4.92
CA SER A 74 5.73 13.35 5.04
C SER A 74 7.06 13.82 5.60
N SER A 75 8.15 13.21 5.15
CA SER A 75 9.49 13.58 5.61
C SER A 75 10.50 13.39 4.50
N LEU A 76 11.27 14.45 4.22
CA LEU A 76 12.28 14.42 3.18
C LEU A 76 13.65 14.09 3.78
N GLU A 77 13.80 12.86 4.24
CA GLU A 77 15.06 12.44 4.82
C GLU A 77 16.19 12.51 3.80
N HIS A 78 15.88 12.09 2.57
CA HIS A 78 16.87 12.12 1.49
C HIS A 78 18.21 11.59 2.00
N HIS A 79 19.14 12.51 2.27
CA HIS A 79 20.45 12.12 2.75
C HIS A 79 21.10 11.12 1.80
N HIS A 80 22.41 10.90 1.96
CA HIS A 80 23.14 9.98 1.10
C HIS A 80 24.33 9.40 1.85
N HIS A 81 24.63 8.13 1.59
CA HIS A 81 25.75 7.46 2.23
C HIS A 81 26.98 7.50 1.34
N HIS A 82 28.12 7.88 1.92
CA HIS A 82 29.37 7.96 1.17
C HIS A 82 30.55 7.63 2.06
N HIS A 83 31.60 7.06 1.47
CA HIS A 83 32.79 6.70 2.23
C HIS A 83 32.41 5.99 3.52
N MET A 1 -12.85 10.56 4.79
CA MET A 1 -12.38 10.29 3.40
C MET A 1 -10.86 10.49 3.34
N GLN A 2 -10.13 9.54 3.90
CA GLN A 2 -8.67 9.60 3.91
C GLN A 2 -8.09 8.95 2.64
N TYR A 3 -8.97 8.34 1.85
CA TYR A 3 -8.55 7.69 0.62
C TYR A 3 -8.51 8.70 -0.53
N THR A 4 -7.36 9.34 -0.71
CA THR A 4 -7.21 10.34 -1.76
C THR A 4 -6.67 9.68 -3.04
N PRO A 5 -6.90 10.27 -4.18
CA PRO A 5 -6.42 9.73 -5.49
C PRO A 5 -4.89 9.74 -5.59
N ASP A 6 -4.24 10.57 -4.78
CA ASP A 6 -2.77 10.65 -4.78
C ASP A 6 -2.25 10.69 -3.36
N THR A 7 -1.92 9.52 -2.82
CA THR A 7 -1.41 9.42 -1.45
C THR A 7 -0.27 8.41 -1.37
N ALA A 8 0.84 8.80 -0.74
CA ALA A 8 1.98 7.90 -0.60
C ALA A 8 1.89 7.19 0.74
N TRP A 9 1.46 5.92 0.71
CA TRP A 9 1.31 5.12 1.94
C TRP A 9 2.49 4.17 2.09
N LYS A 10 3.03 4.09 3.31
CA LYS A 10 4.15 3.20 3.60
C LYS A 10 3.63 1.84 4.03
N ILE A 11 4.17 0.78 3.44
CA ILE A 11 3.74 -0.57 3.79
C ILE A 11 4.50 -1.05 5.01
N THR A 12 3.78 -1.33 6.09
CA THR A 12 4.41 -1.81 7.33
C THR A 12 4.22 -3.32 7.47
N GLY A 13 3.23 -3.86 6.75
CA GLY A 13 2.95 -5.29 6.79
C GLY A 13 1.46 -5.57 6.86
N PHE A 14 1.10 -6.85 6.89
CA PHE A 14 -0.30 -7.26 6.96
C PHE A 14 -0.68 -7.53 8.40
N SER A 15 -1.94 -7.27 8.74
CA SER A 15 -2.43 -7.50 10.10
C SER A 15 -2.68 -8.99 10.32
N ARG A 16 -2.94 -9.35 11.58
CA ARG A 16 -3.20 -10.74 11.92
C ARG A 16 -4.53 -11.20 11.35
N GLU A 17 -5.52 -10.31 11.39
CA GLU A 17 -6.85 -10.62 10.88
C GLU A 17 -6.82 -10.75 9.36
N ILE A 18 -5.73 -10.30 8.75
CA ILE A 18 -5.60 -10.37 7.29
C ILE A 18 -6.12 -11.70 6.76
N SER A 19 -6.69 -11.67 5.56
CA SER A 19 -7.23 -12.88 4.95
C SER A 19 -6.08 -13.79 4.49
N PRO A 20 -6.32 -15.07 4.40
CA PRO A 20 -5.28 -16.05 3.98
C PRO A 20 -4.84 -15.84 2.52
N ALA A 21 -5.75 -15.34 1.70
CA ALA A 21 -5.45 -15.11 0.29
C ALA A 21 -4.39 -14.03 0.11
N TYR A 22 -4.63 -12.85 0.67
CA TYR A 22 -3.69 -11.74 0.56
C TYR A 22 -2.37 -12.10 1.21
N ARG A 23 -2.45 -12.70 2.38
CA ARG A 23 -1.26 -13.10 3.10
C ARG A 23 -0.44 -14.07 2.26
N GLN A 24 -1.11 -15.04 1.67
CA GLN A 24 -0.44 -16.01 0.83
C GLN A 24 0.26 -15.31 -0.33
N LYS A 25 -0.38 -14.27 -0.88
CA LYS A 25 0.22 -13.54 -1.97
C LYS A 25 1.55 -12.94 -1.53
N LEU A 26 1.59 -12.39 -0.31
CA LEU A 26 2.84 -11.81 0.19
C LEU A 26 3.93 -12.88 0.28
N LEU A 27 3.57 -14.05 0.79
CA LEU A 27 4.55 -15.13 0.89
C LEU A 27 5.00 -15.58 -0.50
N SER A 28 4.07 -15.62 -1.44
CA SER A 28 4.38 -16.04 -2.80
C SER A 28 5.42 -15.12 -3.44
N LEU A 29 5.27 -13.82 -3.24
CA LEU A 29 6.19 -12.84 -3.82
C LEU A 29 7.26 -12.44 -2.80
N GLY A 30 8.51 -12.46 -3.22
CA GLY A 30 9.62 -12.10 -2.36
C GLY A 30 9.58 -10.63 -2.00
N MET A 31 8.91 -9.84 -2.84
CA MET A 31 8.80 -8.41 -2.61
C MET A 31 7.90 -8.15 -1.43
N LEU A 32 8.43 -8.41 -0.24
CA LEU A 32 7.68 -8.22 1.00
C LEU A 32 7.74 -6.75 1.42
N PRO A 33 6.94 -6.37 2.40
CA PRO A 33 6.89 -4.95 2.88
C PRO A 33 8.28 -4.32 3.02
N GLY A 34 8.28 -3.04 3.39
CA GLY A 34 9.53 -2.30 3.59
C GLY A 34 9.65 -1.16 2.58
N SER A 35 8.54 -0.88 1.89
CA SER A 35 8.51 0.19 0.88
C SER A 35 7.22 0.99 0.99
N SER A 36 6.82 1.63 -0.10
CA SER A 36 5.60 2.42 -0.13
C SER A 36 4.93 2.33 -1.49
N PHE A 37 3.64 2.69 -1.54
CA PHE A 37 2.88 2.64 -2.79
C PHE A 37 1.98 3.86 -2.92
N ASN A 38 1.49 4.11 -4.14
CA ASN A 38 0.62 5.25 -4.40
C ASN A 38 -0.71 4.80 -4.99
N VAL A 39 -1.77 5.49 -4.61
CA VAL A 39 -3.11 5.16 -5.09
C VAL A 39 -3.35 5.76 -6.47
N VAL A 40 -3.72 4.92 -7.42
CA VAL A 40 -3.98 5.40 -8.78
C VAL A 40 -5.24 6.26 -8.81
N ARG A 41 -6.26 5.85 -8.05
CA ARG A 41 -7.51 6.59 -8.02
C ARG A 41 -8.45 6.02 -6.96
N VAL A 42 -9.44 6.82 -6.56
CA VAL A 42 -10.42 6.37 -5.56
C VAL A 42 -11.82 6.64 -6.07
N ALA A 43 -12.62 5.57 -6.22
CA ALA A 43 -13.98 5.70 -6.71
C ALA A 43 -14.96 5.80 -5.52
N PRO A 44 -15.59 6.94 -5.30
CA PRO A 44 -16.56 7.10 -4.16
C PRO A 44 -17.91 6.44 -4.44
N LEU A 45 -18.11 6.03 -5.70
CA LEU A 45 -19.38 5.40 -6.09
C LEU A 45 -19.63 4.14 -5.26
N GLY A 46 -18.57 3.45 -4.88
CA GLY A 46 -18.70 2.22 -4.07
C GLY A 46 -17.88 1.08 -4.67
N ASP A 47 -16.82 1.44 -5.39
CA ASP A 47 -15.95 0.44 -6.01
C ASP A 47 -14.72 0.21 -5.12
N PRO A 48 -14.05 -0.90 -5.28
CA PRO A 48 -12.84 -1.22 -4.46
C PRO A 48 -11.76 -0.16 -4.61
N ILE A 49 -10.68 -0.30 -3.83
CA ILE A 49 -9.58 0.65 -3.88
C ILE A 49 -8.50 0.17 -4.85
N HIS A 50 -8.31 0.93 -5.91
CA HIS A 50 -7.31 0.59 -6.93
C HIS A 50 -6.00 1.29 -6.64
N ILE A 51 -4.92 0.52 -6.53
CA ILE A 51 -3.60 1.08 -6.26
C ILE A 51 -2.59 0.60 -7.30
N GLU A 52 -1.61 1.45 -7.59
CA GLU A 52 -0.58 1.11 -8.57
C GLU A 52 0.81 1.38 -8.02
N THR A 53 1.69 0.38 -8.12
CA THR A 53 3.05 0.51 -7.62
C THR A 53 4.04 0.23 -8.74
N ARG A 54 5.09 1.03 -8.81
CA ARG A 54 6.11 0.86 -9.85
C ARG A 54 6.44 -0.61 -10.03
N ARG A 55 6.40 -1.36 -8.92
CA ARG A 55 6.70 -2.78 -8.96
C ARG A 55 5.59 -3.54 -9.69
N VAL A 56 4.34 -3.24 -9.34
CA VAL A 56 3.21 -3.91 -9.97
C VAL A 56 1.90 -3.27 -9.58
N SER A 57 0.83 -3.63 -10.28
CA SER A 57 -0.49 -3.09 -9.99
C SER A 57 -1.25 -4.01 -9.04
N LEU A 58 -2.19 -3.45 -8.29
CA LEU A 58 -2.99 -4.23 -7.34
C LEU A 58 -4.24 -3.46 -6.94
N VAL A 59 -5.32 -4.19 -6.65
CA VAL A 59 -6.57 -3.57 -6.24
C VAL A 59 -7.07 -4.24 -4.94
N LEU A 60 -7.42 -3.42 -3.97
CA LEU A 60 -7.90 -3.91 -2.68
C LEU A 60 -9.13 -3.15 -2.22
N ARG A 61 -9.88 -3.74 -1.29
CA ARG A 61 -11.09 -3.10 -0.78
C ARG A 61 -10.75 -2.17 0.38
N LYS A 62 -11.69 -1.30 0.73
CA LYS A 62 -11.47 -0.36 1.82
C LYS A 62 -11.16 -1.09 3.12
N LYS A 63 -11.85 -2.20 3.34
CA LYS A 63 -11.64 -2.99 4.56
C LYS A 63 -10.21 -3.51 4.61
N ASP A 64 -9.69 -3.94 3.46
CA ASP A 64 -8.33 -4.46 3.41
C ASP A 64 -7.34 -3.40 3.88
N LEU A 65 -7.50 -2.17 3.41
CA LEU A 65 -6.61 -1.09 3.80
C LEU A 65 -6.72 -0.84 5.29
N ALA A 66 -7.95 -0.87 5.82
CA ALA A 66 -8.15 -0.64 7.24
C ALA A 66 -7.34 -1.65 8.06
N LEU A 67 -7.50 -2.93 7.75
CA LEU A 67 -6.77 -3.98 8.47
C LEU A 67 -5.27 -3.94 8.13
N LEU A 68 -4.95 -3.71 6.86
CA LEU A 68 -3.55 -3.66 6.44
C LEU A 68 -2.81 -2.56 7.19
N GLU A 69 -1.60 -2.88 7.67
CA GLU A 69 -0.81 -1.89 8.42
C GLU A 69 -0.09 -0.95 7.45
N VAL A 70 -0.48 0.32 7.47
CA VAL A 70 0.13 1.34 6.60
C VAL A 70 0.45 2.60 7.39
N GLU A 71 1.35 3.42 6.84
CA GLU A 71 1.74 4.68 7.51
C GLU A 71 1.98 5.76 6.48
N ALA A 72 1.53 6.98 6.78
CA ALA A 72 1.74 8.09 5.87
C ALA A 72 3.22 8.46 5.83
N VAL A 73 3.74 8.69 4.64
CA VAL A 73 5.16 9.04 4.49
C VAL A 73 5.34 10.55 4.56
N SER A 74 6.30 10.99 5.37
CA SER A 74 6.55 12.41 5.51
C SER A 74 7.55 12.90 4.47
N SER A 75 8.84 12.75 4.79
CA SER A 75 9.89 13.17 3.86
C SER A 75 11.17 12.39 4.13
N LEU A 76 11.53 11.54 3.18
CA LEU A 76 12.73 10.73 3.30
C LEU A 76 13.97 11.64 3.34
N GLU A 77 13.98 12.67 2.50
CA GLU A 77 15.10 13.61 2.44
C GLU A 77 16.39 12.85 2.15
N HIS A 78 17.23 12.71 3.18
CA HIS A 78 18.51 12.01 3.03
C HIS A 78 19.21 12.44 1.73
N HIS A 79 20.16 13.36 1.87
CA HIS A 79 20.91 13.85 0.70
C HIS A 79 22.36 14.13 1.08
N HIS A 80 23.04 14.92 0.26
CA HIS A 80 24.44 15.27 0.51
C HIS A 80 25.25 14.00 0.80
N HIS A 81 25.79 13.40 -0.25
CA HIS A 81 26.59 12.19 -0.10
C HIS A 81 27.61 12.08 -1.23
N HIS A 82 28.64 11.27 -1.03
CA HIS A 82 29.69 11.08 -2.04
C HIS A 82 29.65 9.66 -2.57
N HIS A 83 29.85 9.52 -3.89
CA HIS A 83 29.84 8.20 -4.52
C HIS A 83 30.74 7.24 -3.76
N MET A 1 -12.09 11.07 4.78
CA MET A 1 -11.71 10.67 3.40
C MET A 1 -10.19 10.69 3.28
N GLN A 2 -9.52 9.82 4.02
CA GLN A 2 -8.07 9.75 3.98
C GLN A 2 -7.58 9.30 2.61
N TYR A 3 -8.41 8.54 1.92
CA TYR A 3 -8.06 8.04 0.61
C TYR A 3 -8.01 9.19 -0.39
N THR A 4 -6.99 9.19 -1.24
CA THR A 4 -6.84 10.27 -2.23
C THR A 4 -6.29 9.70 -3.54
N PRO A 5 -6.54 10.35 -4.65
CA PRO A 5 -6.06 9.90 -5.98
C PRO A 5 -4.53 9.92 -6.09
N ASP A 6 -3.88 10.75 -5.27
CA ASP A 6 -2.42 10.85 -5.29
C ASP A 6 -1.89 10.89 -3.87
N THR A 7 -1.52 9.72 -3.34
CA THR A 7 -0.98 9.66 -1.98
C THR A 7 0.18 8.68 -1.93
N ALA A 8 1.29 9.09 -1.33
CA ALA A 8 2.45 8.22 -1.21
C ALA A 8 2.39 7.48 0.11
N TRP A 9 1.97 6.21 0.06
CA TRP A 9 1.85 5.38 1.25
C TRP A 9 3.03 4.43 1.36
N LYS A 10 3.50 4.21 2.59
CA LYS A 10 4.62 3.32 2.83
C LYS A 10 4.10 1.93 3.19
N ILE A 11 4.81 0.89 2.72
CA ILE A 11 4.41 -0.48 3.01
C ILE A 11 5.18 -1.02 4.20
N THR A 12 4.45 -1.33 5.28
CA THR A 12 5.08 -1.86 6.49
C THR A 12 4.94 -3.37 6.55
N GLY A 13 3.75 -3.87 6.22
CA GLY A 13 3.48 -5.31 6.23
C GLY A 13 2.01 -5.60 6.48
N PHE A 14 1.67 -6.88 6.45
CA PHE A 14 0.28 -7.30 6.66
C PHE A 14 0.00 -7.46 8.16
N SER A 15 -1.27 -7.31 8.52
CA SER A 15 -1.68 -7.45 9.91
C SER A 15 -1.94 -8.91 10.25
N ARG A 16 -2.17 -9.18 11.53
CA ARG A 16 -2.44 -10.55 11.97
C ARG A 16 -3.79 -11.03 11.44
N GLU A 17 -4.78 -10.13 11.43
CA GLU A 17 -6.12 -10.48 10.96
C GLU A 17 -6.10 -10.71 9.45
N ILE A 18 -5.03 -10.25 8.80
CA ILE A 18 -4.91 -10.40 7.34
C ILE A 18 -5.40 -11.78 6.90
N SER A 19 -6.00 -11.84 5.72
CA SER A 19 -6.52 -13.10 5.20
C SER A 19 -5.39 -13.96 4.61
N PRO A 20 -5.42 -15.27 4.77
CA PRO A 20 -4.37 -16.17 4.20
C PRO A 20 -4.08 -15.87 2.72
N ALA A 21 -5.14 -15.59 1.96
CA ALA A 21 -4.97 -15.31 0.54
C ALA A 21 -3.94 -14.21 0.30
N TYR A 22 -4.17 -13.05 0.89
CA TYR A 22 -3.25 -11.93 0.74
C TYR A 22 -1.89 -12.26 1.34
N ARG A 23 -1.91 -12.86 2.52
CA ARG A 23 -0.67 -13.22 3.19
C ARG A 23 0.16 -14.14 2.29
N GLN A 24 -0.51 -15.13 1.70
CA GLN A 24 0.18 -16.06 0.80
C GLN A 24 0.73 -15.33 -0.40
N LYS A 25 0.01 -14.32 -0.87
CA LYS A 25 0.49 -13.57 -2.02
C LYS A 25 1.84 -12.95 -1.71
N LEU A 26 1.98 -12.37 -0.52
CA LEU A 26 3.25 -11.78 -0.12
C LEU A 26 4.34 -12.85 -0.05
N LEU A 27 3.99 -14.00 0.51
CA LEU A 27 4.93 -15.09 0.63
C LEU A 27 5.36 -15.60 -0.76
N SER A 28 4.41 -15.66 -1.67
CA SER A 28 4.69 -16.14 -3.03
C SER A 28 5.71 -15.25 -3.73
N LEU A 29 5.53 -13.93 -3.60
CA LEU A 29 6.44 -12.97 -4.22
C LEU A 29 7.54 -12.55 -3.24
N GLY A 30 8.76 -12.46 -3.75
CA GLY A 30 9.90 -12.09 -2.92
C GLY A 30 9.96 -10.57 -2.72
N MET A 31 9.04 -9.85 -3.34
CA MET A 31 8.99 -8.39 -3.23
C MET A 31 8.17 -8.01 -2.00
N LEU A 32 8.77 -8.18 -0.83
CA LEU A 32 8.10 -7.87 0.42
C LEU A 32 8.21 -6.37 0.71
N PRO A 33 7.48 -5.87 1.70
CA PRO A 33 7.50 -4.42 2.06
C PRO A 33 8.92 -3.86 2.11
N GLY A 34 9.00 -2.57 2.42
CA GLY A 34 10.30 -1.90 2.51
C GLY A 34 10.37 -0.75 1.51
N SER A 35 9.23 -0.41 0.92
CA SER A 35 9.16 0.67 -0.06
C SER A 35 7.83 1.43 0.08
N SER A 36 7.43 2.11 -0.99
CA SER A 36 6.18 2.88 -0.98
C SER A 36 5.46 2.74 -2.31
N PHE A 37 4.18 3.12 -2.32
CA PHE A 37 3.38 3.04 -3.54
C PHE A 37 2.42 4.22 -3.62
N ASN A 38 1.90 4.46 -4.82
CA ASN A 38 0.96 5.57 -5.04
C ASN A 38 -0.37 5.05 -5.55
N VAL A 39 -1.44 5.74 -5.19
CA VAL A 39 -2.78 5.35 -5.59
C VAL A 39 -3.09 5.90 -6.99
N VAL A 40 -3.51 5.01 -7.88
CA VAL A 40 -3.86 5.42 -9.23
C VAL A 40 -5.13 6.27 -9.23
N ARG A 41 -6.09 5.90 -8.40
CA ARG A 41 -7.34 6.63 -8.33
C ARG A 41 -8.18 6.10 -7.18
N VAL A 42 -9.16 6.90 -6.74
CA VAL A 42 -10.04 6.50 -5.65
C VAL A 42 -11.49 6.62 -6.10
N ALA A 43 -12.25 5.53 -5.97
CA ALA A 43 -13.65 5.55 -6.37
C ALA A 43 -14.57 5.89 -5.18
N PRO A 44 -15.21 7.05 -5.17
CA PRO A 44 -16.10 7.45 -4.04
C PRO A 44 -17.44 6.72 -4.08
N LEU A 45 -17.71 6.05 -5.20
CA LEU A 45 -18.97 5.33 -5.36
C LEU A 45 -19.15 4.29 -4.26
N GLY A 46 -18.03 3.75 -3.77
CA GLY A 46 -18.07 2.73 -2.71
C GLY A 46 -17.43 1.44 -3.18
N ASP A 47 -16.48 1.55 -4.13
CA ASP A 47 -15.80 0.37 -4.66
C ASP A 47 -14.45 0.19 -3.95
N PRO A 48 -13.72 -0.84 -4.28
CA PRO A 48 -12.39 -1.10 -3.63
C PRO A 48 -11.37 -0.01 -3.94
N ILE A 49 -10.16 -0.19 -3.45
CA ILE A 49 -9.09 0.80 -3.65
C ILE A 49 -8.08 0.27 -4.66
N HIS A 50 -7.95 0.97 -5.78
CA HIS A 50 -7.00 0.55 -6.82
C HIS A 50 -5.71 1.32 -6.68
N ILE A 51 -4.60 0.58 -6.58
CA ILE A 51 -3.28 1.18 -6.45
C ILE A 51 -2.37 0.69 -7.55
N GLU A 52 -1.45 1.54 -7.98
CA GLU A 52 -0.51 1.18 -9.06
C GLU A 52 0.90 1.55 -8.67
N THR A 53 1.82 0.60 -8.82
CA THR A 53 3.22 0.83 -8.47
C THR A 53 4.09 0.57 -9.69
N ARG A 54 5.05 1.46 -9.92
CA ARG A 54 5.96 1.32 -11.06
C ARG A 54 6.36 -0.14 -11.27
N ARG A 55 6.26 -0.93 -10.21
CA ARG A 55 6.60 -2.34 -10.29
C ARG A 55 5.43 -3.18 -10.77
N VAL A 56 4.27 -2.98 -10.15
CA VAL A 56 3.07 -3.73 -10.50
C VAL A 56 1.82 -3.01 -10.02
N SER A 57 0.66 -3.64 -10.19
CA SER A 57 -0.61 -3.06 -9.76
C SER A 57 -1.40 -4.06 -8.91
N LEU A 58 -2.21 -3.53 -8.00
CA LEU A 58 -3.01 -4.39 -7.12
C LEU A 58 -4.25 -3.63 -6.64
N VAL A 59 -5.33 -4.37 -6.39
CA VAL A 59 -6.58 -3.78 -5.90
C VAL A 59 -6.88 -4.32 -4.52
N LEU A 60 -7.18 -3.41 -3.60
CA LEU A 60 -7.51 -3.81 -2.23
C LEU A 60 -8.71 -3.04 -1.71
N ARG A 61 -9.59 -3.73 -0.97
CA ARG A 61 -10.78 -3.10 -0.41
C ARG A 61 -10.43 -2.31 0.83
N LYS A 62 -11.08 -1.16 1.00
CA LYS A 62 -10.84 -0.30 2.16
C LYS A 62 -10.55 -1.13 3.42
N LYS A 63 -11.20 -2.27 3.53
CA LYS A 63 -11.00 -3.16 4.67
C LYS A 63 -9.55 -3.64 4.69
N ASP A 64 -9.05 -4.05 3.53
CA ASP A 64 -7.69 -4.52 3.40
C ASP A 64 -6.70 -3.40 3.73
N LEU A 65 -7.05 -2.18 3.33
CA LEU A 65 -6.19 -1.02 3.59
C LEU A 65 -6.04 -0.83 5.10
N ALA A 66 -7.14 -0.96 5.84
CA ALA A 66 -7.09 -0.81 7.27
C ALA A 66 -6.23 -1.91 7.89
N LEU A 67 -6.43 -3.14 7.42
CA LEU A 67 -5.67 -4.26 7.92
C LEU A 67 -4.20 -4.16 7.50
N LEU A 68 -3.97 -3.69 6.28
CA LEU A 68 -2.60 -3.54 5.78
C LEU A 68 -1.91 -2.41 6.52
N GLU A 69 -0.75 -2.71 7.11
CA GLU A 69 -0.02 -1.70 7.84
C GLU A 69 0.68 -0.76 6.87
N VAL A 70 0.28 0.51 6.88
CA VAL A 70 0.88 1.51 5.98
C VAL A 70 1.25 2.77 6.76
N GLU A 71 2.16 3.56 6.20
CA GLU A 71 2.59 4.81 6.85
C GLU A 71 2.86 5.89 5.80
N ALA A 72 2.54 7.13 6.16
CA ALA A 72 2.77 8.25 5.24
C ALA A 72 4.26 8.49 5.09
N VAL A 73 4.69 8.81 3.86
CA VAL A 73 6.10 9.07 3.60
C VAL A 73 6.39 10.56 3.66
N SER A 74 7.41 10.93 4.43
CA SER A 74 7.77 12.34 4.56
C SER A 74 9.20 12.47 5.08
N SER A 75 9.65 11.47 5.83
CA SER A 75 11.01 11.47 6.37
C SER A 75 12.02 11.17 5.27
N LEU A 76 13.22 11.72 5.42
CA LEU A 76 14.28 11.51 4.44
C LEU A 76 15.17 10.34 4.87
N GLU A 77 14.58 9.15 4.91
CA GLU A 77 15.33 7.97 5.31
C GLU A 77 16.37 7.61 4.24
N HIS A 78 16.04 7.88 2.98
CA HIS A 78 16.93 7.59 1.88
C HIS A 78 18.21 8.41 1.98
N HIS A 79 19.34 7.79 1.66
CA HIS A 79 20.63 8.47 1.72
C HIS A 79 20.69 9.59 0.69
N HIS A 80 20.15 9.31 -0.50
CA HIS A 80 20.16 10.30 -1.58
C HIS A 80 19.45 11.58 -1.13
N HIS A 81 18.32 11.41 -0.46
CA HIS A 81 17.55 12.56 0.02
C HIS A 81 18.18 13.12 1.29
N HIS A 82 18.10 14.44 1.44
CA HIS A 82 18.66 15.11 2.61
C HIS A 82 17.89 16.39 2.93
N HIS A 83 18.09 16.91 4.14
CA HIS A 83 17.41 18.13 4.55
C HIS A 83 17.96 19.33 3.78
N MET A 1 -6.38 13.47 2.56
CA MET A 1 -5.41 13.05 3.61
C MET A 1 -5.24 11.54 3.56
N GLN A 2 -4.07 11.06 3.99
CA GLN A 2 -3.79 9.63 3.99
C GLN A 2 -4.00 9.03 2.60
N TYR A 3 -5.24 8.70 2.29
CA TYR A 3 -5.56 8.11 0.99
C TYR A 3 -5.67 9.21 -0.06
N THR A 4 -5.11 8.96 -1.24
CA THR A 4 -5.15 9.94 -2.33
C THR A 4 -5.26 9.23 -3.68
N PRO A 5 -5.71 9.93 -4.69
CA PRO A 5 -5.87 9.36 -6.05
C PRO A 5 -4.52 9.02 -6.70
N ASP A 6 -3.50 9.80 -6.37
CA ASP A 6 -2.16 9.56 -6.92
C ASP A 6 -1.09 9.70 -5.84
N THR A 7 -0.70 8.56 -5.26
CA THR A 7 0.33 8.56 -4.22
C THR A 7 1.26 7.37 -4.39
N ALA A 8 2.50 7.53 -4.00
CA ALA A 8 3.50 6.45 -4.11
C ALA A 8 3.67 5.80 -2.75
N TRP A 9 3.06 4.63 -2.56
CA TRP A 9 3.14 3.93 -1.29
C TRP A 9 4.20 2.83 -1.36
N LYS A 10 5.01 2.72 -0.31
CA LYS A 10 6.06 1.71 -0.26
C LYS A 10 5.57 0.48 0.48
N ILE A 11 5.74 -0.68 -0.13
CA ILE A 11 5.29 -1.93 0.47
C ILE A 11 6.32 -2.42 1.49
N THR A 12 5.88 -2.62 2.73
CA THR A 12 6.77 -3.09 3.79
C THR A 12 6.46 -4.54 4.15
N GLY A 13 5.25 -5.00 3.76
CA GLY A 13 4.83 -6.37 4.04
C GLY A 13 3.39 -6.40 4.53
N PHE A 14 2.91 -7.61 4.84
CA PHE A 14 1.54 -7.78 5.31
C PHE A 14 1.52 -7.91 6.84
N SER A 15 0.42 -7.48 7.45
CA SER A 15 0.29 -7.54 8.90
C SER A 15 -0.02 -8.97 9.34
N ARG A 16 0.00 -9.19 10.66
CA ARG A 16 -0.28 -10.52 11.19
C ARG A 16 -1.76 -10.85 11.05
N GLU A 17 -2.60 -9.86 11.31
CA GLU A 17 -4.05 -10.05 11.21
C GLU A 17 -4.45 -10.31 9.76
N ILE A 18 -3.53 -10.05 8.84
CA ILE A 18 -3.79 -10.26 7.42
C ILE A 18 -4.59 -11.54 7.20
N SER A 19 -5.41 -11.55 6.17
CA SER A 19 -6.23 -12.72 5.87
C SER A 19 -5.41 -13.78 5.11
N PRO A 20 -5.61 -15.06 5.38
CA PRO A 20 -4.86 -16.14 4.66
C PRO A 20 -4.88 -15.95 3.14
N ALA A 21 -6.02 -15.51 2.61
CA ALA A 21 -6.16 -15.32 1.17
C ALA A 21 -5.09 -14.38 0.63
N TYR A 22 -5.04 -13.17 1.16
CA TYR A 22 -4.07 -12.18 0.71
C TYR A 22 -2.65 -12.67 0.99
N ARG A 23 -2.42 -13.13 2.22
CA ARG A 23 -1.10 -13.60 2.59
C ARG A 23 -0.67 -14.73 1.68
N GLN A 24 -1.58 -15.68 1.46
CA GLN A 24 -1.28 -16.81 0.61
C GLN A 24 -0.96 -16.31 -0.80
N LYS A 25 -1.57 -15.19 -1.17
CA LYS A 25 -1.31 -14.61 -2.48
C LYS A 25 0.16 -14.23 -2.60
N LEU A 26 0.69 -13.60 -1.56
CA LEU A 26 2.11 -13.21 -1.59
C LEU A 26 3.00 -14.44 -1.69
N LEU A 27 2.67 -15.49 -0.95
CA LEU A 27 3.46 -16.71 -1.01
C LEU A 27 3.38 -17.35 -2.40
N SER A 28 2.20 -17.29 -3.00
CA SER A 28 2.00 -17.88 -4.32
C SER A 28 2.92 -17.22 -5.35
N LEU A 29 3.01 -15.89 -5.30
CA LEU A 29 3.85 -15.14 -6.23
C LEU A 29 5.20 -14.81 -5.59
N GLY A 30 6.27 -15.08 -6.32
CA GLY A 30 7.62 -14.82 -5.82
C GLY A 30 7.88 -13.32 -5.71
N MET A 31 7.11 -12.54 -6.45
CA MET A 31 7.24 -11.08 -6.43
C MET A 31 6.79 -10.54 -5.09
N LEU A 32 7.63 -10.71 -4.08
CA LEU A 32 7.31 -10.26 -2.74
C LEU A 32 7.61 -8.76 -2.59
N PRO A 33 7.18 -8.16 -1.50
CA PRO A 33 7.40 -6.69 -1.26
C PRO A 33 8.84 -6.28 -1.55
N GLY A 34 9.13 -5.01 -1.31
CA GLY A 34 10.47 -4.47 -1.53
C GLY A 34 10.43 -3.37 -2.58
N SER A 35 9.22 -2.96 -2.97
CA SER A 35 9.05 -1.90 -3.97
C SER A 35 7.92 -0.96 -3.54
N SER A 36 7.35 -0.25 -4.52
CA SER A 36 6.27 0.70 -4.24
C SER A 36 5.23 0.65 -5.36
N PHE A 37 3.99 0.99 -5.02
CA PHE A 37 2.90 0.98 -6.00
C PHE A 37 2.17 2.32 -5.97
N ASN A 38 1.49 2.62 -7.08
CA ASN A 38 0.74 3.87 -7.20
C ASN A 38 -0.76 3.60 -7.21
N VAL A 39 -1.52 4.53 -6.64
CA VAL A 39 -2.96 4.40 -6.58
C VAL A 39 -3.60 4.98 -7.84
N VAL A 40 -4.42 4.17 -8.51
CA VAL A 40 -5.09 4.61 -9.72
C VAL A 40 -6.16 5.66 -9.42
N ARG A 41 -6.90 5.45 -8.34
CA ARG A 41 -7.95 6.38 -7.95
C ARG A 41 -8.53 5.98 -6.59
N VAL A 42 -9.18 6.92 -5.93
CA VAL A 42 -9.80 6.64 -4.63
C VAL A 42 -11.23 7.18 -4.62
N ALA A 43 -12.19 6.29 -4.39
CA ALA A 43 -13.60 6.69 -4.37
C ALA A 43 -14.05 6.99 -2.93
N PRO A 44 -14.32 8.24 -2.58
CA PRO A 44 -14.76 8.60 -1.19
C PRO A 44 -16.23 8.25 -0.96
N LEU A 45 -16.95 7.92 -2.03
CA LEU A 45 -18.36 7.60 -1.93
C LEU A 45 -18.59 6.42 -1.00
N GLY A 46 -17.62 5.50 -0.95
CA GLY A 46 -17.72 4.32 -0.08
C GLY A 46 -17.32 3.06 -0.83
N ASP A 47 -16.52 3.22 -1.89
CA ASP A 47 -16.07 2.09 -2.68
C ASP A 47 -14.66 1.67 -2.23
N PRO A 48 -14.27 0.46 -2.54
CA PRO A 48 -12.92 -0.07 -2.16
C PRO A 48 -11.80 0.77 -2.75
N ILE A 49 -10.57 0.48 -2.33
CA ILE A 49 -9.40 1.21 -2.80
C ILE A 49 -8.80 0.51 -4.01
N HIS A 50 -8.87 1.18 -5.16
CA HIS A 50 -8.33 0.63 -6.39
C HIS A 50 -6.89 1.08 -6.58
N ILE A 51 -5.99 0.12 -6.68
CA ILE A 51 -4.56 0.42 -6.86
C ILE A 51 -4.01 -0.33 -8.07
N GLU A 52 -3.02 0.27 -8.73
CA GLU A 52 -2.40 -0.35 -9.90
C GLU A 52 -0.90 -0.41 -9.73
N THR A 53 -0.34 -1.61 -9.96
CA THR A 53 1.10 -1.82 -9.82
C THR A 53 1.67 -2.34 -11.14
N ARG A 54 2.83 -1.83 -11.51
CA ARG A 54 3.48 -2.24 -12.75
C ARG A 54 3.36 -3.76 -12.93
N ARG A 55 3.44 -4.49 -11.82
CA ARG A 55 3.33 -5.94 -11.87
C ARG A 55 1.92 -6.35 -12.32
N VAL A 56 0.91 -5.77 -11.69
CA VAL A 56 -0.47 -6.09 -12.04
C VAL A 56 -1.44 -5.15 -11.34
N SER A 57 -2.72 -5.26 -11.70
CA SER A 57 -3.74 -4.43 -11.08
C SER A 57 -4.34 -5.14 -9.88
N LEU A 58 -4.54 -4.40 -8.79
CA LEU A 58 -5.11 -4.98 -7.56
C LEU A 58 -6.03 -3.97 -6.88
N VAL A 59 -7.05 -4.48 -6.21
CA VAL A 59 -8.01 -3.62 -5.50
C VAL A 59 -8.18 -4.13 -4.07
N LEU A 60 -8.06 -3.24 -3.10
CA LEU A 60 -8.20 -3.60 -1.69
C LEU A 60 -9.09 -2.61 -0.96
N ARG A 61 -9.70 -3.05 0.12
CA ARG A 61 -10.58 -2.18 0.91
C ARG A 61 -9.76 -1.23 1.78
N LYS A 62 -10.43 -0.26 2.39
CA LYS A 62 -9.75 0.70 3.25
C LYS A 62 -9.08 0.00 4.42
N LYS A 63 -9.83 -0.89 5.07
CA LYS A 63 -9.31 -1.63 6.21
C LYS A 63 -8.07 -2.43 5.82
N ASP A 64 -8.07 -2.98 4.62
CA ASP A 64 -6.93 -3.76 4.15
C ASP A 64 -5.67 -2.91 4.17
N LEU A 65 -5.76 -1.70 3.65
CA LEU A 65 -4.61 -0.80 3.63
C LEU A 65 -4.17 -0.47 5.05
N ALA A 66 -5.14 -0.24 5.92
CA ALA A 66 -4.82 0.09 7.31
C ALA A 66 -3.92 -0.99 7.91
N LEU A 67 -4.36 -2.24 7.82
CA LEU A 67 -3.59 -3.36 8.35
C LEU A 67 -2.31 -3.57 7.54
N LEU A 68 -2.42 -3.47 6.22
CA LEU A 68 -1.27 -3.68 5.36
C LEU A 68 -0.15 -2.71 5.72
N GLU A 69 1.06 -3.22 5.85
CA GLU A 69 2.19 -2.38 6.20
C GLU A 69 2.66 -1.58 4.99
N VAL A 70 2.45 -0.27 5.04
CA VAL A 70 2.84 0.62 3.94
C VAL A 70 3.51 1.87 4.49
N GLU A 71 4.33 2.51 3.66
CA GLU A 71 5.03 3.73 4.06
C GLU A 71 5.09 4.73 2.91
N ALA A 72 4.84 6.00 3.22
CA ALA A 72 4.88 7.04 2.20
C ALA A 72 6.28 7.61 2.07
N VAL A 73 6.87 7.44 0.88
CA VAL A 73 8.22 7.93 0.64
C VAL A 73 8.26 9.46 0.71
N SER A 74 9.15 10.06 -0.05
CA SER A 74 9.28 11.51 -0.06
C SER A 74 9.36 12.05 1.36
N SER A 75 10.27 11.49 2.15
CA SER A 75 10.45 11.92 3.53
C SER A 75 11.87 11.66 4.00
N LEU A 76 12.25 12.31 5.09
CA LEU A 76 13.60 12.15 5.63
C LEU A 76 14.65 12.58 4.61
N GLU A 77 14.38 13.68 3.91
CA GLU A 77 15.30 14.18 2.90
C GLU A 77 16.60 14.63 3.55
N HIS A 78 16.51 15.16 4.76
CA HIS A 78 17.69 15.63 5.49
C HIS A 78 17.54 15.37 6.99
N HIS A 79 18.64 15.54 7.72
CA HIS A 79 18.63 15.31 9.16
C HIS A 79 17.62 16.24 9.83
N HIS A 80 16.81 15.68 10.72
CA HIS A 80 15.81 16.47 11.44
C HIS A 80 16.41 17.12 12.67
N HIS A 81 16.17 18.41 12.82
CA HIS A 81 16.71 19.16 13.97
C HIS A 81 15.78 20.32 14.32
N HIS A 82 15.74 20.66 15.61
CA HIS A 82 14.89 21.75 16.07
C HIS A 82 15.46 22.35 17.36
N HIS A 83 15.32 23.67 17.50
CA HIS A 83 15.82 24.36 18.69
C HIS A 83 15.08 25.67 18.89
N MET A 1 -12.51 9.14 3.68
CA MET A 1 -12.15 10.54 4.04
C MET A 1 -10.64 10.74 3.85
N GLN A 2 -9.86 9.98 4.60
CA GLN A 2 -8.41 10.08 4.51
C GLN A 2 -7.89 9.47 3.20
N TYR A 3 -8.77 8.75 2.52
CA TYR A 3 -8.41 8.11 1.26
C TYR A 3 -8.45 9.13 0.14
N THR A 4 -7.30 9.76 -0.12
CA THR A 4 -7.19 10.77 -1.17
C THR A 4 -6.65 10.15 -2.46
N PRO A 5 -6.87 10.78 -3.59
CA PRO A 5 -6.39 10.27 -4.91
C PRO A 5 -4.86 10.30 -5.03
N ASP A 6 -4.22 11.12 -4.18
CA ASP A 6 -2.76 11.23 -4.20
C ASP A 6 -2.22 11.24 -2.79
N THR A 7 -1.84 10.06 -2.30
CA THR A 7 -1.30 9.94 -0.94
C THR A 7 -0.13 8.95 -0.93
N ALA A 8 0.97 9.36 -0.31
CA ALA A 8 2.15 8.50 -0.23
C ALA A 8 2.10 7.71 1.07
N TRP A 9 1.71 6.44 0.98
CA TRP A 9 1.60 5.58 2.16
C TRP A 9 2.83 4.69 2.28
N LYS A 10 3.31 4.50 3.50
CA LYS A 10 4.48 3.67 3.74
C LYS A 10 4.05 2.30 4.25
N ILE A 11 4.49 1.25 3.57
CA ILE A 11 4.12 -0.11 3.96
C ILE A 11 5.01 -0.58 5.11
N THR A 12 4.37 -0.99 6.22
CA THR A 12 5.10 -1.47 7.39
C THR A 12 4.99 -2.98 7.50
N GLY A 13 4.02 -3.56 6.78
CA GLY A 13 3.82 -5.01 6.80
C GLY A 13 2.34 -5.36 6.73
N PHE A 14 2.05 -6.61 6.38
CA PHE A 14 0.68 -7.06 6.29
C PHE A 14 0.08 -7.21 7.70
N SER A 15 -1.24 -7.21 7.77
CA SER A 15 -1.93 -7.33 9.05
C SER A 15 -1.93 -8.77 9.52
N ARG A 16 -2.29 -9.00 10.78
CA ARG A 16 -2.33 -10.33 11.33
C ARG A 16 -3.47 -11.13 10.73
N GLU A 17 -4.63 -10.47 10.55
CA GLU A 17 -5.80 -11.13 9.99
C GLU A 17 -5.68 -11.20 8.46
N ILE A 18 -4.60 -10.62 7.94
CA ILE A 18 -4.39 -10.60 6.49
C ILE A 18 -4.78 -11.94 5.87
N SER A 19 -5.28 -11.90 4.65
CA SER A 19 -5.70 -13.11 3.97
C SER A 19 -4.48 -13.90 3.47
N PRO A 20 -4.46 -15.21 3.61
CA PRO A 20 -3.31 -16.04 3.13
C PRO A 20 -2.87 -15.67 1.70
N ALA A 21 -3.85 -15.45 0.83
CA ALA A 21 -3.54 -15.12 -0.56
C ALA A 21 -2.62 -13.90 -0.64
N TYR A 22 -3.02 -12.81 -0.01
CA TYR A 22 -2.21 -11.60 -0.03
C TYR A 22 -0.87 -11.83 0.66
N ARG A 23 -0.92 -12.42 1.84
CA ARG A 23 0.30 -12.68 2.58
C ARG A 23 1.25 -13.54 1.76
N GLN A 24 0.70 -14.55 1.10
CA GLN A 24 1.51 -15.43 0.27
C GLN A 24 2.13 -14.63 -0.88
N LYS A 25 1.40 -13.64 -1.38
CA LYS A 25 1.92 -12.82 -2.48
C LYS A 25 3.21 -12.15 -2.04
N LEU A 26 3.21 -11.57 -0.85
CA LEU A 26 4.40 -10.90 -0.35
C LEU A 26 5.52 -11.93 -0.13
N LEU A 27 5.15 -13.11 0.33
CA LEU A 27 6.12 -14.16 0.57
C LEU A 27 6.58 -14.80 -0.74
N SER A 28 5.73 -14.70 -1.76
CA SER A 28 6.05 -15.29 -3.06
C SER A 28 7.36 -14.72 -3.62
N LEU A 29 7.52 -13.41 -3.51
CA LEU A 29 8.72 -12.73 -4.01
C LEU A 29 9.47 -12.07 -2.84
N GLY A 30 10.76 -11.85 -3.04
CA GLY A 30 11.60 -11.23 -2.02
C GLY A 30 11.14 -9.81 -1.71
N MET A 31 10.50 -9.17 -2.69
CA MET A 31 10.00 -7.81 -2.53
C MET A 31 8.98 -7.76 -1.41
N LEU A 32 9.46 -7.85 -0.19
CA LEU A 32 8.57 -7.84 0.97
C LEU A 32 8.25 -6.40 1.40
N PRO A 33 7.29 -6.23 2.29
CA PRO A 33 6.90 -4.88 2.76
C PRO A 33 8.11 -4.03 3.14
N GLY A 34 7.84 -2.82 3.63
CA GLY A 34 8.90 -1.91 4.05
C GLY A 34 9.08 -0.79 3.04
N SER A 35 8.34 -0.86 1.93
CA SER A 35 8.41 0.15 0.88
C SER A 35 7.22 1.10 0.99
N SER A 36 7.05 1.93 -0.04
CA SER A 36 5.93 2.90 -0.07
C SER A 36 5.24 2.86 -1.42
N PHE A 37 3.95 3.18 -1.42
CA PHE A 37 3.16 3.18 -2.65
C PHE A 37 2.24 4.40 -2.69
N ASN A 38 1.72 4.71 -3.87
CA ASN A 38 0.83 5.85 -4.06
C ASN A 38 -0.50 5.40 -4.64
N VAL A 39 -1.57 6.08 -4.25
CA VAL A 39 -2.90 5.75 -4.73
C VAL A 39 -3.17 6.44 -6.06
N VAL A 40 -3.56 5.66 -7.06
CA VAL A 40 -3.86 6.20 -8.38
C VAL A 40 -5.14 7.04 -8.35
N ARG A 41 -6.14 6.55 -7.64
CA ARG A 41 -7.42 7.23 -7.56
C ARG A 41 -8.33 6.52 -6.57
N VAL A 42 -9.45 7.16 -6.22
CA VAL A 42 -10.41 6.56 -5.30
C VAL A 42 -11.82 6.78 -5.83
N ALA A 43 -12.52 5.69 -6.13
CA ALA A 43 -13.88 5.78 -6.66
C ALA A 43 -14.90 5.68 -5.51
N PRO A 44 -15.61 6.75 -5.19
CA PRO A 44 -16.62 6.72 -4.08
C PRO A 44 -17.90 6.00 -4.48
N LEU A 45 -18.04 5.72 -5.77
CA LEU A 45 -19.23 5.05 -6.28
C LEU A 45 -19.49 3.76 -5.51
N GLY A 46 -18.56 3.39 -4.63
CA GLY A 46 -18.70 2.17 -3.83
C GLY A 46 -17.80 1.07 -4.36
N ASP A 47 -16.74 1.46 -5.07
CA ASP A 47 -15.82 0.48 -5.63
C ASP A 47 -14.59 0.31 -4.73
N PRO A 48 -13.81 -0.73 -4.91
CA PRO A 48 -12.59 -0.97 -4.09
C PRO A 48 -11.62 0.20 -4.17
N ILE A 49 -10.41 0.01 -3.63
CA ILE A 49 -9.38 1.05 -3.64
C ILE A 49 -8.31 0.69 -4.66
N HIS A 50 -8.23 1.49 -5.72
CA HIS A 50 -7.25 1.25 -6.77
C HIS A 50 -5.95 1.96 -6.43
N ILE A 51 -4.88 1.18 -6.32
CA ILE A 51 -3.57 1.74 -6.00
C ILE A 51 -2.53 1.31 -7.04
N GLU A 52 -1.56 2.16 -7.30
CA GLU A 52 -0.51 1.84 -8.27
C GLU A 52 0.86 2.05 -7.66
N THR A 53 1.72 1.04 -7.79
CA THR A 53 3.07 1.12 -7.23
C THR A 53 4.09 1.11 -8.35
N ARG A 54 5.09 1.98 -8.23
CA ARG A 54 6.13 2.10 -9.25
C ARG A 54 6.52 0.72 -9.79
N ARG A 55 6.50 -0.27 -8.91
CA ARG A 55 6.85 -1.62 -9.29
C ARG A 55 5.76 -2.25 -10.15
N VAL A 56 4.52 -2.17 -9.67
CA VAL A 56 3.39 -2.75 -10.38
C VAL A 56 2.07 -2.13 -9.90
N SER A 57 0.96 -2.63 -10.43
CA SER A 57 -0.36 -2.14 -10.06
C SER A 57 -1.09 -3.15 -9.18
N LEU A 58 -1.91 -2.65 -8.27
CA LEU A 58 -2.67 -3.51 -7.36
C LEU A 58 -3.95 -2.81 -6.90
N VAL A 59 -4.98 -3.60 -6.61
CA VAL A 59 -6.25 -3.07 -6.14
C VAL A 59 -6.66 -3.78 -4.85
N LEU A 60 -7.04 -3.00 -3.84
CA LEU A 60 -7.44 -3.55 -2.55
C LEU A 60 -8.68 -2.83 -2.03
N ARG A 61 -9.40 -3.47 -1.11
CA ARG A 61 -10.62 -2.88 -0.55
C ARG A 61 -10.27 -1.97 0.62
N LYS A 62 -11.22 -1.15 1.04
CA LYS A 62 -11.01 -0.24 2.15
C LYS A 62 -10.59 -0.99 3.41
N LYS A 63 -11.28 -2.09 3.68
CA LYS A 63 -10.99 -2.90 4.86
C LYS A 63 -9.53 -3.36 4.84
N ASP A 64 -9.04 -3.74 3.66
CA ASP A 64 -7.66 -4.19 3.53
C ASP A 64 -6.69 -3.10 3.97
N LEU A 65 -6.94 -1.87 3.51
CA LEU A 65 -6.08 -0.75 3.88
C LEU A 65 -6.13 -0.52 5.38
N ALA A 66 -7.32 -0.63 5.96
CA ALA A 66 -7.47 -0.42 7.39
C ALA A 66 -6.69 -1.48 8.16
N LEU A 67 -6.73 -2.72 7.69
CA LEU A 67 -6.03 -3.81 8.34
C LEU A 67 -4.53 -3.75 8.07
N LEU A 68 -4.17 -3.60 6.81
CA LEU A 68 -2.76 -3.54 6.43
C LEU A 68 -2.05 -2.44 7.19
N GLU A 69 -0.88 -2.77 7.75
CA GLU A 69 -0.13 -1.79 8.51
C GLU A 69 0.53 -0.78 7.57
N VAL A 70 0.02 0.45 7.60
CA VAL A 70 0.55 1.52 6.75
C VAL A 70 0.75 2.79 7.57
N GLU A 71 1.59 3.69 7.05
CA GLU A 71 1.88 4.94 7.72
C GLU A 71 1.96 6.08 6.71
N ALA A 72 1.18 7.13 6.95
CA ALA A 72 1.19 8.28 6.05
C ALA A 72 2.54 8.98 6.13
N VAL A 73 3.18 9.13 4.97
CA VAL A 73 4.48 9.80 4.90
C VAL A 73 4.48 10.85 3.79
N SER A 74 5.41 11.79 3.88
CA SER A 74 5.51 12.87 2.89
C SER A 74 6.92 13.44 2.87
N SER A 75 7.16 14.37 1.95
CA SER A 75 8.47 15.00 1.83
C SER A 75 9.51 13.99 1.36
N LEU A 76 9.09 13.06 0.50
CA LEU A 76 9.99 12.04 -0.02
C LEU A 76 10.61 12.48 -1.34
N GLU A 77 11.23 13.65 -1.32
CA GLU A 77 11.85 14.19 -2.53
C GLU A 77 13.07 13.35 -2.90
N HIS A 78 13.79 12.86 -1.90
CA HIS A 78 14.98 12.04 -2.14
C HIS A 78 15.03 10.88 -1.16
N HIS A 79 15.56 9.75 -1.61
CA HIS A 79 15.67 8.56 -0.77
C HIS A 79 16.82 8.73 0.23
N HIS A 80 17.39 7.61 0.66
CA HIS A 80 18.50 7.64 1.62
C HIS A 80 19.47 6.49 1.34
N HIS A 81 20.74 6.73 1.62
CA HIS A 81 21.76 5.72 1.40
C HIS A 81 21.79 4.72 2.56
N HIS A 82 22.26 3.51 2.29
CA HIS A 82 22.34 2.48 3.32
C HIS A 82 23.32 2.88 4.42
N HIS A 83 24.46 3.44 4.00
CA HIS A 83 25.47 3.87 4.95
C HIS A 83 26.38 4.94 4.33
#